data_8V8M
#
_entry.id   8V8M
#
_cell.length_a   51.050
_cell.length_b   83.085
_cell.length_c   106.450
_cell.angle_alpha   79.43
_cell.angle_beta   76.25
_cell.angle_gamma   77.21
#
_symmetry.space_group_name_H-M   'P 1'
#
loop_
_entity.id
_entity.type
_entity.pdbx_description
1 polymer 'Chalcone synthase'
2 non-polymer 'COENZYME A'
3 non-polymer NARINGENIN
4 water water
#
_entity_poly.entity_id   1
_entity_poly.type   'polypeptide(L)'
_entity_poly.pdbx_seq_one_letter_code
;MAGAAAAVTVEEVRKAQRASGPATVLAIGTATPANCVHQADYPDYYFRVTKSDHLTDLKEKFKRMCDKSMIRKRYMHLTE
EFLAENPNMCAYMAPSLDARQDIVVVEVPKLGKAAAQKALKEWGQPRSRITHLVFCTTSGVDMPGADYQLTKLLGLRPSV
NRLMMYQQG(CSD)FAGGTVLRVAKDLAENNRGARVLVVCSEITAVTFRGPSESHLDSLVGQALFGDGAAAVIVGADPDE
RAERPLFQLVSAAQTLLPDSEGAIDGHLREVGLTFHLLKDVPGLISKNIERALEAAFAPLGISDWNSIFWVAHPGGPAIL
DQVEAKVSLDKARMRATRHVLAEYGNMSSACVLFILDEMRKRSAEDGCATTGEGLDWGVLFGFGPGLTVETVVLHSVPIT
AGAAAA
;
_entity_poly.pdbx_strand_id   A,B,C,D
#
# COMPACT_ATOMS: atom_id res chain seq x y z
N VAL A 8 -31.22 12.18 45.37
CA VAL A 8 -32.57 12.14 45.92
C VAL A 8 -33.59 12.53 44.85
N THR A 9 -33.12 13.21 43.80
CA THR A 9 -33.95 13.58 42.67
C THR A 9 -33.38 13.02 41.38
N VAL A 10 -34.27 12.77 40.42
CA VAL A 10 -33.86 12.22 39.13
C VAL A 10 -32.94 13.19 38.40
N GLU A 11 -33.23 14.49 38.49
CA GLU A 11 -32.37 15.48 37.87
C GLU A 11 -30.97 15.44 38.46
N GLU A 12 -30.86 15.16 39.76
CA GLU A 12 -29.55 15.02 40.38
C GLU A 12 -28.80 13.81 39.83
N VAL A 13 -29.50 12.69 39.65
CA VAL A 13 -28.85 11.50 39.08
C VAL A 13 -28.41 11.77 37.65
N ARG A 14 -29.21 12.53 36.90
CA ARG A 14 -28.89 12.80 35.50
C ARG A 14 -27.66 13.71 35.37
N LYS A 15 -27.43 14.58 36.34
CA LYS A 15 -26.23 15.42 36.30
C LYS A 15 -24.99 14.62 36.68
N ALA A 16 -25.09 13.79 37.73
CA ALA A 16 -23.95 12.95 38.11
C ALA A 16 -23.66 11.90 37.04
N GLN A 17 -24.70 11.28 36.50
CA GLN A 17 -24.57 10.47 35.29
C GLN A 17 -24.10 11.38 34.15
N ARG A 18 -23.97 10.84 32.94
CA ARG A 18 -23.69 11.62 31.74
C ARG A 18 -22.26 12.17 31.71
N ALA A 19 -21.63 12.10 30.54
CA ALA A 19 -20.29 12.60 30.34
C ALA A 19 -20.35 13.97 29.68
N SER A 20 -19.18 14.58 29.48
CA SER A 20 -19.09 15.95 28.97
C SER A 20 -18.70 16.00 27.51
N GLY A 21 -17.52 15.48 27.17
CA GLY A 21 -16.98 15.65 25.84
C GLY A 21 -17.60 14.72 24.82
N PRO A 22 -17.08 14.77 23.61
CA PRO A 22 -17.58 13.91 22.54
C PRO A 22 -16.92 12.54 22.55
N ALA A 23 -17.65 11.57 22.00
CA ALA A 23 -17.12 10.21 21.91
C ALA A 23 -15.86 10.18 21.08
N THR A 24 -14.81 9.55 21.62
CA THR A 24 -13.50 9.52 20.98
C THR A 24 -13.07 8.08 20.76
N VAL A 25 -12.52 7.81 19.58
CA VAL A 25 -11.92 6.51 19.32
C VAL A 25 -10.53 6.50 19.97
N LEU A 26 -10.30 5.54 20.86
CA LEU A 26 -9.08 5.50 21.64
C LEU A 26 -8.13 4.37 21.24
N ALA A 27 -8.59 3.41 20.46
CA ALA A 27 -7.73 2.33 19.98
C ALA A 27 -8.48 1.57 18.91
N ILE A 28 -7.72 0.96 18.00
CA ILE A 28 -8.26 0.08 16.98
C ILE A 28 -7.38 -1.16 16.89
N GLY A 29 -8.01 -2.32 16.72
CA GLY A 29 -7.27 -3.54 16.46
C GLY A 29 -8.02 -4.41 15.48
N THR A 30 -7.29 -5.21 14.71
CA THR A 30 -7.90 -6.01 13.66
C THR A 30 -7.29 -7.40 13.64
N ALA A 31 -8.10 -8.37 13.21
CA ALA A 31 -7.62 -9.73 13.05
C ALA A 31 -8.39 -10.41 11.92
N THR A 32 -7.79 -11.42 11.33
CA THR A 32 -8.40 -12.19 10.26
C THR A 32 -8.00 -13.65 10.46
N PRO A 33 -8.77 -14.59 9.88
CA PRO A 33 -8.29 -15.98 9.83
C PRO A 33 -6.90 -16.09 9.22
N ALA A 34 -6.14 -17.13 9.57
CA ALA A 34 -4.79 -17.27 9.01
C ALA A 34 -4.82 -17.76 7.57
N ASN A 35 -5.86 -18.52 7.20
CA ASN A 35 -5.99 -19.05 5.84
C ASN A 35 -6.19 -17.90 4.86
N CYS A 36 -5.18 -17.66 4.02
CA CYS A 36 -5.23 -16.61 3.02
C CYS A 36 -5.52 -17.21 1.66
N VAL A 37 -6.38 -16.54 0.90
CA VAL A 37 -6.78 -17.01 -0.42
C VAL A 37 -6.54 -15.87 -1.40
N HIS A 38 -5.63 -16.08 -2.33
CA HIS A 38 -5.26 -15.02 -3.28
C HIS A 38 -6.27 -14.97 -4.43
N GLN A 39 -6.70 -13.76 -4.79
CA GLN A 39 -7.74 -13.61 -5.80
C GLN A 39 -7.30 -14.19 -7.15
N ALA A 40 -6.01 -14.17 -7.45
CA ALA A 40 -5.53 -14.76 -8.71
C ALA A 40 -5.84 -16.25 -8.78
N ASP A 41 -5.92 -16.92 -7.63
CA ASP A 41 -6.19 -18.36 -7.60
C ASP A 41 -7.66 -18.68 -7.41
N TYR A 42 -8.48 -17.72 -6.98
CA TYR A 42 -9.84 -18.05 -6.55
C TYR A 42 -10.71 -18.62 -7.65
N PRO A 43 -10.77 -18.05 -8.87
CA PRO A 43 -11.61 -18.67 -9.90
C PRO A 43 -11.35 -20.16 -10.08
N ASP A 44 -10.08 -20.56 -10.20
CA ASP A 44 -9.77 -21.99 -10.30
C ASP A 44 -10.17 -22.70 -9.02
N TYR A 45 -9.74 -22.18 -7.87
CA TYR A 45 -10.02 -22.80 -6.58
C TYR A 45 -11.53 -22.94 -6.35
N TYR A 46 -12.26 -21.84 -6.52
CA TYR A 46 -13.69 -21.86 -6.23
C TYR A 46 -14.42 -22.86 -7.13
N PHE A 47 -14.20 -22.78 -8.44
CA PHE A 47 -14.88 -23.69 -9.34
C PHE A 47 -14.43 -25.14 -9.17
N ARG A 48 -13.26 -25.35 -8.55
CA ARG A 48 -12.80 -26.72 -8.30
C ARG A 48 -13.54 -27.35 -7.12
N VAL A 49 -13.50 -26.68 -5.96
CA VAL A 49 -14.09 -27.26 -4.76
C VAL A 49 -15.61 -27.31 -4.84
N THR A 50 -16.22 -26.53 -5.71
CA THR A 50 -17.66 -26.62 -5.92
C THR A 50 -18.03 -27.54 -7.07
N LYS A 51 -17.06 -28.30 -7.60
CA LYS A 51 -17.30 -29.28 -8.66
C LYS A 51 -18.06 -28.67 -9.84
N SER A 52 -17.64 -27.48 -10.24
CA SER A 52 -18.33 -26.72 -11.27
C SER A 52 -17.45 -26.47 -12.51
N ASP A 53 -16.36 -27.23 -12.66
CA ASP A 53 -15.43 -27.01 -13.77
C ASP A 53 -16.12 -27.17 -15.13
N HIS A 54 -17.20 -27.96 -15.20
CA HIS A 54 -17.90 -28.14 -16.46
C HIS A 54 -18.66 -26.89 -16.89
N LEU A 55 -18.85 -25.92 -16.00
CA LEU A 55 -19.57 -24.69 -16.35
C LEU A 55 -18.58 -23.64 -16.86
N THR A 56 -17.92 -23.98 -17.97
CA THR A 56 -16.79 -23.18 -18.42
C THR A 56 -17.21 -21.78 -18.82
N ASP A 57 -18.43 -21.61 -19.34
CA ASP A 57 -18.93 -20.28 -19.66
C ASP A 57 -19.09 -19.46 -18.38
N LEU A 58 -19.69 -20.05 -17.35
CA LEU A 58 -19.83 -19.38 -16.07
C LEU A 58 -18.48 -19.07 -15.45
N LYS A 59 -17.51 -19.97 -15.63
CA LYS A 59 -16.19 -19.76 -15.06
C LYS A 59 -15.48 -18.58 -15.70
N GLU A 60 -15.72 -18.34 -17.00
CA GLU A 60 -15.17 -17.14 -17.64
C GLU A 60 -15.75 -15.88 -17.03
N LYS A 61 -17.05 -15.89 -16.72
CA LYS A 61 -17.67 -14.75 -16.04
C LYS A 61 -17.01 -14.51 -14.69
N PHE A 62 -16.78 -15.58 -13.93
CA PHE A 62 -16.18 -15.44 -12.60
C PHE A 62 -14.74 -14.94 -12.69
N LYS A 63 -14.01 -15.34 -13.73
CA LYS A 63 -12.66 -14.81 -13.93
C LYS A 63 -12.69 -13.30 -14.15
N ARG A 64 -13.70 -12.82 -14.87
CA ARG A 64 -13.85 -11.38 -15.04
C ARG A 64 -14.13 -10.69 -13.70
N MET A 65 -15.13 -11.20 -12.95
CA MET A 65 -15.47 -10.56 -11.69
C MET A 65 -14.29 -10.53 -10.73
N CYS A 66 -13.54 -11.63 -10.66
CA CYS A 66 -12.40 -11.67 -9.76
C CYS A 66 -11.25 -10.81 -10.26
N ASP A 67 -11.11 -10.67 -11.58
CA ASP A 67 -10.06 -9.82 -12.12
C ASP A 67 -10.38 -8.35 -11.91
N LYS A 68 -11.66 -7.99 -12.02
CA LYS A 68 -12.09 -6.61 -11.88
C LYS A 68 -12.43 -6.23 -10.45
N SER A 69 -12.35 -7.16 -9.49
CA SER A 69 -12.81 -6.91 -8.13
C SER A 69 -11.95 -5.90 -7.39
N MET A 70 -10.73 -5.63 -7.86
CA MET A 70 -9.75 -4.82 -7.14
C MET A 70 -9.41 -5.42 -5.78
N ILE A 71 -9.51 -6.75 -5.69
CA ILE A 71 -9.16 -7.51 -4.50
C ILE A 71 -7.94 -8.35 -4.83
N ARG A 72 -6.89 -8.20 -4.03
CA ARG A 72 -5.68 -8.98 -4.23
C ARG A 72 -5.66 -10.26 -3.41
N LYS A 73 -6.24 -10.26 -2.22
CA LYS A 73 -6.33 -11.47 -1.40
C LYS A 73 -7.44 -11.30 -0.37
N ARG A 74 -7.92 -12.44 0.12
CA ARG A 74 -8.91 -12.47 1.18
C ARG A 74 -8.48 -13.53 2.19
N TYR A 75 -9.00 -13.42 3.40
CA TYR A 75 -8.80 -14.44 4.42
C TYR A 75 -10.13 -15.14 4.65
N MET A 76 -10.10 -16.47 4.68
CA MET A 76 -11.31 -17.28 4.83
C MET A 76 -11.03 -18.42 5.79
N HIS A 77 -11.89 -18.55 6.81
CA HIS A 77 -11.80 -19.68 7.73
C HIS A 77 -12.01 -21.02 7.03
N LEU A 78 -12.92 -21.04 6.05
CA LEU A 78 -13.18 -22.26 5.29
C LEU A 78 -11.92 -22.72 4.57
N THR A 79 -11.65 -24.02 4.65
CA THR A 79 -10.52 -24.65 4.00
C THR A 79 -11.02 -25.67 2.97
N GLU A 80 -10.13 -25.99 2.02
CA GLU A 80 -10.43 -27.06 1.07
C GLU A 80 -10.70 -28.37 1.77
N GLU A 81 -9.90 -28.68 2.80
CA GLU A 81 -10.06 -29.93 3.54
C GLU A 81 -11.43 -30.00 4.20
N PHE A 82 -11.91 -28.88 4.74
CA PHE A 82 -13.23 -28.84 5.36
C PHE A 82 -14.33 -28.95 4.31
N LEU A 83 -14.24 -28.12 3.25
CA LEU A 83 -15.26 -28.11 2.21
C LEU A 83 -15.42 -29.48 1.57
N ALA A 84 -14.31 -30.18 1.35
CA ALA A 84 -14.38 -31.51 0.75
C ALA A 84 -15.19 -32.47 1.62
N GLU A 85 -15.27 -32.19 2.93
CA GLU A 85 -16.07 -32.98 3.85
C GLU A 85 -17.47 -32.41 4.03
N ASN A 86 -17.87 -31.41 3.25
CA ASN A 86 -19.14 -30.72 3.43
C ASN A 86 -19.74 -30.34 2.08
N PRO A 87 -20.05 -31.32 1.24
CA PRO A 87 -20.56 -31.00 -0.11
C PRO A 87 -21.86 -30.22 -0.10
N ASN A 88 -22.63 -30.29 0.99
CA ASN A 88 -23.86 -29.50 1.05
C ASN A 88 -23.57 -28.01 1.06
N MET A 89 -22.42 -27.61 1.61
CA MET A 89 -22.06 -26.20 1.60
C MET A 89 -21.45 -25.75 0.28
N CYS A 90 -20.93 -26.69 -0.52
CA CYS A 90 -20.38 -26.40 -1.85
C CYS A 90 -21.43 -26.38 -2.94
N ALA A 91 -22.59 -27.00 -2.72
CA ALA A 91 -23.66 -26.89 -3.70
C ALA A 91 -24.20 -25.47 -3.72
N TYR A 92 -24.84 -25.10 -4.83
CA TYR A 92 -25.50 -23.79 -4.88
C TYR A 92 -26.51 -23.66 -3.75
N MET A 93 -27.30 -24.69 -3.49
CA MET A 93 -28.40 -24.58 -2.55
C MET A 93 -28.72 -26.00 -2.06
N ALA A 94 -28.17 -26.35 -0.91
CA ALA A 94 -28.41 -27.63 -0.27
C ALA A 94 -28.62 -27.39 1.22
N PRO A 95 -29.34 -28.29 1.91
CA PRO A 95 -29.48 -28.15 3.37
C PRO A 95 -28.13 -28.02 4.05
N SER A 96 -27.89 -26.92 4.76
CA SER A 96 -26.56 -26.70 5.30
C SER A 96 -26.48 -25.66 6.40
N LEU A 97 -27.61 -25.08 6.81
CA LEU A 97 -27.58 -24.03 7.82
C LEU A 97 -27.00 -24.52 9.14
N ASP A 98 -27.38 -25.74 9.56
CA ASP A 98 -26.84 -26.30 10.79
C ASP A 98 -25.32 -26.37 10.73
N ALA A 99 -24.78 -26.92 9.63
CA ALA A 99 -23.33 -27.02 9.51
C ALA A 99 -22.66 -25.65 9.55
N ARG A 100 -23.29 -24.65 8.91
CA ARG A 100 -22.70 -23.31 8.88
C ARG A 100 -22.78 -22.65 10.25
N GLN A 101 -23.92 -22.81 10.93
CA GLN A 101 -24.09 -22.27 12.28
C GLN A 101 -23.03 -22.82 13.23
N ASP A 102 -22.77 -24.13 13.16
CA ASP A 102 -21.75 -24.74 14.02
C ASP A 102 -20.39 -24.09 13.86
N ILE A 103 -20.08 -23.57 12.66
CA ILE A 103 -18.81 -22.86 12.47
C ILE A 103 -18.89 -21.46 13.09
N VAL A 104 -19.84 -20.65 12.61
CA VAL A 104 -19.85 -19.23 12.94
C VAL A 104 -20.20 -18.99 14.41
N VAL A 105 -21.01 -19.85 15.02
CA VAL A 105 -21.37 -19.62 16.42
C VAL A 105 -20.14 -19.68 17.31
N VAL A 106 -19.16 -20.49 16.93
CA VAL A 106 -17.89 -20.59 17.67
C VAL A 106 -16.84 -19.64 17.12
N GLU A 107 -16.73 -19.49 15.80
CA GLU A 107 -15.59 -18.79 15.22
C GLU A 107 -15.76 -17.27 15.20
N VAL A 108 -16.99 -16.77 15.15
CA VAL A 108 -17.18 -15.32 15.10
C VAL A 108 -16.72 -14.71 16.41
N PRO A 109 -17.17 -15.18 17.59
CA PRO A 109 -16.60 -14.63 18.83
C PRO A 109 -15.11 -14.89 18.98
N LYS A 110 -14.62 -16.00 18.42
CA LYS A 110 -13.20 -16.32 18.49
C LYS A 110 -12.37 -15.32 17.68
N LEU A 111 -12.84 -14.99 16.47
CA LEU A 111 -12.13 -14.01 15.66
C LEU A 111 -12.20 -12.62 16.29
N GLY A 112 -13.37 -12.24 16.80
CA GLY A 112 -13.50 -10.95 17.45
C GLY A 112 -12.64 -10.82 18.69
N LYS A 113 -12.40 -11.93 19.40
CA LYS A 113 -11.50 -11.91 20.53
C LYS A 113 -10.08 -11.55 20.10
N ALA A 114 -9.65 -12.09 18.95
CA ALA A 114 -8.32 -11.76 18.43
C ALA A 114 -8.19 -10.26 18.13
N ALA A 115 -9.23 -9.65 17.56
CA ALA A 115 -9.19 -8.23 17.30
C ALA A 115 -9.27 -7.42 18.59
N ALA A 116 -10.17 -7.80 19.50
CA ALA A 116 -10.37 -7.01 20.71
C ALA A 116 -9.12 -6.99 21.57
N GLN A 117 -8.38 -8.10 21.62
CA GLN A 117 -7.15 -8.13 22.39
C GLN A 117 -6.16 -7.09 21.90
N LYS A 118 -6.06 -6.92 20.58
CA LYS A 118 -5.13 -5.94 20.03
C LYS A 118 -5.55 -4.52 20.34
N ALA A 119 -6.85 -4.22 20.23
CA ALA A 119 -7.36 -2.92 20.63
C ALA A 119 -7.12 -2.66 22.11
N LEU A 120 -7.44 -3.64 22.96
CA LEU A 120 -7.22 -3.49 24.39
C LEU A 120 -5.75 -3.26 24.70
N LYS A 121 -4.87 -4.06 24.07
CA LYS A 121 -3.43 -3.91 24.28
C LYS A 121 -2.98 -2.49 23.99
N GLU A 122 -3.34 -1.97 22.82
CA GLU A 122 -2.94 -0.60 22.49
C GLU A 122 -3.61 0.41 23.42
N TRP A 123 -4.82 0.11 23.89
CA TRP A 123 -5.49 1.01 24.83
C TRP A 123 -4.68 1.19 26.10
N GLY A 124 -4.04 0.11 26.57
CA GLY A 124 -3.18 0.17 27.73
C GLY A 124 -3.89 0.09 29.07
N GLN A 125 -5.22 0.10 29.09
CA GLN A 125 -5.99 0.09 30.33
C GLN A 125 -6.47 -1.32 30.63
N PRO A 126 -6.81 -1.62 31.90
CA PRO A 126 -7.26 -2.98 32.23
C PRO A 126 -8.62 -3.26 31.62
N ARG A 127 -8.79 -4.52 31.17
CA ARG A 127 -10.07 -4.96 30.60
C ARG A 127 -11.22 -4.63 31.53
N SER A 128 -11.01 -4.74 32.85
CA SER A 128 -12.10 -4.53 33.79
C SER A 128 -12.67 -3.13 33.70
N ARG A 129 -11.94 -2.19 33.09
CA ARG A 129 -12.46 -0.84 32.92
C ARG A 129 -13.51 -0.75 31.81
N ILE A 130 -13.53 -1.70 30.88
CA ILE A 130 -14.55 -1.70 29.84
C ILE A 130 -15.92 -1.86 30.46
N THR A 131 -16.82 -0.92 30.15
CA THR A 131 -18.16 -0.87 30.73
C THR A 131 -19.26 -1.33 29.79
N HIS A 132 -19.09 -1.12 28.49
CA HIS A 132 -20.06 -1.54 27.49
C HIS A 132 -19.36 -2.37 26.43
N LEU A 133 -20.12 -3.27 25.81
CA LEU A 133 -19.65 -4.05 24.69
C LEU A 133 -20.72 -4.03 23.61
N VAL A 134 -20.34 -3.57 22.42
CA VAL A 134 -21.20 -3.56 21.24
C VAL A 134 -20.62 -4.58 20.26
N PHE A 135 -21.30 -5.72 20.11
CA PHE A 135 -20.84 -6.79 19.23
C PHE A 135 -21.76 -6.84 18.01
N CYS A 136 -21.16 -6.81 16.82
CA CYS A 136 -21.94 -6.79 15.59
C CYS A 136 -21.45 -7.88 14.66
N THR A 137 -22.37 -8.70 14.16
CA THR A 137 -22.03 -9.67 13.12
C THR A 137 -23.15 -9.77 12.09
N THR A 138 -22.83 -10.41 10.97
CA THR A 138 -23.82 -10.75 9.96
C THR A 138 -23.80 -12.25 9.68
N SER A 139 -22.95 -13.00 10.40
CA SER A 139 -22.80 -14.44 10.20
C SER A 139 -23.15 -15.19 11.48
N GLY A 140 -24.32 -15.81 11.48
CA GLY A 140 -24.69 -16.62 12.63
C GLY A 140 -25.51 -15.85 13.63
N VAL A 141 -26.36 -16.59 14.36
CA VAL A 141 -27.09 -16.08 15.51
C VAL A 141 -27.16 -17.20 16.54
N ASP A 142 -27.27 -16.81 17.80
CA ASP A 142 -27.30 -17.79 18.90
C ASP A 142 -27.75 -17.11 20.19
N MET A 143 -28.33 -17.91 21.09
CA MET A 143 -28.72 -17.43 22.41
C MET A 143 -28.09 -18.30 23.49
N PRO A 144 -27.31 -17.74 24.42
CA PRO A 144 -26.84 -16.33 24.45
C PRO A 144 -26.01 -16.03 23.21
N GLY A 145 -25.78 -14.76 22.90
CA GLY A 145 -25.16 -14.39 21.65
C GLY A 145 -23.64 -14.31 21.71
N ALA A 146 -23.07 -13.87 20.59
CA ALA A 146 -21.63 -13.70 20.47
C ALA A 146 -21.10 -12.68 21.47
N ASP A 147 -21.94 -11.73 21.89
CA ASP A 147 -21.54 -10.76 22.90
C ASP A 147 -21.25 -11.46 24.23
N TYR A 148 -22.09 -12.43 24.59
CA TYR A 148 -21.86 -13.22 25.79
C TYR A 148 -20.58 -14.02 25.68
N GLN A 149 -20.38 -14.71 24.56
CA GLN A 149 -19.18 -15.53 24.39
C GLN A 149 -17.92 -14.67 24.50
N LEU A 150 -17.90 -13.54 23.79
CA LEU A 150 -16.73 -12.65 23.87
C LEU A 150 -16.48 -12.19 25.29
N THR A 151 -17.55 -11.87 26.04
CA THR A 151 -17.38 -11.43 27.42
C THR A 151 -16.67 -12.50 28.24
N LYS A 152 -17.05 -13.77 28.04
CA LYS A 152 -16.38 -14.85 28.75
C LYS A 152 -14.95 -15.03 28.27
N LEU A 153 -14.73 -14.99 26.95
CA LEU A 153 -13.39 -15.18 26.39
C LEU A 153 -12.41 -14.12 26.89
N LEU A 154 -12.84 -12.85 26.91
CA LEU A 154 -11.95 -11.76 27.32
C LEU A 154 -11.88 -11.62 28.84
N GLY A 155 -12.85 -12.14 29.57
CA GLY A 155 -12.87 -11.92 31.00
C GLY A 155 -13.32 -10.53 31.39
N LEU A 156 -14.18 -9.90 30.59
CA LEU A 156 -14.77 -8.63 30.97
C LEU A 156 -15.63 -8.81 32.22
N ARG A 157 -15.90 -7.71 32.91
CA ARG A 157 -16.72 -7.79 34.10
C ARG A 157 -18.09 -8.37 33.77
N PRO A 158 -18.68 -9.11 34.69
CA PRO A 158 -20.02 -9.67 34.44
C PRO A 158 -21.09 -8.61 34.22
N SER A 159 -20.92 -7.43 34.80
CA SER A 159 -21.88 -6.34 34.66
C SER A 159 -21.59 -5.44 33.47
N VAL A 160 -20.83 -5.93 32.49
CA VAL A 160 -20.67 -5.14 31.27
C VAL A 160 -22.02 -5.01 30.57
N ASN A 161 -22.31 -3.81 30.06
CA ASN A 161 -23.54 -3.55 29.33
C ASN A 161 -23.36 -3.97 27.88
N ARG A 162 -24.00 -5.07 27.49
CA ARG A 162 -23.80 -5.62 26.16
C ARG A 162 -24.96 -5.29 25.23
N LEU A 163 -24.62 -4.91 24.00
CA LEU A 163 -25.58 -4.76 22.91
C LEU A 163 -25.18 -5.70 21.79
N MET A 164 -26.04 -6.67 21.49
CA MET A 164 -25.80 -7.71 20.49
C MET A 164 -26.49 -7.32 19.19
N MET A 165 -25.70 -6.90 18.19
CA MET A 165 -26.24 -6.52 16.88
C MET A 165 -26.07 -7.69 15.93
N TYR A 166 -27.17 -8.38 15.64
CA TYR A 166 -27.16 -9.58 14.81
C TYR A 166 -27.79 -9.28 13.46
N GLN A 167 -27.33 -10.02 12.45
CA GLN A 167 -27.92 -10.06 11.09
C GLN A 167 -28.15 -8.66 10.54
N GLN A 168 -27.10 -7.85 10.60
CA GLN A 168 -27.21 -6.43 10.26
C GLN A 168 -26.91 -6.12 8.81
N GLY A 169 -25.85 -6.68 8.25
CA GLY A 169 -25.43 -6.31 6.91
C GLY A 169 -24.24 -5.38 6.91
N PHE A 171 -23.81 -2.11 6.44
CA PHE A 171 -23.86 -0.72 6.90
C PHE A 171 -23.55 -0.60 8.38
N ALA A 172 -23.41 -1.75 9.06
CA ALA A 172 -23.39 -1.77 10.51
C ALA A 172 -22.05 -1.35 11.09
N GLY A 173 -21.00 -1.28 10.29
CA GLY A 173 -19.78 -0.63 10.74
C GLY A 173 -20.04 0.79 11.19
N GLY A 174 -20.86 1.53 10.43
CA GLY A 174 -21.29 2.83 10.88
C GLY A 174 -22.32 2.78 11.99
N THR A 175 -23.17 1.75 12.00
CA THR A 175 -24.16 1.60 13.06
C THR A 175 -23.49 1.52 14.43
N VAL A 176 -22.45 0.69 14.55
CA VAL A 176 -21.87 0.46 15.87
C VAL A 176 -21.23 1.71 16.42
N LEU A 177 -20.69 2.57 15.55
CA LEU A 177 -20.12 3.82 16.02
C LEU A 177 -21.23 4.79 16.45
N ARG A 178 -22.35 4.78 15.74
CA ARG A 178 -23.48 5.60 16.16
C ARG A 178 -23.99 5.12 17.51
N VAL A 179 -23.99 3.80 17.73
CA VAL A 179 -24.41 3.26 19.01
C VAL A 179 -23.39 3.63 20.10
N ALA A 180 -22.12 3.32 19.86
CA ALA A 180 -21.09 3.60 20.87
C ALA A 180 -21.01 5.09 21.20
N LYS A 181 -21.31 5.96 20.23
CA LYS A 181 -21.32 7.40 20.47
C LYS A 181 -22.30 7.76 21.58
N ASP A 182 -23.54 7.27 21.49
CA ASP A 182 -24.54 7.62 22.50
C ASP A 182 -24.25 6.95 23.84
N LEU A 183 -23.68 5.75 23.84
CA LEU A 183 -23.33 5.09 25.09
C LEU A 183 -22.23 5.85 25.81
N ALA A 184 -21.13 6.13 25.11
CA ALA A 184 -20.00 6.81 25.73
C ALA A 184 -20.39 8.22 26.16
N GLU A 185 -21.17 8.92 25.34
CA GLU A 185 -21.45 10.32 25.61
C GLU A 185 -22.45 10.51 26.74
N ASN A 186 -23.34 9.54 26.95
CA ASN A 186 -24.40 9.68 27.96
C ASN A 186 -24.04 9.08 29.31
N ASN A 187 -22.84 8.55 29.47
CA ASN A 187 -22.49 7.85 30.71
C ASN A 187 -21.07 8.24 31.12
N ARG A 188 -20.96 9.09 32.12
CA ARG A 188 -19.66 9.48 32.66
C ARG A 188 -18.82 8.26 33.00
N GLY A 189 -17.60 8.23 32.46
CA GLY A 189 -16.68 7.15 32.69
C GLY A 189 -16.83 5.97 31.75
N ALA A 190 -17.89 5.94 30.95
CA ALA A 190 -18.14 4.77 30.12
C ALA A 190 -17.01 4.56 29.12
N ARG A 191 -16.63 3.29 28.95
CA ARG A 191 -15.61 2.90 27.98
C ARG A 191 -16.16 1.72 27.18
N VAL A 192 -16.45 1.96 25.91
CA VAL A 192 -17.20 1.01 25.08
C VAL A 192 -16.22 0.23 24.24
N LEU A 193 -16.27 -1.10 24.35
CA LEU A 193 -15.57 -1.97 23.42
C LEU A 193 -16.51 -2.33 22.28
N VAL A 194 -16.06 -2.07 21.05
CA VAL A 194 -16.87 -2.28 19.85
C VAL A 194 -16.19 -3.33 18.99
N VAL A 195 -16.94 -4.39 18.65
CA VAL A 195 -16.37 -5.50 17.87
C VAL A 195 -17.32 -5.81 16.72
N CYS A 196 -16.80 -5.73 15.49
CA CYS A 196 -17.43 -6.32 14.31
C CYS A 196 -16.63 -7.54 13.89
N SER A 197 -17.33 -8.64 13.63
CA SER A 197 -16.66 -9.91 13.31
C SER A 197 -17.48 -10.66 12.28
N GLU A 198 -16.89 -10.90 11.10
CA GLU A 198 -17.59 -11.44 9.94
C GLU A 198 -16.87 -12.68 9.43
N ILE A 199 -17.64 -13.73 9.15
CA ILE A 199 -17.08 -15.00 8.69
C ILE A 199 -18.00 -15.57 7.61
N THR A 200 -17.46 -15.72 6.40
CA THR A 200 -18.24 -16.02 5.21
C THR A 200 -18.71 -17.47 5.11
N ALA A 201 -18.44 -18.30 6.11
CA ALA A 201 -18.95 -19.68 6.10
C ALA A 201 -20.47 -19.72 5.96
N VAL A 202 -21.17 -18.66 6.34
CA VAL A 202 -22.63 -18.66 6.25
C VAL A 202 -23.11 -18.37 4.82
N THR A 203 -22.29 -17.69 3.99
CA THR A 203 -22.70 -17.27 2.66
C THR A 203 -22.05 -18.05 1.52
N PHE A 204 -20.93 -18.71 1.78
CA PHE A 204 -20.28 -19.52 0.75
C PHE A 204 -21.23 -20.56 0.20
N ARG A 205 -21.32 -20.61 -1.13
CA ARG A 205 -22.12 -21.61 -1.82
C ARG A 205 -21.68 -21.67 -3.28
N GLY A 206 -22.13 -22.73 -3.96
CA GLY A 206 -21.73 -22.97 -5.32
C GLY A 206 -22.38 -22.00 -6.30
N PRO A 207 -22.07 -22.17 -7.57
CA PRO A 207 -22.51 -21.21 -8.60
C PRO A 207 -23.82 -21.57 -9.30
N SER A 208 -24.63 -20.55 -9.59
CA SER A 208 -25.89 -20.73 -10.32
C SER A 208 -25.95 -19.69 -11.44
N GLU A 209 -26.03 -20.17 -12.69
CA GLU A 209 -26.13 -19.26 -13.82
C GLU A 209 -27.34 -18.35 -13.75
N SER A 210 -28.38 -18.74 -13.03
CA SER A 210 -29.59 -17.94 -12.91
C SER A 210 -29.51 -16.93 -11.77
N HIS A 211 -28.43 -16.94 -10.98
CA HIS A 211 -28.26 -16.01 -9.88
C HIS A 211 -26.81 -15.50 -9.91
N LEU A 212 -26.54 -14.64 -10.90
CA LEU A 212 -25.20 -14.09 -11.06
C LEU A 212 -24.86 -13.11 -9.94
N ASP A 213 -25.87 -12.43 -9.37
CA ASP A 213 -25.60 -11.53 -8.26
C ASP A 213 -25.05 -12.29 -7.05
N SER A 214 -25.49 -13.54 -6.84
CA SER A 214 -24.87 -14.37 -5.83
C SER A 214 -23.43 -14.71 -6.19
N LEU A 215 -23.16 -14.92 -7.48
CA LEU A 215 -21.79 -15.21 -7.89
C LEU A 215 -20.86 -14.05 -7.55
N VAL A 216 -21.37 -12.82 -7.68
CA VAL A 216 -20.59 -11.64 -7.32
C VAL A 216 -20.20 -11.69 -5.86
N GLY A 217 -21.11 -12.16 -5.00
CA GLY A 217 -20.78 -12.27 -3.58
C GLY A 217 -19.56 -13.14 -3.34
N GLN A 218 -19.45 -14.25 -4.07
CA GLN A 218 -18.34 -15.17 -3.89
C GLN A 218 -17.00 -14.55 -4.25
N ALA A 219 -16.99 -13.59 -5.19
CA ALA A 219 -15.74 -12.94 -5.57
C ALA A 219 -15.34 -11.81 -4.65
N LEU A 220 -16.25 -11.33 -3.81
CA LEU A 220 -16.07 -10.11 -3.02
C LEU A 220 -15.93 -10.33 -1.51
N PHE A 221 -16.71 -11.23 -0.92
CA PHE A 221 -16.81 -11.28 0.53
C PHE A 221 -15.67 -12.08 1.16
N GLY A 222 -15.12 -11.53 2.25
CA GLY A 222 -14.07 -12.21 2.99
C GLY A 222 -14.28 -12.11 4.48
N ASP A 223 -13.42 -12.80 5.22
CA ASP A 223 -13.52 -12.87 6.68
C ASP A 223 -12.66 -11.80 7.34
N GLY A 224 -13.09 -11.39 8.54
CA GLY A 224 -12.31 -10.43 9.30
C GLY A 224 -13.05 -9.83 10.47
N ALA A 225 -12.31 -9.34 11.46
CA ALA A 225 -12.88 -8.70 12.63
C ALA A 225 -12.07 -7.47 12.99
N ALA A 226 -12.75 -6.43 13.47
CA ALA A 226 -12.09 -5.22 13.92
C ALA A 226 -12.72 -4.75 15.22
N ALA A 227 -11.89 -4.16 16.10
CA ALA A 227 -12.34 -3.71 17.40
C ALA A 227 -11.90 -2.28 17.67
N VAL A 228 -12.80 -1.46 18.21
CA VAL A 228 -12.45 -0.12 18.66
C VAL A 228 -12.94 0.06 20.09
N ILE A 229 -12.19 0.85 20.86
CA ILE A 229 -12.60 1.29 22.19
C ILE A 229 -12.96 2.76 22.08
N VAL A 230 -14.19 3.09 22.48
CA VAL A 230 -14.73 4.44 22.36
C VAL A 230 -15.09 4.94 23.74
N GLY A 231 -14.71 6.18 24.03
CA GLY A 231 -15.06 6.81 25.29
C GLY A 231 -14.97 8.31 25.16
N ALA A 232 -15.75 8.99 26.00
CA ALA A 232 -15.68 10.44 26.11
C ALA A 232 -14.77 10.84 27.26
N ASP A 233 -14.38 12.11 27.27
CA ASP A 233 -13.52 12.69 28.30
C ASP A 233 -12.24 11.87 28.49
N PRO A 234 -11.38 11.80 27.48
CA PRO A 234 -10.19 10.95 27.59
C PRO A 234 -9.27 11.45 28.69
N ASP A 235 -8.64 10.50 29.39
CA ASP A 235 -7.55 10.84 30.29
C ASP A 235 -6.32 11.15 29.46
N GLU A 236 -5.94 12.43 29.40
CA GLU A 236 -4.83 12.83 28.55
C GLU A 236 -3.52 12.22 29.00
N ARG A 237 -3.41 11.88 30.28
CA ARG A 237 -2.17 11.30 30.79
C ARG A 237 -1.99 9.85 30.36
N ALA A 238 -3.10 9.12 30.18
CA ALA A 238 -3.02 7.68 29.96
C ALA A 238 -3.69 7.20 28.67
N GLU A 239 -4.52 8.02 28.03
CA GLU A 239 -5.22 7.60 26.83
C GLU A 239 -4.82 8.50 25.67
N ARG A 240 -4.71 7.91 24.48
CA ARG A 240 -4.28 8.62 23.27
C ARG A 240 -5.42 8.63 22.26
N PRO A 241 -6.15 9.74 22.14
CA PRO A 241 -7.24 9.80 21.15
C PRO A 241 -6.77 9.62 19.72
N LEU A 242 -7.65 9.06 18.88
CA LEU A 242 -7.41 8.89 17.46
C LEU A 242 -8.40 9.65 16.59
N PHE A 243 -9.70 9.52 16.87
CA PHE A 243 -10.72 10.23 16.10
C PHE A 243 -11.84 10.64 17.05
N GLN A 244 -12.52 11.74 16.71
CA GLN A 244 -13.69 12.20 17.43
C GLN A 244 -14.93 11.90 16.62
N LEU A 245 -15.94 11.32 17.27
CA LEU A 245 -17.24 11.07 16.65
C LEU A 245 -18.11 12.31 16.86
N VAL A 246 -18.41 13.01 15.77
CA VAL A 246 -19.09 14.30 15.85
C VAL A 246 -20.60 14.14 15.72
N SER A 247 -21.05 13.33 14.77
CA SER A 247 -22.47 13.13 14.53
C SER A 247 -22.64 11.84 13.74
N ALA A 248 -23.79 11.19 13.93
CA ALA A 248 -24.09 9.96 13.22
C ALA A 248 -25.53 9.99 12.75
N ALA A 249 -25.76 9.48 11.53
CA ALA A 249 -27.09 9.47 10.96
C ALA A 249 -27.27 8.20 10.12
N GLN A 250 -28.51 7.77 10.01
CA GLN A 250 -28.92 6.67 9.15
C GLN A 250 -30.01 7.17 8.22
N THR A 251 -30.11 6.57 7.04
CA THR A 251 -31.16 6.96 6.11
C THR A 251 -31.39 5.83 5.13
N LEU A 252 -32.57 5.84 4.51
CA LEU A 252 -32.93 4.91 3.46
C LEU A 252 -32.97 5.66 2.13
N LEU A 253 -32.39 5.06 1.11
CA LEU A 253 -32.26 5.74 -0.18
C LEU A 253 -33.57 5.60 -0.98
N PRO A 254 -33.98 6.65 -1.68
CA PRO A 254 -35.22 6.58 -2.45
C PRO A 254 -35.13 5.54 -3.55
N ASP A 255 -36.25 4.84 -3.77
CA ASP A 255 -36.40 3.87 -4.84
C ASP A 255 -35.40 2.72 -4.75
N SER A 256 -34.89 2.43 -3.55
CA SER A 256 -33.87 1.41 -3.36
C SER A 256 -34.41 0.14 -2.74
N GLU A 257 -35.73 -0.04 -2.72
CA GLU A 257 -36.31 -1.24 -2.14
C GLU A 257 -35.87 -2.47 -2.91
N GLY A 258 -35.38 -3.48 -2.17
CA GLY A 258 -34.90 -4.71 -2.78
C GLY A 258 -33.50 -4.65 -3.34
N ALA A 259 -32.80 -3.51 -3.23
CA ALA A 259 -31.48 -3.39 -3.85
C ALA A 259 -30.48 -4.36 -3.26
N ILE A 260 -30.53 -4.58 -1.94
CA ILE A 260 -29.59 -5.46 -1.25
C ILE A 260 -30.37 -6.32 -0.26
N ASP A 261 -30.63 -7.57 -0.60
CA ASP A 261 -31.41 -8.47 0.24
C ASP A 261 -30.55 -9.62 0.75
N GLY A 262 -31.02 -10.26 1.81
CA GLY A 262 -30.31 -11.38 2.40
C GLY A 262 -31.18 -12.13 3.37
N HIS A 263 -31.41 -13.42 3.13
CA HIS A 263 -32.33 -14.20 3.95
C HIS A 263 -31.59 -15.38 4.57
N LEU A 264 -31.93 -15.67 5.83
CA LEU A 264 -31.34 -16.79 6.56
C LEU A 264 -32.30 -17.96 6.43
N ARG A 265 -31.86 -19.02 5.77
CA ARG A 265 -32.71 -20.15 5.38
C ARG A 265 -31.96 -21.44 5.63
N GLU A 266 -32.61 -22.56 5.29
CA GLU A 266 -32.00 -23.87 5.52
C GLU A 266 -30.77 -24.09 4.64
N VAL A 267 -30.71 -23.44 3.48
CA VAL A 267 -29.50 -23.47 2.66
C VAL A 267 -28.44 -22.49 3.12
N GLY A 268 -28.72 -21.71 4.15
CA GLY A 268 -27.78 -20.75 4.68
C GLY A 268 -28.25 -19.33 4.46
N LEU A 269 -27.27 -18.41 4.47
CA LEU A 269 -27.57 -17.00 4.22
C LEU A 269 -27.48 -16.74 2.72
N THR A 270 -28.57 -16.30 2.12
CA THR A 270 -28.60 -15.98 0.71
C THR A 270 -28.32 -14.50 0.50
N PHE A 271 -28.12 -14.12 -0.76
CA PHE A 271 -27.63 -12.78 -1.07
C PHE A 271 -28.23 -12.33 -2.39
N HIS A 272 -28.93 -11.20 -2.37
CA HIS A 272 -29.49 -10.57 -3.56
C HIS A 272 -28.89 -9.19 -3.73
N LEU A 273 -28.68 -8.78 -4.98
CA LEU A 273 -27.99 -7.52 -5.23
C LEU A 273 -28.33 -7.03 -6.62
N LEU A 274 -29.03 -5.90 -6.68
CA LEU A 274 -29.42 -5.30 -7.96
C LEU A 274 -28.24 -4.58 -8.58
N LYS A 275 -28.26 -4.45 -9.92
CA LYS A 275 -27.18 -3.74 -10.58
C LYS A 275 -27.24 -2.24 -10.35
N ASP A 276 -28.33 -1.73 -9.77
CA ASP A 276 -28.51 -0.31 -9.47
C ASP A 276 -27.73 0.15 -8.23
N VAL A 277 -27.06 -0.76 -7.52
CA VAL A 277 -26.45 -0.38 -6.25
C VAL A 277 -25.38 0.69 -6.44
N PRO A 278 -24.41 0.56 -7.35
CA PRO A 278 -23.45 1.67 -7.53
C PRO A 278 -24.13 2.98 -7.91
N GLY A 279 -25.09 2.94 -8.85
CA GLY A 279 -25.79 4.15 -9.21
C GLY A 279 -26.61 4.72 -8.07
N LEU A 280 -27.25 3.85 -7.28
CA LEU A 280 -28.09 4.33 -6.19
C LEU A 280 -27.28 5.09 -5.15
N ILE A 281 -26.10 4.58 -4.81
CA ILE A 281 -25.26 5.21 -3.80
C ILE A 281 -24.62 6.49 -4.34
N SER A 282 -23.99 6.41 -5.51
CA SER A 282 -23.31 7.57 -6.06
C SER A 282 -24.28 8.71 -6.31
N LYS A 283 -25.49 8.40 -6.78
CA LYS A 283 -26.49 9.42 -7.08
C LYS A 283 -27.09 10.03 -5.82
N ASN A 284 -26.90 9.42 -4.64
CA ASN A 284 -27.46 9.93 -3.40
C ASN A 284 -26.42 10.41 -2.41
N ILE A 285 -25.13 10.18 -2.67
CA ILE A 285 -24.09 10.46 -1.69
C ILE A 285 -24.01 11.96 -1.37
N GLU A 286 -24.28 12.82 -2.34
CA GLU A 286 -24.16 14.26 -2.11
C GLU A 286 -25.23 14.77 -1.17
N ARG A 287 -26.45 14.22 -1.28
CA ARG A 287 -27.49 14.54 -0.31
C ARG A 287 -27.06 14.16 1.09
N ALA A 288 -26.35 13.03 1.23
CA ALA A 288 -25.88 12.61 2.55
C ALA A 288 -24.73 13.49 3.03
N LEU A 289 -23.86 13.91 2.12
CA LEU A 289 -22.76 14.79 2.50
C LEU A 289 -23.29 16.14 2.96
N GLU A 290 -24.22 16.71 2.19
CA GLU A 290 -24.82 18.00 2.56
C GLU A 290 -25.52 17.91 3.90
N ALA A 291 -26.30 16.83 4.12
CA ALA A 291 -27.02 16.70 5.38
C ALA A 291 -26.06 16.69 6.57
N ALA A 292 -24.88 16.08 6.41
CA ALA A 292 -23.90 15.96 7.49
C ALA A 292 -23.03 17.21 7.67
N PHE A 293 -22.61 17.84 6.57
CA PHE A 293 -21.58 18.87 6.65
C PHE A 293 -22.08 20.29 6.43
N ALA A 294 -23.25 20.48 5.83
CA ALA A 294 -23.82 21.83 5.74
C ALA A 294 -23.94 22.53 7.09
N PRO A 295 -24.44 21.91 8.17
CA PRO A 295 -24.48 22.63 9.45
C PRO A 295 -23.09 22.88 10.01
N LEU A 296 -22.06 22.20 9.51
CA LEU A 296 -20.70 22.48 9.91
C LEU A 296 -20.03 23.52 9.04
N GLY A 297 -20.68 23.94 7.95
CA GLY A 297 -20.12 24.94 7.07
C GLY A 297 -19.19 24.42 5.99
N ILE A 298 -19.22 23.12 5.72
CA ILE A 298 -18.27 22.48 4.82
C ILE A 298 -19.00 22.03 3.56
N SER A 299 -18.47 22.41 2.40
CA SER A 299 -19.02 22.04 1.10
C SER A 299 -18.01 21.39 0.17
N ASP A 300 -16.72 21.49 0.46
CA ASP A 300 -15.68 20.97 -0.43
C ASP A 300 -15.34 19.55 0.03
N TRP A 301 -15.81 18.56 -0.73
CA TRP A 301 -15.65 17.16 -0.36
C TRP A 301 -14.24 16.65 -0.59
N ASN A 302 -13.36 17.45 -1.18
CA ASN A 302 -11.95 17.13 -1.31
C ASN A 302 -11.12 17.63 -0.13
N SER A 303 -11.74 18.36 0.79
CA SER A 303 -11.06 18.90 1.97
C SER A 303 -11.33 18.09 3.23
N ILE A 304 -11.95 16.91 3.12
CA ILE A 304 -12.22 16.05 4.27
C ILE A 304 -11.71 14.66 3.96
N PHE A 305 -11.24 13.95 4.99
CA PHE A 305 -10.82 12.59 4.73
C PHE A 305 -12.03 11.67 4.60
N TRP A 306 -11.84 10.53 3.93
CA TRP A 306 -12.94 9.68 3.50
C TRP A 306 -12.74 8.26 4.01
N VAL A 307 -13.79 7.72 4.64
CA VAL A 307 -13.89 6.29 4.97
C VAL A 307 -15.22 5.80 4.40
N ALA A 308 -15.17 4.81 3.51
CA ALA A 308 -16.39 4.32 2.87
C ALA A 308 -16.34 2.81 2.83
N HIS A 309 -17.47 2.17 3.08
CA HIS A 309 -17.53 0.72 3.00
C HIS A 309 -17.30 0.29 1.56
N PRO A 310 -16.30 -0.53 1.28
CA PRO A 310 -16.00 -0.90 -0.12
C PRO A 310 -16.85 -2.07 -0.62
N GLY A 311 -18.14 -1.81 -0.80
CA GLY A 311 -19.05 -2.87 -1.22
C GLY A 311 -18.57 -3.55 -2.48
N GLY A 312 -18.08 -2.76 -3.44
CA GLY A 312 -17.42 -3.25 -4.62
C GLY A 312 -16.68 -2.10 -5.27
N PRO A 313 -15.77 -2.39 -6.18
CA PRO A 313 -15.03 -1.30 -6.85
C PRO A 313 -15.94 -0.34 -7.61
N ALA A 314 -17.07 -0.82 -8.14
CA ALA A 314 -17.97 0.06 -8.88
C ALA A 314 -18.58 1.13 -7.98
N ILE A 315 -18.78 0.82 -6.70
CA ILE A 315 -19.32 1.82 -5.80
C ILE A 315 -18.32 2.94 -5.59
N LEU A 316 -17.05 2.57 -5.37
CA LEU A 316 -16.04 3.60 -5.15
C LEU A 316 -15.77 4.41 -6.41
N ASP A 317 -15.79 3.74 -7.58
CA ASP A 317 -15.57 4.44 -8.84
C ASP A 317 -16.64 5.49 -9.10
N GLN A 318 -17.91 5.12 -8.89
CA GLN A 318 -19.00 6.04 -9.21
C GLN A 318 -19.21 7.10 -8.14
N VAL A 319 -18.94 6.80 -6.88
CA VAL A 319 -18.90 7.86 -5.87
C VAL A 319 -17.77 8.83 -6.18
N GLU A 320 -16.59 8.32 -6.54
CA GLU A 320 -15.47 9.16 -6.95
C GLU A 320 -15.85 10.10 -8.08
N ALA A 321 -16.36 9.55 -9.18
CA ALA A 321 -16.68 10.37 -10.34
C ALA A 321 -17.81 11.35 -10.04
N LYS A 322 -18.85 10.89 -9.33
CA LYS A 322 -20.03 11.73 -9.11
C LYS A 322 -19.68 12.97 -8.31
N VAL A 323 -18.80 12.83 -7.31
CA VAL A 323 -18.44 13.92 -6.44
C VAL A 323 -17.10 14.53 -6.80
N SER A 324 -16.44 14.01 -7.85
CA SER A 324 -15.19 14.57 -8.37
C SER A 324 -14.08 14.58 -7.32
N LEU A 325 -13.96 13.46 -6.61
CA LEU A 325 -12.94 13.32 -5.58
C LEU A 325 -11.56 13.10 -6.20
N ASP A 326 -10.55 13.59 -5.51
CA ASP A 326 -9.17 13.27 -5.90
C ASP A 326 -8.89 11.81 -5.55
N LYS A 327 -8.11 11.16 -6.42
CA LYS A 327 -7.85 9.72 -6.26
C LYS A 327 -7.25 9.41 -4.89
N ALA A 328 -6.58 10.40 -4.28
CA ALA A 328 -5.92 10.15 -3.00
C ALA A 328 -6.94 9.91 -1.88
N ARG A 329 -8.18 10.39 -2.04
CA ARG A 329 -9.11 10.37 -0.92
C ARG A 329 -9.65 8.97 -0.63
N MET A 330 -9.79 8.14 -1.67
CA MET A 330 -10.22 6.74 -1.52
C MET A 330 -9.06 5.77 -1.28
N ARG A 331 -7.83 6.26 -1.08
CA ARG A 331 -6.69 5.34 -1.02
C ARG A 331 -6.81 4.37 0.15
N ALA A 332 -7.15 4.88 1.33
CA ALA A 332 -7.24 4.01 2.51
C ALA A 332 -8.36 2.99 2.34
N THR A 333 -9.47 3.39 1.72
CA THR A 333 -10.54 2.46 1.42
C THR A 333 -10.11 1.41 0.39
N ARG A 334 -9.49 1.84 -0.70
CA ARG A 334 -9.07 0.90 -1.73
C ARG A 334 -8.00 -0.06 -1.24
N HIS A 335 -7.19 0.36 -0.26
CA HIS A 335 -6.16 -0.54 0.27
C HIS A 335 -6.77 -1.69 1.04
N VAL A 336 -7.79 -1.41 1.85
CA VAL A 336 -8.43 -2.47 2.63
C VAL A 336 -9.17 -3.41 1.71
N LEU A 337 -9.86 -2.88 0.69
CA LEU A 337 -10.49 -3.73 -0.31
C LEU A 337 -9.46 -4.65 -0.96
N ALA A 338 -8.30 -4.09 -1.33
CA ALA A 338 -7.27 -4.86 -2.01
C ALA A 338 -6.67 -5.93 -1.11
N GLU A 339 -6.45 -5.61 0.16
CA GLU A 339 -5.72 -6.50 1.06
C GLU A 339 -6.62 -7.43 1.87
N TYR A 340 -7.92 -7.15 1.94
CA TYR A 340 -8.84 -7.95 2.76
C TYR A 340 -10.15 -8.31 2.07
N GLY A 341 -10.53 -7.64 1.00
CA GLY A 341 -11.81 -7.89 0.39
C GLY A 341 -12.95 -7.23 1.15
N ASN A 342 -14.16 -7.67 0.81
CA ASN A 342 -15.37 -7.12 1.44
C ASN A 342 -15.67 -7.94 2.69
N MET A 343 -15.34 -7.38 3.85
CA MET A 343 -15.58 -8.01 5.16
C MET A 343 -16.84 -7.50 5.83
N SER A 344 -17.80 -7.01 5.05
CA SER A 344 -19.11 -6.57 5.54
C SER A 344 -18.91 -5.50 6.60
N SER A 345 -19.48 -5.63 7.80
CA SER A 345 -19.53 -4.52 8.73
C SER A 345 -18.15 -4.10 9.23
N ALA A 346 -17.15 -4.98 9.16
CA ALA A 346 -15.85 -4.67 9.75
C ALA A 346 -14.99 -3.76 8.88
N CYS A 347 -15.39 -3.54 7.62
CA CYS A 347 -14.53 -2.87 6.66
C CYS A 347 -14.15 -1.46 7.11
N VAL A 348 -15.13 -0.64 7.48
CA VAL A 348 -14.83 0.76 7.76
C VAL A 348 -13.89 0.89 8.96
N LEU A 349 -14.03 0.01 9.95
CA LEU A 349 -13.10 0.02 11.08
C LEU A 349 -11.69 -0.37 10.65
N PHE A 350 -11.57 -1.32 9.72
CA PHE A 350 -10.28 -1.61 9.11
C PHE A 350 -9.72 -0.39 8.40
N ILE A 351 -10.56 0.36 7.69
CA ILE A 351 -10.08 1.52 6.94
C ILE A 351 -9.64 2.62 7.89
N LEU A 352 -10.43 2.86 8.95
CA LEU A 352 -10.01 3.77 10.01
C LEU A 352 -8.63 3.38 10.53
N ASP A 353 -8.40 2.09 10.75
CA ASP A 353 -7.08 1.64 11.21
C ASP A 353 -6.01 1.95 10.18
N GLU A 354 -6.30 1.69 8.90
CA GLU A 354 -5.31 1.96 7.86
C GLU A 354 -5.12 3.47 7.65
N MET A 355 -6.18 4.26 7.87
CA MET A 355 -6.04 5.70 7.69
C MET A 355 -5.04 6.28 8.67
N ARG A 356 -5.15 5.91 9.95
CA ARG A 356 -4.30 6.50 10.97
C ARG A 356 -2.88 5.95 10.93
N LYS A 357 -2.71 4.69 10.55
CA LYS A 357 -1.35 4.13 10.44
C LYS A 357 -0.58 4.82 9.33
N ARG A 358 -1.15 4.88 8.12
CA ARG A 358 -0.48 5.56 7.02
C ARG A 358 -0.26 7.03 7.34
N SER A 359 -1.20 7.68 8.04
CA SER A 359 -1.02 9.07 8.41
C SER A 359 0.21 9.27 9.28
N ALA A 360 0.48 8.30 10.17
CA ALA A 360 1.69 8.39 10.99
C ALA A 360 2.93 8.10 10.18
N GLU A 361 2.89 7.07 9.32
CA GLU A 361 4.07 6.71 8.53
C GLU A 361 4.44 7.83 7.57
N ASP A 362 3.46 8.45 6.94
CA ASP A 362 3.74 9.53 5.99
C ASP A 362 4.09 10.84 6.65
N GLY A 363 3.87 10.98 7.96
CA GLY A 363 4.18 12.22 8.65
C GLY A 363 3.13 13.31 8.51
N CYS A 364 1.86 12.95 8.43
CA CYS A 364 0.82 13.95 8.29
C CYS A 364 0.59 14.69 9.61
N ALA A 365 -0.09 15.83 9.52
CA ALA A 365 -0.36 16.62 10.71
C ALA A 365 -1.44 16.00 11.59
N THR A 366 -2.30 15.14 11.04
CA THR A 366 -3.41 14.57 11.79
C THR A 366 -3.56 13.09 11.44
N THR A 367 -4.31 12.40 12.30
CA THR A 367 -4.66 11.00 12.03
C THR A 367 -5.51 10.84 10.78
N GLY A 368 -6.13 11.92 10.30
CA GLY A 368 -6.92 11.87 9.09
C GLY A 368 -6.22 12.48 7.89
N GLU A 369 -5.03 11.96 7.58
CA GLU A 369 -4.28 12.34 6.37
C GLU A 369 -3.98 13.83 6.33
N GLY A 370 -3.76 14.44 7.50
CA GLY A 370 -3.52 15.86 7.59
C GLY A 370 -4.74 16.74 7.53
N LEU A 371 -5.91 16.18 7.23
CA LEU A 371 -7.14 16.95 7.21
C LEU A 371 -7.84 16.86 8.57
N ASP A 372 -8.71 17.83 8.84
CA ASP A 372 -9.31 17.97 10.17
C ASP A 372 -10.63 17.22 10.27
N TRP A 373 -11.52 17.40 9.29
CA TRP A 373 -12.83 16.77 9.30
C TRP A 373 -12.87 15.60 8.34
N GLY A 374 -13.74 14.64 8.63
CA GLY A 374 -13.85 13.45 7.82
C GLY A 374 -15.24 12.87 7.87
N VAL A 375 -15.48 11.89 7.02
CA VAL A 375 -16.77 11.22 6.93
C VAL A 375 -16.54 9.72 6.82
N LEU A 376 -17.42 8.95 7.46
CA LEU A 376 -17.41 7.50 7.37
C LEU A 376 -18.77 7.06 6.85
N PHE A 377 -18.77 6.19 5.84
CA PHE A 377 -19.99 5.75 5.18
C PHE A 377 -20.13 4.24 5.31
N GLY A 378 -21.31 3.79 5.74
CA GLY A 378 -21.68 2.38 5.61
C GLY A 378 -22.84 2.21 4.67
N PHE A 379 -22.77 1.24 3.76
CA PHE A 379 -23.85 0.97 2.82
C PHE A 379 -24.34 -0.45 3.01
N GLY A 380 -25.65 -0.67 2.93
CA GLY A 380 -26.14 -2.00 3.16
C GLY A 380 -27.60 -2.21 2.85
N PRO A 381 -28.11 -3.38 3.24
CA PRO A 381 -29.51 -3.72 2.94
C PRO A 381 -30.46 -2.63 3.39
N GLY A 382 -31.34 -2.21 2.49
CA GLY A 382 -32.27 -1.15 2.81
C GLY A 382 -32.87 -0.49 1.60
N LEU A 383 -32.04 0.13 0.76
CA LEU A 383 -30.60 0.34 0.89
C LEU A 383 -30.38 1.41 1.95
N THR A 384 -29.71 1.10 3.06
CA THR A 384 -29.44 2.13 4.04
C THR A 384 -28.00 2.63 3.94
N VAL A 385 -27.86 3.91 4.25
CA VAL A 385 -26.56 4.57 4.24
C VAL A 385 -26.36 5.14 5.64
N GLU A 386 -25.25 4.77 6.26
CA GLU A 386 -24.90 5.31 7.57
C GLU A 386 -23.77 6.32 7.39
N THR A 387 -23.98 7.53 7.91
CA THR A 387 -23.02 8.62 7.77
C THR A 387 -22.56 9.04 9.16
N VAL A 388 -21.25 8.96 9.41
CA VAL A 388 -20.67 9.41 10.66
C VAL A 388 -19.65 10.50 10.33
N VAL A 389 -19.85 11.68 10.90
CA VAL A 389 -18.84 12.74 10.79
C VAL A 389 -17.74 12.43 11.79
N LEU A 390 -16.50 12.52 11.34
CA LEU A 390 -15.33 12.31 12.20
C LEU A 390 -14.50 13.58 12.25
N HIS A 391 -13.76 13.74 13.34
CA HIS A 391 -12.72 14.74 13.41
C HIS A 391 -11.41 14.07 13.74
N SER A 392 -10.35 14.50 13.05
CA SER A 392 -9.04 13.92 13.28
C SER A 392 -8.44 14.40 14.60
N VAL A 393 -7.30 13.82 14.96
CA VAL A 393 -6.55 14.27 16.13
C VAL A 393 -5.15 14.65 15.65
N PRO A 394 -4.54 15.72 16.19
CA PRO A 394 -3.20 16.11 15.72
C PRO A 394 -2.17 15.03 16.02
N ILE A 395 -1.23 14.88 15.09
CA ILE A 395 -0.06 14.02 15.26
C ILE A 395 1.14 14.94 15.52
N THR A 396 1.73 14.82 16.70
CA THR A 396 2.87 15.67 17.09
C THR A 396 4.07 15.48 16.16
N VAL B 8 -16.75 26.47 13.79
CA VAL B 8 -17.50 25.54 14.63
C VAL B 8 -16.57 24.44 15.11
N THR B 9 -16.50 24.23 16.42
CA THR B 9 -15.68 23.15 16.97
C THR B 9 -16.58 21.99 17.38
N VAL B 10 -15.93 20.86 17.66
CA VAL B 10 -16.66 19.66 18.06
C VAL B 10 -17.29 19.88 19.43
N GLU B 11 -16.66 20.72 20.27
CA GLU B 11 -17.25 21.06 21.55
C GLU B 11 -18.59 21.76 21.38
N GLU B 12 -18.62 22.84 20.58
CA GLU B 12 -19.89 23.54 20.33
C GLU B 12 -20.97 22.58 19.84
N VAL B 13 -20.58 21.59 19.03
CA VAL B 13 -21.55 20.61 18.53
C VAL B 13 -22.17 19.85 19.70
N ARG B 14 -21.32 19.25 20.55
CA ARG B 14 -21.82 18.43 21.65
C ARG B 14 -22.83 19.18 22.52
N LYS B 15 -22.54 20.45 22.82
CA LYS B 15 -23.44 21.23 23.67
C LYS B 15 -24.77 21.46 22.99
N ALA B 16 -24.74 21.86 21.71
CA ALA B 16 -25.95 22.04 20.92
C ALA B 16 -26.42 20.74 20.28
N GLN B 17 -26.20 19.60 20.92
CA GLN B 17 -26.61 18.33 20.33
C GLN B 17 -27.40 17.50 21.32
N ARG B 18 -27.09 17.64 22.60
CA ARG B 18 -27.60 16.75 23.64
C ARG B 18 -28.90 17.28 24.24
N ALA B 19 -29.67 16.36 24.81
CA ALA B 19 -30.83 16.71 25.61
C ALA B 19 -30.40 16.97 27.05
N SER B 20 -31.30 17.57 27.83
CA SER B 20 -30.96 17.96 29.19
C SER B 20 -31.59 17.06 30.25
N GLY B 21 -32.84 16.64 30.07
CA GLY B 21 -33.54 15.90 31.08
C GLY B 21 -33.43 14.40 30.94
N PRO B 22 -34.10 13.67 31.84
CA PRO B 22 -34.06 12.21 31.77
C PRO B 22 -35.04 11.65 30.76
N ALA B 23 -34.70 10.47 30.25
CA ALA B 23 -35.56 9.80 29.28
C ALA B 23 -36.88 9.41 29.94
N THR B 24 -37.99 9.68 29.26
CA THR B 24 -39.31 9.55 29.84
C THR B 24 -40.21 8.74 28.91
N VAL B 25 -41.00 7.84 29.50
CA VAL B 25 -41.98 7.07 28.74
C VAL B 25 -43.21 7.94 28.56
N LEU B 26 -43.57 8.22 27.30
CA LEU B 26 -44.64 9.15 26.98
C LEU B 26 -45.90 8.48 26.45
N ALA B 27 -45.83 7.21 26.04
CA ALA B 27 -46.97 6.49 25.51
C ALA B 27 -46.62 5.02 25.47
N ILE B 28 -47.63 4.17 25.67
CA ILE B 28 -47.45 2.72 25.64
C ILE B 28 -48.66 2.10 24.94
N GLY B 29 -48.39 1.23 23.97
CA GLY B 29 -49.44 0.50 23.30
C GLY B 29 -49.07 -0.95 23.12
N THR B 30 -50.07 -1.82 23.21
CA THR B 30 -49.88 -3.26 23.12
C THR B 30 -50.85 -3.88 22.12
N ALA B 31 -50.47 -5.05 21.60
CA ALA B 31 -51.27 -5.76 20.62
C ALA B 31 -50.86 -7.22 20.61
N THR B 32 -51.82 -8.09 20.31
CA THR B 32 -51.64 -9.53 20.22
C THR B 32 -52.31 -10.03 18.95
N PRO B 33 -51.97 -11.23 18.49
CA PRO B 33 -52.81 -11.87 17.47
C PRO B 33 -54.21 -12.11 18.03
N ALA B 34 -55.20 -12.10 17.14
CA ALA B 34 -56.59 -12.26 17.59
C ALA B 34 -56.87 -13.67 18.07
N ASN B 35 -56.26 -14.68 17.46
CA ASN B 35 -56.49 -16.07 17.80
C ASN B 35 -56.05 -16.35 19.24
N CYS B 36 -56.99 -16.82 20.06
CA CYS B 36 -56.76 -17.00 21.49
C CYS B 36 -56.92 -18.47 21.87
N VAL B 37 -56.02 -18.95 22.74
CA VAL B 37 -56.07 -20.30 23.26
C VAL B 37 -56.07 -20.25 24.78
N HIS B 38 -57.08 -20.85 25.40
CA HIS B 38 -57.15 -20.93 26.85
C HIS B 38 -56.31 -22.12 27.32
N GLN B 39 -55.54 -21.90 28.40
CA GLN B 39 -54.66 -22.96 28.91
C GLN B 39 -55.44 -24.21 29.26
N ALA B 40 -56.61 -24.06 29.87
CA ALA B 40 -57.40 -25.24 30.25
C ALA B 40 -57.68 -26.13 29.06
N ASP B 41 -57.69 -25.57 27.85
CA ASP B 41 -57.97 -26.32 26.63
C ASP B 41 -56.72 -26.72 25.87
N TYR B 42 -55.53 -26.26 26.28
CA TYR B 42 -54.35 -26.42 25.43
C TYR B 42 -53.80 -27.84 25.40
N PRO B 43 -53.71 -28.57 26.54
CA PRO B 43 -53.22 -29.96 26.46
C PRO B 43 -53.96 -30.82 25.45
N ASP B 44 -55.29 -30.73 25.41
CA ASP B 44 -56.04 -31.45 24.39
C ASP B 44 -55.74 -30.91 23.00
N TYR B 45 -55.74 -29.58 22.85
CA TYR B 45 -55.50 -28.98 21.54
C TYR B 45 -54.07 -29.26 21.08
N TYR B 46 -53.09 -29.03 21.95
CA TYR B 46 -51.69 -29.22 21.59
C TYR B 46 -51.41 -30.65 21.19
N PHE B 47 -51.91 -31.63 21.96
CA PHE B 47 -51.60 -33.01 21.67
C PHE B 47 -52.36 -33.51 20.45
N ARG B 48 -53.52 -32.93 20.17
CA ARG B 48 -54.25 -33.30 18.96
C ARG B 48 -53.53 -32.83 17.71
N VAL B 49 -53.23 -31.53 17.63
CA VAL B 49 -52.63 -30.98 16.42
C VAL B 49 -51.23 -31.52 16.16
N THR B 50 -50.54 -32.01 17.20
CA THR B 50 -49.22 -32.60 17.03
C THR B 50 -49.26 -34.11 16.84
N LYS B 51 -50.46 -34.70 16.78
CA LYS B 51 -50.62 -36.14 16.53
C LYS B 51 -49.90 -36.97 17.61
N SER B 52 -49.99 -36.54 18.86
CA SER B 52 -49.29 -37.19 19.96
C SER B 52 -50.24 -37.70 21.05
N ASP B 53 -51.50 -37.94 20.71
CA ASP B 53 -52.47 -38.38 21.72
C ASP B 53 -52.15 -39.75 22.30
N HIS B 54 -51.28 -40.52 21.64
CA HIS B 54 -50.90 -41.83 22.12
C HIS B 54 -49.87 -41.78 23.24
N LEU B 55 -49.15 -40.67 23.41
CA LEU B 55 -48.24 -40.50 24.55
C LEU B 55 -49.05 -39.97 25.74
N THR B 56 -49.74 -40.90 26.40
CA THR B 56 -50.65 -40.52 27.47
C THR B 56 -49.90 -40.06 28.72
N ASP B 57 -48.75 -40.68 29.02
CA ASP B 57 -47.98 -40.24 30.17
C ASP B 57 -47.42 -38.85 29.97
N LEU B 58 -46.90 -38.56 28.77
CA LEU B 58 -46.42 -37.22 28.48
C LEU B 58 -47.54 -36.19 28.61
N LYS B 59 -48.74 -36.51 28.10
CA LYS B 59 -49.86 -35.59 28.20
C LYS B 59 -50.17 -35.25 29.65
N GLU B 60 -50.14 -36.25 30.54
CA GLU B 60 -50.33 -35.98 31.97
C GLU B 60 -49.29 -34.98 32.48
N LYS B 61 -48.02 -35.22 32.14
CA LYS B 61 -46.98 -34.25 32.49
C LYS B 61 -47.32 -32.87 31.94
N PHE B 62 -47.79 -32.80 30.68
CA PHE B 62 -48.05 -31.49 30.08
C PHE B 62 -49.27 -30.80 30.69
N LYS B 63 -50.28 -31.58 31.12
CA LYS B 63 -51.37 -30.98 31.87
C LYS B 63 -50.86 -30.33 33.14
N ARG B 64 -50.02 -31.05 33.89
CA ARG B 64 -49.51 -30.51 35.14
C ARG B 64 -48.66 -29.27 34.87
N MET B 65 -47.81 -29.34 33.85
CA MET B 65 -47.11 -28.15 33.35
C MET B 65 -48.09 -27.00 33.15
N CYS B 66 -49.18 -27.27 32.44
CA CYS B 66 -50.15 -26.22 32.16
C CYS B 66 -50.91 -25.79 33.40
N ASP B 67 -51.30 -26.75 34.25
CA ASP B 67 -52.03 -26.41 35.48
C ASP B 67 -51.19 -25.51 36.39
N LYS B 68 -49.89 -25.78 36.48
CA LYS B 68 -49.01 -25.02 37.36
C LYS B 68 -48.46 -23.76 36.71
N SER B 69 -48.73 -23.53 35.42
CA SER B 69 -48.15 -22.39 34.71
C SER B 69 -48.68 -21.05 35.21
N MET B 70 -49.87 -21.04 35.83
CA MET B 70 -50.54 -19.80 36.24
C MET B 70 -50.84 -18.90 35.04
N ILE B 71 -51.12 -19.50 33.88
CA ILE B 71 -51.51 -18.77 32.69
C ILE B 71 -52.94 -19.17 32.36
N ARG B 72 -53.85 -18.20 32.25
CA ARG B 72 -55.22 -18.51 31.87
C ARG B 72 -55.40 -18.61 30.36
N LYS B 73 -54.61 -17.87 29.59
CA LYS B 73 -54.77 -17.89 28.13
C LYS B 73 -53.57 -17.21 27.49
N ARG B 74 -53.36 -17.52 26.21
CA ARG B 74 -52.32 -16.90 25.40
C ARG B 74 -52.89 -16.68 23.99
N TYR B 75 -52.26 -15.76 23.26
CA TYR B 75 -52.60 -15.51 21.87
C TYR B 75 -51.52 -16.12 21.00
N MET B 76 -51.94 -16.81 19.94
CA MET B 76 -51.00 -17.46 19.03
C MET B 76 -51.42 -17.18 17.60
N HIS B 77 -50.51 -16.60 16.82
CA HIS B 77 -50.78 -16.41 15.39
C HIS B 77 -51.04 -17.74 14.70
N LEU B 78 -50.39 -18.80 15.15
CA LEU B 78 -50.59 -20.12 14.55
C LEU B 78 -52.01 -20.64 14.84
N THR B 79 -52.69 -21.08 13.79
CA THR B 79 -54.02 -21.66 13.87
C THR B 79 -53.95 -23.14 13.55
N GLU B 80 -54.98 -23.87 13.99
CA GLU B 80 -55.05 -25.29 13.68
C GLU B 80 -55.13 -25.53 12.17
N GLU B 81 -55.83 -24.65 11.45
CA GLU B 81 -55.93 -24.79 10.00
C GLU B 81 -54.56 -24.64 9.35
N PHE B 82 -53.77 -23.67 9.81
CA PHE B 82 -52.42 -23.51 9.28
C PHE B 82 -51.55 -24.71 9.63
N LEU B 83 -51.63 -25.18 10.88
CA LEU B 83 -50.74 -26.26 11.31
C LEU B 83 -51.03 -27.55 10.54
N ALA B 84 -52.31 -27.79 10.23
CA ALA B 84 -52.69 -28.98 9.46
C ALA B 84 -51.97 -29.02 8.12
N GLU B 85 -51.64 -27.86 7.54
CA GLU B 85 -50.88 -27.81 6.30
C GLU B 85 -49.37 -27.81 6.51
N ASN B 86 -48.89 -27.76 7.75
CA ASN B 86 -47.45 -27.69 8.04
C ASN B 86 -47.08 -28.76 9.05
N PRO B 87 -47.09 -30.03 8.64
CA PRO B 87 -46.76 -31.11 9.59
C PRO B 87 -45.34 -31.04 10.14
N ASN B 88 -44.39 -30.49 9.37
CA ASN B 88 -43.02 -30.43 9.88
C ASN B 88 -42.91 -29.48 11.06
N MET B 89 -43.80 -28.49 11.16
CA MET B 89 -43.83 -27.65 12.35
C MET B 89 -44.54 -28.30 13.52
N CYS B 90 -45.41 -29.27 13.27
CA CYS B 90 -46.07 -30.00 14.34
C CYS B 90 -45.21 -31.14 14.89
N ALA B 91 -44.26 -31.63 14.10
CA ALA B 91 -43.31 -32.61 14.59
C ALA B 91 -42.39 -31.94 15.61
N TYR B 92 -41.85 -32.76 16.52
CA TYR B 92 -40.91 -32.21 17.50
C TYR B 92 -39.65 -31.68 16.81
N MET B 93 -39.11 -32.44 15.85
CA MET B 93 -37.82 -32.16 15.22
C MET B 93 -37.92 -32.50 13.73
N ALA B 94 -38.34 -31.53 12.92
CA ALA B 94 -38.38 -31.71 11.46
C ALA B 94 -37.94 -30.46 10.75
N PRO B 95 -37.30 -30.58 9.58
CA PRO B 95 -36.87 -29.38 8.84
C PRO B 95 -38.04 -28.43 8.60
N SER B 96 -37.96 -27.25 9.21
CA SER B 96 -39.07 -26.32 9.15
C SER B 96 -38.65 -24.86 9.29
N LEU B 97 -37.35 -24.54 9.32
CA LEU B 97 -36.94 -23.15 9.47
C LEU B 97 -37.53 -22.28 8.37
N ASP B 98 -37.49 -22.77 7.14
CA ASP B 98 -37.92 -21.94 6.01
C ASP B 98 -39.39 -21.55 6.14
N ALA B 99 -40.25 -22.51 6.52
CA ALA B 99 -41.66 -22.17 6.72
C ALA B 99 -41.83 -21.21 7.88
N ARG B 100 -41.13 -21.44 8.99
CA ARG B 100 -41.29 -20.58 10.15
C ARG B 100 -40.81 -19.16 9.84
N GLN B 101 -39.67 -19.05 9.16
CA GLN B 101 -39.16 -17.74 8.76
C GLN B 101 -40.19 -17.01 7.89
N ASP B 102 -40.75 -17.72 6.90
CA ASP B 102 -41.77 -17.14 6.04
C ASP B 102 -42.92 -16.51 6.84
N ILE B 103 -43.21 -17.03 8.03
CA ILE B 103 -44.28 -16.48 8.86
C ILE B 103 -43.80 -15.21 9.56
N VAL B 104 -42.76 -15.34 10.39
CA VAL B 104 -42.45 -14.27 11.32
C VAL B 104 -41.83 -13.07 10.61
N VAL B 105 -41.16 -13.29 9.49
CA VAL B 105 -40.55 -12.17 8.78
C VAL B 105 -41.62 -11.17 8.34
N VAL B 106 -42.83 -11.66 8.07
CA VAL B 106 -43.94 -10.78 7.73
C VAL B 106 -44.76 -10.41 8.97
N GLU B 107 -45.07 -11.38 9.83
CA GLU B 107 -46.03 -11.13 10.91
C GLU B 107 -45.45 -10.37 12.09
N VAL B 108 -44.16 -10.54 12.39
CA VAL B 108 -43.55 -9.80 13.49
C VAL B 108 -43.66 -8.28 13.29
N PRO B 109 -43.25 -7.70 12.14
CA PRO B 109 -43.45 -6.26 11.97
C PRO B 109 -44.92 -5.88 11.88
N LYS B 110 -45.77 -6.74 11.32
CA LYS B 110 -47.19 -6.47 11.26
C LYS B 110 -47.80 -6.36 12.65
N LEU B 111 -47.43 -7.28 13.56
CA LEU B 111 -47.93 -7.18 14.92
C LEU B 111 -47.34 -5.96 15.61
N GLY B 112 -46.07 -5.67 15.33
CA GLY B 112 -45.46 -4.45 15.85
C GLY B 112 -46.18 -3.19 15.42
N LYS B 113 -46.65 -3.15 14.17
CA LYS B 113 -47.30 -1.92 13.75
C LYS B 113 -48.63 -1.77 14.48
N ALA B 114 -49.31 -2.90 14.78
CA ALA B 114 -50.58 -2.81 15.52
C ALA B 114 -50.36 -2.15 16.88
N ALA B 115 -49.29 -2.52 17.59
CA ALA B 115 -49.00 -1.88 18.86
C ALA B 115 -48.42 -0.48 18.66
N ALA B 116 -47.55 -0.30 17.67
CA ALA B 116 -46.95 1.01 17.44
C ALA B 116 -48.01 2.04 17.10
N GLN B 117 -49.03 1.63 16.33
CA GLN B 117 -50.10 2.57 15.96
C GLN B 117 -50.91 3.00 17.17
N LYS B 118 -51.10 2.10 18.15
CA LYS B 118 -51.78 2.46 19.39
C LYS B 118 -50.96 3.47 20.18
N ALA B 119 -49.66 3.20 20.37
CA ALA B 119 -48.82 4.12 21.12
C ALA B 119 -48.72 5.47 20.43
N LEU B 120 -48.62 5.47 19.10
CA LEU B 120 -48.51 6.74 18.37
C LEU B 120 -49.78 7.56 18.51
N LYS B 121 -50.94 6.89 18.56
CA LYS B 121 -52.20 7.59 18.74
C LYS B 121 -52.28 8.27 20.10
N GLU B 122 -51.93 7.54 21.15
CA GLU B 122 -51.91 8.12 22.50
C GLU B 122 -50.95 9.30 22.57
N TRP B 123 -49.72 9.11 22.06
CA TRP B 123 -48.75 10.20 22.01
C TRP B 123 -49.33 11.42 21.31
N GLY B 124 -50.08 11.20 20.23
CA GLY B 124 -50.80 12.25 19.57
C GLY B 124 -49.96 13.17 18.73
N GLN B 125 -48.66 12.96 18.66
CA GLN B 125 -47.80 13.83 17.87
C GLN B 125 -47.61 13.26 16.48
N PRO B 126 -47.25 14.09 15.50
CA PRO B 126 -47.10 13.58 14.12
C PRO B 126 -45.96 12.56 14.02
N ARG B 127 -46.18 11.54 13.21
CA ARG B 127 -45.20 10.46 13.07
C ARG B 127 -43.83 10.96 12.63
N SER B 128 -43.80 12.06 11.88
CA SER B 128 -42.53 12.62 11.40
C SER B 128 -41.63 13.06 12.54
N ARG B 129 -42.20 13.34 13.72
CA ARG B 129 -41.40 13.74 14.86
C ARG B 129 -40.60 12.59 15.45
N ILE B 130 -40.93 11.35 15.11
CA ILE B 130 -40.15 10.20 15.57
C ILE B 130 -38.78 10.23 14.89
N THR B 131 -37.72 10.21 15.70
CA THR B 131 -36.35 10.30 15.20
C THR B 131 -35.55 9.01 15.32
N HIS B 132 -35.92 8.13 16.25
CA HIS B 132 -35.24 6.86 16.47
C HIS B 132 -36.27 5.75 16.55
N LEU B 133 -35.89 4.56 16.07
CA LEU B 133 -36.70 3.36 16.21
C LEU B 133 -35.82 2.22 16.72
N VAL B 134 -36.21 1.63 17.85
CA VAL B 134 -35.59 0.43 18.38
C VAL B 134 -36.59 -0.71 18.23
N PHE B 135 -36.27 -1.68 17.38
CA PHE B 135 -37.11 -2.83 17.13
C PHE B 135 -36.42 -4.06 17.67
N CYS B 136 -37.14 -4.84 18.47
CA CYS B 136 -36.58 -6.00 19.14
C CYS B 136 -37.49 -7.20 18.96
N THR B 137 -36.91 -8.31 18.50
CA THR B 137 -37.66 -9.55 18.37
C THR B 137 -36.71 -10.71 18.51
N THR B 138 -37.23 -11.82 19.03
CA THR B 138 -36.51 -13.07 19.08
C THR B 138 -37.03 -14.07 18.05
N SER B 139 -38.04 -13.68 17.27
CA SER B 139 -38.68 -14.57 16.31
C SER B 139 -38.23 -14.17 14.90
N GLY B 140 -37.24 -14.89 14.38
CA GLY B 140 -36.83 -14.73 13.00
C GLY B 140 -35.79 -13.64 12.81
N VAL B 141 -35.13 -13.69 11.66
CA VAL B 141 -34.13 -12.69 11.25
C VAL B 141 -34.26 -12.52 9.75
N ASP B 142 -33.77 -11.39 9.26
CA ASP B 142 -33.89 -11.04 7.86
C ASP B 142 -33.13 -9.76 7.59
N MET B 143 -32.74 -9.58 6.33
CA MET B 143 -32.06 -8.39 5.85
C MET B 143 -32.74 -7.91 4.57
N PRO B 144 -33.23 -6.67 4.53
CA PRO B 144 -33.33 -5.69 5.62
C PRO B 144 -34.23 -6.22 6.73
N GLY B 145 -34.17 -5.68 7.94
CA GLY B 145 -34.78 -6.29 9.11
C GLY B 145 -36.21 -5.84 9.36
N ALA B 146 -36.75 -6.30 10.49
CA ALA B 146 -38.10 -5.93 10.88
C ALA B 146 -38.21 -4.43 11.15
N ASP B 147 -37.11 -3.80 11.55
CA ASP B 147 -37.09 -2.35 11.72
C ASP B 147 -37.37 -1.62 10.42
N TYR B 148 -36.75 -2.07 9.33
CA TYR B 148 -37.02 -1.48 8.02
C TYR B 148 -38.46 -1.73 7.59
N GLN B 149 -38.94 -2.96 7.74
CA GLN B 149 -40.34 -3.25 7.43
C GLN B 149 -41.28 -2.35 8.21
N LEU B 150 -41.02 -2.13 9.50
CA LEU B 150 -41.91 -1.30 10.30
C LEU B 150 -41.84 0.16 9.89
N THR B 151 -40.65 0.62 9.48
CA THR B 151 -40.52 1.99 8.99
C THR B 151 -41.43 2.22 7.78
N LYS B 152 -41.41 1.29 6.83
CA LYS B 152 -42.29 1.39 5.66
C LYS B 152 -43.76 1.33 6.07
N LEU B 153 -44.12 0.34 6.88
CA LEU B 153 -45.52 0.14 7.23
C LEU B 153 -46.10 1.33 8.00
N LEU B 154 -45.27 2.04 8.75
CA LEU B 154 -45.73 3.17 9.53
C LEU B 154 -45.57 4.50 8.82
N GLY B 155 -44.87 4.54 7.69
CA GLY B 155 -44.57 5.80 7.06
C GLY B 155 -43.72 6.71 7.93
N LEU B 156 -42.75 6.13 8.64
CA LEU B 156 -41.77 6.94 9.35
C LEU B 156 -40.82 7.59 8.35
N ARG B 157 -40.10 8.61 8.83
CA ARG B 157 -39.18 9.33 7.97
C ARG B 157 -38.09 8.39 7.48
N PRO B 158 -37.67 8.51 6.21
CA PRO B 158 -36.56 7.67 5.73
C PRO B 158 -35.29 7.83 6.54
N SER B 159 -35.15 8.94 7.27
CA SER B 159 -33.93 9.24 8.01
C SER B 159 -34.05 8.88 9.49
N VAL B 160 -35.03 8.07 9.86
CA VAL B 160 -35.10 7.63 11.26
C VAL B 160 -33.91 6.74 11.56
N ASN B 161 -33.28 6.96 12.70
CA ASN B 161 -32.15 6.15 13.16
C ASN B 161 -32.69 4.85 13.73
N ARG B 162 -32.46 3.74 13.03
CA ARG B 162 -32.99 2.44 13.40
C ARG B 162 -31.91 1.62 14.10
N LEU B 163 -32.32 0.90 15.15
CA LEU B 163 -31.52 -0.13 15.81
C LEU B 163 -32.33 -1.42 15.77
N MET B 164 -31.74 -2.47 15.19
CA MET B 164 -32.43 -3.74 14.99
C MET B 164 -31.83 -4.76 15.95
N MET B 165 -32.63 -5.21 16.92
CA MET B 165 -32.17 -6.12 17.97
C MET B 165 -32.77 -7.50 17.70
N TYR B 166 -31.97 -8.40 17.14
CA TYR B 166 -32.43 -9.73 16.78
C TYR B 166 -31.95 -10.77 17.79
N GLN B 167 -32.79 -11.76 18.03
CA GLN B 167 -32.39 -12.98 18.74
C GLN B 167 -31.88 -12.66 20.14
N GLN B 168 -32.57 -11.77 20.84
CA GLN B 168 -32.08 -11.33 22.13
C GLN B 168 -32.53 -12.23 23.27
N GLY B 169 -33.82 -12.57 23.32
CA GLY B 169 -34.34 -13.38 24.41
C GLY B 169 -35.23 -12.60 25.35
N PHE B 171 -34.95 -11.17 28.13
CA PHE B 171 -34.47 -10.07 28.95
C PHE B 171 -34.47 -8.76 28.17
N ALA B 172 -34.75 -8.84 26.87
CA ALA B 172 -34.58 -7.68 26.00
C ALA B 172 -35.63 -6.61 26.19
N GLY B 173 -36.71 -6.88 26.92
CA GLY B 173 -37.62 -5.81 27.30
C GLY B 173 -36.92 -4.74 28.12
N GLY B 174 -35.96 -5.13 28.95
CA GLY B 174 -35.15 -4.15 29.65
C GLY B 174 -34.06 -3.58 28.76
N THR B 175 -33.49 -4.42 27.88
CA THR B 175 -32.44 -3.95 27.00
C THR B 175 -32.92 -2.78 26.14
N VAL B 176 -34.16 -2.85 25.64
CA VAL B 176 -34.65 -1.81 24.74
C VAL B 176 -34.85 -0.49 25.49
N LEU B 177 -35.24 -0.54 26.77
CA LEU B 177 -35.32 0.68 27.55
C LEU B 177 -33.93 1.24 27.83
N ARG B 178 -32.94 0.36 28.05
CA ARG B 178 -31.56 0.80 28.25
C ARG B 178 -31.00 1.44 26.98
N VAL B 179 -31.35 0.90 25.81
CA VAL B 179 -30.96 1.53 24.56
C VAL B 179 -31.68 2.86 24.37
N ALA B 180 -33.01 2.86 24.53
CA ALA B 180 -33.78 4.08 24.33
C ALA B 180 -33.39 5.18 25.29
N LYS B 181 -32.97 4.82 26.50
CA LYS B 181 -32.54 5.82 27.48
C LYS B 181 -31.41 6.67 26.94
N ASP B 182 -30.38 6.04 26.36
CA ASP B 182 -29.22 6.80 25.90
C ASP B 182 -29.50 7.54 24.61
N LEU B 183 -30.33 6.99 23.73
CA LEU B 183 -30.70 7.69 22.50
C LEU B 183 -31.43 9.00 22.80
N ALA B 184 -32.47 8.94 23.64
CA ALA B 184 -33.25 10.13 23.93
C ALA B 184 -32.41 11.17 24.69
N GLU B 185 -31.65 10.72 25.67
CA GLU B 185 -30.96 11.63 26.59
C GLU B 185 -29.79 12.35 25.94
N ASN B 186 -29.16 11.74 24.94
CA ASN B 186 -27.95 12.28 24.32
C ASN B 186 -28.24 13.09 23.05
N ASN B 187 -29.50 13.14 22.62
CA ASN B 187 -29.86 13.80 21.36
C ASN B 187 -31.02 14.74 21.62
N ARG B 188 -30.75 16.05 21.57
CA ARG B 188 -31.79 17.05 21.74
C ARG B 188 -32.95 16.80 20.80
N GLY B 189 -34.16 16.74 21.35
CA GLY B 189 -35.37 16.59 20.58
C GLY B 189 -35.69 15.16 20.15
N ALA B 190 -34.83 14.20 20.47
CA ALA B 190 -35.03 12.84 20.01
C ALA B 190 -36.29 12.23 20.62
N ARG B 191 -37.07 11.57 19.77
CA ARG B 191 -38.28 10.86 20.19
C ARG B 191 -38.17 9.43 19.68
N VAL B 192 -38.03 8.49 20.59
CA VAL B 192 -37.64 7.12 20.29
C VAL B 192 -38.88 6.24 20.32
N LEU B 193 -39.16 5.58 19.19
CA LEU B 193 -40.18 4.54 19.15
C LEU B 193 -39.52 3.21 19.47
N VAL B 194 -40.01 2.54 20.51
CA VAL B 194 -39.49 1.26 20.97
C VAL B 194 -40.57 0.21 20.73
N VAL B 195 -40.23 -0.84 19.99
CA VAL B 195 -41.18 -1.87 19.62
C VAL B 195 -40.56 -3.24 19.87
N CYS B 196 -41.19 -4.01 20.76
CA CYS B 196 -40.88 -5.42 20.98
C CYS B 196 -42.05 -6.24 20.47
N SER B 197 -41.77 -7.17 19.56
CA SER B 197 -42.79 -7.98 18.92
C SER B 197 -42.29 -9.42 18.90
N GLU B 198 -43.09 -10.34 19.43
CA GLU B 198 -42.68 -11.73 19.57
C GLU B 198 -43.80 -12.65 19.09
N ILE B 199 -43.43 -13.66 18.32
CA ILE B 199 -44.37 -14.61 17.71
C ILE B 199 -43.77 -16.00 17.80
N THR B 200 -44.49 -16.93 18.43
CA THR B 200 -43.93 -18.21 18.81
C THR B 200 -43.87 -19.22 17.65
N ALA B 201 -44.12 -18.81 16.40
CA ALA B 201 -44.06 -19.76 15.30
C ALA B 201 -42.66 -20.32 15.09
N VAL B 202 -41.63 -19.67 15.64
CA VAL B 202 -40.28 -20.20 15.47
C VAL B 202 -39.94 -21.28 16.48
N THR B 203 -40.58 -21.26 17.65
CA THR B 203 -40.30 -22.25 18.71
C THR B 203 -41.39 -23.31 18.84
N PHE B 204 -42.57 -23.11 18.25
CA PHE B 204 -43.63 -24.09 18.39
C PHE B 204 -43.20 -25.40 17.73
N ARG B 205 -43.29 -26.48 18.50
CA ARG B 205 -42.96 -27.82 17.99
C ARG B 205 -43.66 -28.85 18.86
N GLY B 206 -43.76 -30.07 18.32
CA GLY B 206 -44.39 -31.17 19.00
C GLY B 206 -43.62 -31.64 20.21
N PRO B 207 -44.21 -32.53 21.00
CA PRO B 207 -43.57 -32.99 22.23
C PRO B 207 -42.64 -34.18 22.02
N SER B 208 -41.68 -34.29 22.94
CA SER B 208 -40.75 -35.41 22.98
C SER B 208 -40.55 -35.78 24.44
N GLU B 209 -40.60 -37.09 24.73
CA GLU B 209 -40.53 -37.52 26.12
C GLU B 209 -39.17 -37.29 26.74
N SER B 210 -38.11 -37.19 25.93
CA SER B 210 -36.77 -36.97 26.45
C SER B 210 -36.37 -35.50 26.44
N HIS B 211 -37.32 -34.60 26.17
CA HIS B 211 -37.04 -33.17 26.12
C HIS B 211 -38.20 -32.42 26.78
N LEU B 212 -38.27 -32.58 28.11
CA LEU B 212 -39.31 -31.91 28.89
C LEU B 212 -39.04 -30.42 29.02
N ASP B 213 -37.78 -29.99 28.92
CA ASP B 213 -37.51 -28.56 28.96
C ASP B 213 -38.12 -27.86 27.75
N SER B 214 -38.08 -28.51 26.59
CA SER B 214 -38.76 -27.96 25.43
C SER B 214 -40.27 -27.94 25.65
N LEU B 215 -40.80 -29.01 26.28
CA LEU B 215 -42.25 -29.07 26.50
C LEU B 215 -42.73 -27.94 27.42
N VAL B 216 -41.92 -27.56 28.41
CA VAL B 216 -42.31 -26.45 29.29
C VAL B 216 -42.49 -25.17 28.48
N GLY B 217 -41.62 -24.94 27.49
CA GLY B 217 -41.78 -23.76 26.66
C GLY B 217 -43.10 -23.73 25.93
N GLN B 218 -43.57 -24.89 25.47
CA GLN B 218 -44.88 -24.98 24.84
C GLN B 218 -46.00 -24.56 25.79
N ALA B 219 -45.76 -24.68 27.11
CA ALA B 219 -46.77 -24.30 28.09
C ALA B 219 -46.77 -22.80 28.40
N LEU B 220 -45.63 -22.12 28.27
CA LEU B 220 -45.50 -20.76 28.77
C LEU B 220 -45.52 -19.68 27.69
N PHE B 221 -44.99 -19.94 26.50
CA PHE B 221 -44.73 -18.86 25.55
C PHE B 221 -45.97 -18.50 24.76
N GLY B 222 -46.26 -17.20 24.69
CA GLY B 222 -47.34 -16.66 23.87
C GLY B 222 -46.85 -15.54 22.97
N ASP B 223 -47.78 -15.06 22.13
CA ASP B 223 -47.50 -14.03 21.15
C ASP B 223 -47.99 -12.66 21.63
N GLY B 224 -47.24 -11.62 21.30
CA GLY B 224 -47.65 -10.26 21.63
C GLY B 224 -46.64 -9.27 21.08
N ALA B 225 -47.03 -8.01 21.09
CA ALA B 225 -46.13 -6.92 20.73
C ALA B 225 -46.48 -5.70 21.57
N ALA B 226 -45.46 -4.93 21.92
CA ALA B 226 -45.66 -3.75 22.75
C ALA B 226 -44.82 -2.61 22.21
N ALA B 227 -45.36 -1.41 22.34
CA ALA B 227 -44.71 -0.23 21.81
C ALA B 227 -44.66 0.86 22.87
N VAL B 228 -43.54 1.57 22.92
CA VAL B 228 -43.32 2.65 23.88
C VAL B 228 -42.61 3.78 23.14
N ILE B 229 -43.01 5.02 23.42
CA ILE B 229 -42.35 6.20 22.87
C ILE B 229 -41.60 6.90 23.99
N VAL B 230 -40.30 7.12 23.78
CA VAL B 230 -39.39 7.63 24.81
C VAL B 230 -38.78 8.95 24.35
N GLY B 231 -38.73 9.91 25.26
CA GLY B 231 -38.08 11.17 24.99
C GLY B 231 -37.69 11.85 26.27
N ALA B 232 -36.67 12.71 26.18
CA ALA B 232 -36.32 13.62 27.25
C ALA B 232 -36.91 14.99 26.96
N ASP B 233 -37.06 15.80 28.01
CA ASP B 233 -37.56 17.15 27.90
C ASP B 233 -38.95 17.16 27.24
N PRO B 234 -39.97 16.51 27.83
CA PRO B 234 -41.32 16.53 27.27
C PRO B 234 -41.90 17.93 27.09
N ASP B 235 -42.78 18.08 26.12
CA ASP B 235 -43.49 19.38 25.99
C ASP B 235 -44.61 19.31 27.03
N GLU B 236 -44.73 20.39 27.77
CA GLU B 236 -45.70 20.32 28.90
C GLU B 236 -47.14 20.28 28.42
N ARG B 237 -47.48 21.05 27.39
CA ARG B 237 -48.87 21.10 26.94
C ARG B 237 -49.22 19.91 26.07
N ALA B 238 -48.25 19.38 25.34
CA ALA B 238 -48.57 18.37 24.32
C ALA B 238 -48.18 16.95 24.74
N GLU B 239 -47.31 16.78 25.75
CA GLU B 239 -47.00 15.36 26.08
C GLU B 239 -47.31 14.98 27.54
N ARG B 240 -47.46 13.68 27.82
CA ARG B 240 -47.85 13.23 29.19
C ARG B 240 -46.89 12.18 29.75
N PRO B 241 -45.89 12.58 30.58
CA PRO B 241 -44.98 11.57 31.16
C PRO B 241 -45.73 10.53 31.98
N LEU B 242 -45.33 9.27 31.79
CA LEU B 242 -45.82 8.16 32.59
C LEU B 242 -44.77 7.62 33.54
N PHE B 243 -43.55 7.41 33.06
CA PHE B 243 -42.45 6.91 33.86
C PHE B 243 -41.16 7.60 33.45
N GLN B 244 -40.21 7.69 34.37
CA GLN B 244 -38.88 8.21 34.09
C GLN B 244 -37.86 7.10 34.23
N LEU B 245 -37.04 6.91 33.19
CA LEU B 245 -35.96 5.94 33.25
C LEU B 245 -34.78 6.57 33.99
N VAL B 246 -34.46 6.05 35.17
CA VAL B 246 -33.43 6.62 36.01
C VAL B 246 -32.05 6.03 35.70
N SER B 247 -31.95 4.69 35.72
CA SER B 247 -30.70 4.03 35.42
C SER B 247 -31.01 2.68 34.77
N ALA B 248 -29.99 2.11 34.13
CA ALA B 248 -30.15 0.82 33.47
C ALA B 248 -28.84 0.06 33.56
N ALA B 249 -28.93 -1.22 33.90
CA ALA B 249 -27.75 -2.06 34.08
C ALA B 249 -28.03 -3.46 33.57
N GLN B 250 -26.98 -4.12 33.11
CA GLN B 250 -27.03 -5.51 32.68
C GLN B 250 -25.93 -6.28 33.39
N THR B 251 -26.25 -7.49 33.86
CA THR B 251 -25.24 -8.33 34.49
C THR B 251 -25.46 -9.79 34.10
N LEU B 252 -24.41 -10.58 34.26
CA LEU B 252 -24.46 -12.04 34.06
C LEU B 252 -24.32 -12.74 35.41
N LEU B 253 -25.20 -13.71 35.66
CA LEU B 253 -25.26 -14.27 37.01
C LEU B 253 -24.16 -15.32 37.20
N PRO B 254 -23.49 -15.33 38.36
CA PRO B 254 -22.47 -16.36 38.58
C PRO B 254 -23.08 -17.75 38.60
N ASP B 255 -22.33 -18.72 38.08
CA ASP B 255 -22.73 -20.13 38.09
C ASP B 255 -24.02 -20.36 37.28
N SER B 256 -24.22 -19.58 36.22
CA SER B 256 -25.41 -19.69 35.40
C SER B 256 -25.13 -20.19 33.99
N GLU B 257 -23.89 -20.59 33.70
CA GLU B 257 -23.49 -21.02 32.35
C GLU B 257 -24.43 -22.09 31.82
N GLY B 258 -25.07 -21.78 30.69
CA GLY B 258 -25.95 -22.74 30.04
C GLY B 258 -27.32 -22.88 30.63
N ALA B 259 -27.75 -21.95 31.49
CA ALA B 259 -29.03 -22.12 32.17
C ALA B 259 -30.19 -22.01 31.19
N ILE B 260 -30.05 -21.17 30.17
CA ILE B 260 -31.08 -20.98 29.14
C ILE B 260 -30.34 -20.81 27.82
N ASP B 261 -30.45 -21.81 26.95
CA ASP B 261 -29.79 -21.79 25.65
C ASP B 261 -30.86 -21.90 24.56
N GLY B 262 -30.62 -21.22 23.45
CA GLY B 262 -31.53 -21.23 22.32
C GLY B 262 -30.75 -21.19 21.03
N HIS B 263 -31.01 -22.14 20.14
CA HIS B 263 -30.25 -22.29 18.90
C HIS B 263 -31.18 -22.20 17.71
N LEU B 264 -30.84 -21.35 16.75
CA LEU B 264 -31.57 -21.28 15.48
C LEU B 264 -31.02 -22.35 14.54
N ARG B 265 -31.77 -23.42 14.36
CA ARG B 265 -31.36 -24.56 13.56
C ARG B 265 -32.34 -24.77 12.40
N GLU B 266 -32.09 -25.81 11.61
CA GLU B 266 -32.95 -26.09 10.46
C GLU B 266 -34.35 -26.54 10.89
N VAL B 267 -34.53 -26.95 12.14
CA VAL B 267 -35.84 -27.33 12.66
C VAL B 267 -36.47 -26.14 13.37
N GLY B 268 -35.84 -24.98 13.24
CA GLY B 268 -36.32 -23.78 13.91
C GLY B 268 -35.54 -23.49 15.18
N LEU B 269 -36.14 -22.66 16.03
CA LEU B 269 -35.52 -22.22 17.27
C LEU B 269 -35.80 -23.23 18.37
N THR B 270 -34.75 -23.88 18.86
CA THR B 270 -34.85 -24.83 19.95
C THR B 270 -34.58 -24.15 21.29
N PHE B 271 -34.99 -24.81 22.36
CA PHE B 271 -35.06 -24.21 23.69
C PHE B 271 -34.55 -25.25 24.69
N HIS B 272 -33.57 -24.85 25.51
CA HIS B 272 -32.89 -25.77 26.42
C HIS B 272 -32.65 -25.10 27.77
N LEU B 273 -33.04 -25.79 28.84
CA LEU B 273 -32.78 -25.34 30.21
C LEU B 273 -31.85 -26.33 30.91
N LEU B 274 -31.14 -25.86 31.94
CA LEU B 274 -30.12 -26.75 32.48
C LEU B 274 -29.76 -26.52 33.96
N LYS B 275 -30.16 -25.40 34.56
CA LYS B 275 -29.58 -25.03 35.86
C LYS B 275 -30.52 -24.27 36.80
N ASP B 276 -31.78 -24.71 36.94
CA ASP B 276 -32.69 -24.15 37.95
C ASP B 276 -32.69 -22.62 37.92
N VAL B 277 -33.35 -22.11 36.88
CA VAL B 277 -33.42 -20.66 36.68
C VAL B 277 -34.07 -19.93 37.85
N PRO B 278 -35.17 -20.41 38.46
CA PRO B 278 -35.71 -19.66 39.61
C PRO B 278 -34.73 -19.54 40.76
N GLY B 279 -33.93 -20.57 41.03
CA GLY B 279 -32.95 -20.47 42.09
C GLY B 279 -31.89 -19.43 41.81
N LEU B 280 -31.40 -19.37 40.57
CA LEU B 280 -30.30 -18.47 40.24
C LEU B 280 -30.74 -17.02 40.28
N ILE B 281 -31.98 -16.73 39.87
CA ILE B 281 -32.44 -15.35 39.87
C ILE B 281 -32.69 -14.87 41.29
N SER B 282 -33.41 -15.68 42.10
CA SER B 282 -33.72 -15.25 43.46
C SER B 282 -32.48 -15.24 44.34
N LYS B 283 -31.58 -16.23 44.18
CA LYS B 283 -30.31 -16.22 44.89
C LYS B 283 -29.53 -14.95 44.63
N ASN B 284 -29.84 -14.29 43.53
CA ASN B 284 -29.02 -13.21 43.02
C ASN B 284 -29.76 -11.88 42.92
N ILE B 285 -31.08 -11.86 43.13
CA ILE B 285 -31.87 -10.65 42.89
C ILE B 285 -31.50 -9.53 43.86
N GLU B 286 -31.14 -9.87 45.10
CA GLU B 286 -30.86 -8.84 46.10
C GLU B 286 -29.61 -8.04 45.75
N ARG B 287 -28.63 -8.72 45.16
CA ARG B 287 -27.40 -8.04 44.75
C ARG B 287 -27.74 -6.96 43.71
N ALA B 288 -28.62 -7.29 42.78
CA ALA B 288 -29.01 -6.36 41.73
C ALA B 288 -29.83 -5.20 42.29
N LEU B 289 -30.71 -5.48 43.25
CA LEU B 289 -31.45 -4.41 43.92
C LEU B 289 -30.51 -3.46 44.64
N GLU B 290 -29.55 -4.00 45.39
CA GLU B 290 -28.62 -3.14 46.11
C GLU B 290 -27.73 -2.36 45.14
N ALA B 291 -27.30 -2.99 44.05
CA ALA B 291 -26.48 -2.28 43.07
C ALA B 291 -27.23 -1.08 42.49
N ALA B 292 -28.54 -1.25 42.26
CA ALA B 292 -29.33 -0.20 41.61
C ALA B 292 -29.83 0.86 42.59
N PHE B 293 -30.11 0.48 43.84
CA PHE B 293 -30.79 1.38 44.76
C PHE B 293 -29.95 1.85 45.94
N ALA B 294 -28.88 1.15 46.31
CA ALA B 294 -27.99 1.69 47.33
C ALA B 294 -27.43 3.07 46.97
N PRO B 295 -27.07 3.38 45.72
CA PRO B 295 -26.66 4.76 45.41
C PRO B 295 -27.76 5.78 45.61
N LEU B 296 -29.00 5.35 45.76
CA LEU B 296 -30.12 6.26 45.89
C LEU B 296 -30.73 6.25 47.29
N GLY B 297 -30.14 5.52 48.23
CA GLY B 297 -30.59 5.52 49.60
C GLY B 297 -31.82 4.69 49.90
N ILE B 298 -32.21 3.79 48.99
CA ILE B 298 -33.34 2.90 49.20
C ILE B 298 -32.83 1.49 49.50
N SER B 299 -33.54 0.81 50.40
CA SER B 299 -33.18 -0.54 50.82
C SER B 299 -34.42 -1.37 51.10
N ASP B 300 -35.58 -0.73 51.22
CA ASP B 300 -36.84 -1.43 51.47
C ASP B 300 -37.47 -1.77 50.12
N TRP B 301 -37.32 -3.03 49.71
CA TRP B 301 -37.84 -3.48 48.43
C TRP B 301 -39.37 -3.57 48.39
N ASN B 302 -40.05 -3.27 49.50
CA ASN B 302 -41.49 -3.09 49.48
C ASN B 302 -41.91 -1.65 49.27
N SER B 303 -40.96 -0.70 49.31
CA SER B 303 -41.25 0.71 49.14
C SER B 303 -41.18 1.16 47.68
N ILE B 304 -41.01 0.23 46.75
CA ILE B 304 -40.89 0.55 45.33
C ILE B 304 -41.83 -0.36 44.56
N PHE B 305 -42.33 0.13 43.42
CA PHE B 305 -43.18 -0.72 42.59
C PHE B 305 -42.30 -1.63 41.74
N TRP B 306 -42.85 -2.80 41.40
CA TRP B 306 -42.10 -3.87 40.77
C TRP B 306 -42.66 -4.18 39.39
N VAL B 307 -41.76 -4.30 38.40
CA VAL B 307 -42.06 -4.86 37.10
C VAL B 307 -41.02 -5.94 36.84
N ALA B 308 -41.44 -7.21 36.83
CA ALA B 308 -40.51 -8.31 36.62
C ALA B 308 -40.96 -9.15 35.44
N HIS B 309 -39.99 -9.62 34.66
CA HIS B 309 -40.33 -10.43 33.51
C HIS B 309 -40.87 -11.78 33.96
N PRO B 310 -42.12 -12.12 33.66
CA PRO B 310 -42.73 -13.37 34.16
C PRO B 310 -42.31 -14.59 33.35
N GLY B 311 -41.02 -14.93 33.42
CA GLY B 311 -40.52 -16.07 32.66
C GLY B 311 -41.29 -17.34 32.96
N GLY B 312 -41.66 -17.52 34.21
CA GLY B 312 -42.52 -18.59 34.66
C GLY B 312 -42.91 -18.28 36.10
N PRO B 313 -43.98 -18.91 36.58
CA PRO B 313 -44.43 -18.59 37.95
C PRO B 313 -43.40 -18.87 39.01
N ALA B 314 -42.56 -19.90 38.82
CA ALA B 314 -41.60 -20.27 39.84
C ALA B 314 -40.59 -19.16 40.07
N ILE B 315 -40.24 -18.42 39.02
CA ILE B 315 -39.31 -17.30 39.18
C ILE B 315 -39.90 -16.24 40.08
N LEU B 316 -41.17 -15.92 39.86
CA LEU B 316 -41.82 -14.87 40.66
C LEU B 316 -41.98 -15.33 42.11
N ASP B 317 -42.44 -16.57 42.31
CA ASP B 317 -42.65 -17.09 43.66
C ASP B 317 -41.38 -16.98 44.50
N GLN B 318 -40.28 -17.52 43.98
CA GLN B 318 -39.04 -17.58 44.75
C GLN B 318 -38.43 -16.20 44.95
N VAL B 319 -38.56 -15.31 43.96
CA VAL B 319 -38.06 -13.95 44.13
C VAL B 319 -38.89 -13.22 45.17
N GLU B 320 -40.22 -13.35 45.09
CA GLU B 320 -41.10 -12.72 46.07
C GLU B 320 -40.80 -13.21 47.48
N ALA B 321 -40.52 -14.50 47.64
CA ALA B 321 -40.25 -15.07 48.95
C ALA B 321 -38.85 -14.70 49.46
N LYS B 322 -37.90 -14.51 48.56
CA LYS B 322 -36.53 -14.23 48.99
C LYS B 322 -36.42 -12.87 49.67
N VAL B 323 -37.16 -11.88 49.17
CA VAL B 323 -37.12 -10.53 49.73
C VAL B 323 -38.41 -10.18 50.47
N SER B 324 -39.24 -11.19 50.76
CA SER B 324 -40.48 -11.01 51.53
C SER B 324 -41.35 -9.90 50.96
N LEU B 325 -41.64 -9.98 49.66
CA LEU B 325 -42.43 -8.97 48.99
C LEU B 325 -43.91 -9.14 49.31
N ASP B 326 -44.58 -8.03 49.62
CA ASP B 326 -46.02 -8.04 49.79
C ASP B 326 -46.69 -8.44 48.47
N LYS B 327 -47.76 -9.23 48.57
CA LYS B 327 -48.40 -9.84 47.40
C LYS B 327 -48.83 -8.81 46.36
N ALA B 328 -49.02 -7.55 46.76
CA ALA B 328 -49.46 -6.52 45.83
C ALA B 328 -48.35 -6.07 44.89
N ARG B 329 -47.08 -6.20 45.29
CA ARG B 329 -45.98 -5.75 44.44
C ARG B 329 -45.89 -6.54 43.15
N MET B 330 -46.22 -7.82 43.19
CA MET B 330 -46.13 -8.70 42.03
C MET B 330 -47.46 -8.79 41.27
N ARG B 331 -48.44 -7.94 41.62
CA ARG B 331 -49.79 -8.15 41.12
C ARG B 331 -49.85 -7.91 39.61
N ALA B 332 -49.42 -6.73 39.15
CA ALA B 332 -49.53 -6.43 37.73
C ALA B 332 -48.76 -7.43 36.88
N THR B 333 -47.57 -7.85 37.36
CA THR B 333 -46.79 -8.86 36.65
C THR B 333 -47.56 -10.16 36.51
N ARG B 334 -48.15 -10.64 37.60
CA ARG B 334 -48.87 -11.91 37.54
C ARG B 334 -50.13 -11.80 36.67
N HIS B 335 -50.76 -10.62 36.64
CA HIS B 335 -51.94 -10.46 35.79
C HIS B 335 -51.58 -10.60 34.32
N VAL B 336 -50.45 -10.01 33.89
CA VAL B 336 -50.05 -10.11 32.49
C VAL B 336 -49.68 -11.55 32.16
N LEU B 337 -48.97 -12.23 33.07
CA LEU B 337 -48.65 -13.63 32.86
C LEU B 337 -49.92 -14.45 32.68
N ALA B 338 -50.97 -14.13 33.44
CA ALA B 338 -52.19 -14.96 33.43
C ALA B 338 -52.98 -14.75 32.15
N GLU B 339 -53.06 -13.53 31.66
CA GLU B 339 -53.87 -13.18 30.50
C GLU B 339 -53.11 -13.21 29.19
N TYR B 340 -51.80 -13.37 29.22
CA TYR B 340 -50.98 -13.30 28.00
C TYR B 340 -49.89 -14.35 27.90
N GLY B 341 -49.54 -15.05 28.98
CA GLY B 341 -48.41 -15.95 28.96
C GLY B 341 -47.09 -15.19 28.94
N ASN B 342 -46.04 -15.94 28.60
CA ASN B 342 -44.68 -15.39 28.53
C ASN B 342 -44.47 -14.92 27.10
N MET B 343 -44.63 -13.62 26.88
CA MET B 343 -44.44 -12.98 25.59
C MET B 343 -43.00 -12.50 25.39
N SER B 344 -42.04 -13.11 26.09
CA SER B 344 -40.60 -12.83 25.93
C SER B 344 -40.38 -11.33 26.14
N SER B 345 -39.63 -10.65 25.26
CA SER B 345 -39.19 -9.28 25.54
C SER B 345 -40.35 -8.32 25.80
N ALA B 346 -41.51 -8.56 25.19
CA ALA B 346 -42.60 -7.60 25.32
C ALA B 346 -43.26 -7.61 26.68
N CYS B 347 -42.99 -8.60 27.54
CA CYS B 347 -43.79 -8.77 28.76
C CYS B 347 -43.72 -7.55 29.67
N VAL B 348 -42.50 -7.09 29.96
CA VAL B 348 -42.34 -6.00 30.93
C VAL B 348 -43.02 -4.73 30.43
N LEU B 349 -43.08 -4.54 29.11
CA LEU B 349 -43.79 -3.39 28.55
C LEU B 349 -45.30 -3.53 28.72
N PHE B 350 -45.83 -4.75 28.53
CA PHE B 350 -47.23 -5.00 28.87
C PHE B 350 -47.50 -4.70 30.34
N ILE B 351 -46.59 -5.13 31.24
CA ILE B 351 -46.82 -4.93 32.66
C ILE B 351 -46.79 -3.45 33.00
N LEU B 352 -45.84 -2.71 32.40
CA LEU B 352 -45.77 -1.27 32.61
C LEU B 352 -47.09 -0.59 32.21
N ASP B 353 -47.64 -0.96 31.06
CA ASP B 353 -48.95 -0.46 30.66
C ASP B 353 -50.02 -0.80 31.67
N GLU B 354 -50.11 -2.08 32.05
CA GLU B 354 -51.09 -2.51 33.04
C GLU B 354 -50.96 -1.71 34.34
N MET B 355 -49.72 -1.43 34.76
CA MET B 355 -49.52 -0.76 36.03
C MET B 355 -50.01 0.68 35.98
N ARG B 356 -49.60 1.45 34.96
CA ARG B 356 -50.05 2.83 34.86
C ARG B 356 -51.56 2.93 34.63
N LYS B 357 -52.14 1.98 33.90
CA LYS B 357 -53.60 1.98 33.71
C LYS B 357 -54.32 1.63 35.01
N ARG B 358 -53.94 0.52 35.65
CA ARG B 358 -54.58 0.13 36.90
C ARG B 358 -54.38 1.19 37.98
N SER B 359 -53.21 1.83 38.00
CA SER B 359 -52.99 2.93 38.93
C SER B 359 -53.91 4.09 38.63
N ALA B 360 -54.33 4.24 37.36
CA ALA B 360 -55.25 5.32 36.99
C ALA B 360 -56.70 4.91 37.22
N GLU B 361 -57.06 3.66 36.89
CA GLU B 361 -58.41 3.17 37.16
C GLU B 361 -58.73 3.33 38.64
N ASP B 362 -57.98 2.63 39.50
CA ASP B 362 -58.00 2.93 40.92
C ASP B 362 -57.46 4.34 41.14
N GLY B 363 -57.60 4.83 42.37
CA GLY B 363 -57.20 6.20 42.63
C GLY B 363 -55.81 6.37 43.22
N CYS B 364 -54.82 5.66 42.69
CA CYS B 364 -53.47 5.78 43.22
C CYS B 364 -52.89 7.15 42.90
N ALA B 365 -51.95 7.59 43.75
CA ALA B 365 -51.36 8.91 43.59
C ALA B 365 -50.37 8.98 42.43
N THR B 366 -49.68 7.89 42.12
CA THR B 366 -48.67 7.89 41.07
C THR B 366 -48.98 6.79 40.06
N THR B 367 -48.35 6.90 38.88
CA THR B 367 -48.48 5.86 37.86
C THR B 367 -47.90 4.54 38.31
N GLY B 368 -47.06 4.55 39.35
CA GLY B 368 -46.48 3.34 39.87
C GLY B 368 -47.15 2.87 41.15
N GLU B 369 -48.49 2.75 41.10
CA GLU B 369 -49.27 2.21 42.22
C GLU B 369 -49.14 3.06 43.47
N GLY B 370 -48.97 4.37 43.30
CA GLY B 370 -48.84 5.28 44.41
C GLY B 370 -47.43 5.46 44.94
N LEU B 371 -46.47 4.68 44.47
CA LEU B 371 -45.09 4.79 44.94
C LEU B 371 -44.28 5.64 43.97
N ASP B 372 -43.14 6.13 44.44
CA ASP B 372 -42.34 7.07 43.65
C ASP B 372 -41.27 6.38 42.80
N TRP B 373 -40.55 5.42 43.37
CA TRP B 373 -39.48 4.72 42.69
C TRP B 373 -39.94 3.31 42.35
N GLY B 374 -39.36 2.76 41.28
CA GLY B 374 -39.72 1.43 40.84
C GLY B 374 -38.55 0.74 40.18
N VAL B 375 -38.67 -0.58 40.07
CA VAL B 375 -37.62 -1.41 39.49
C VAL B 375 -38.23 -2.29 38.41
N LEU B 376 -37.57 -2.38 37.27
CA LEU B 376 -37.95 -3.25 36.17
C LEU B 376 -36.84 -4.25 35.93
N PHE B 377 -37.22 -5.53 35.82
CA PHE B 377 -36.26 -6.62 35.64
C PHE B 377 -36.54 -7.37 34.35
N GLY B 378 -35.51 -7.60 33.57
CA GLY B 378 -35.54 -8.57 32.47
C GLY B 378 -34.63 -9.74 32.82
N PHE B 379 -35.10 -10.96 32.53
CA PHE B 379 -34.33 -12.18 32.75
C PHE B 379 -34.26 -12.97 31.45
N GLY B 380 -33.10 -13.51 31.13
CA GLY B 380 -33.01 -14.36 29.97
C GLY B 380 -31.69 -15.09 29.85
N PRO B 381 -31.38 -15.56 28.65
CA PRO B 381 -30.17 -16.34 28.43
C PRO B 381 -28.92 -15.58 28.87
N GLY B 382 -28.04 -16.31 29.57
CA GLY B 382 -26.82 -15.72 30.10
C GLY B 382 -26.26 -16.51 31.26
N LEU B 383 -26.94 -16.54 32.40
CA LEU B 383 -28.21 -15.89 32.73
C LEU B 383 -28.05 -14.39 32.84
N THR B 384 -28.77 -13.67 32.00
CA THR B 384 -28.73 -12.21 31.99
C THR B 384 -29.86 -11.64 32.83
N VAL B 385 -29.53 -10.63 33.62
CA VAL B 385 -30.50 -9.84 34.36
C VAL B 385 -30.34 -8.40 33.92
N GLU B 386 -31.43 -7.80 33.45
CA GLU B 386 -31.46 -6.36 33.18
C GLU B 386 -32.22 -5.67 34.30
N THR B 387 -31.64 -4.59 34.81
CA THR B 387 -32.23 -3.83 35.90
C THR B 387 -32.37 -2.37 35.46
N VAL B 388 -33.62 -1.91 35.37
CA VAL B 388 -33.93 -0.53 35.01
C VAL B 388 -34.62 0.11 36.21
N VAL B 389 -34.01 1.14 36.76
CA VAL B 389 -34.65 1.92 37.82
C VAL B 389 -35.62 2.90 37.19
N LEU B 390 -36.86 2.88 37.66
CA LEU B 390 -37.90 3.78 37.19
C LEU B 390 -38.30 4.75 38.29
N HIS B 391 -38.87 5.87 37.87
CA HIS B 391 -39.55 6.78 38.77
C HIS B 391 -40.93 7.05 38.20
N SER B 392 -41.95 6.94 39.04
CA SER B 392 -43.32 7.13 38.60
C SER B 392 -43.61 8.60 38.35
N VAL B 393 -44.83 8.87 37.90
CA VAL B 393 -45.30 10.24 37.66
C VAL B 393 -46.56 10.45 38.48
N PRO B 394 -46.72 11.59 39.17
CA PRO B 394 -47.95 11.82 39.93
C PRO B 394 -49.16 11.91 39.02
N ILE B 395 -50.22 11.20 39.40
CA ILE B 395 -51.45 11.16 38.62
C ILE B 395 -52.25 12.45 38.81
N VAL C 8 57.73 -18.66 -10.89
CA VAL C 8 57.44 -17.30 -11.33
C VAL C 8 55.92 -17.14 -11.29
N THR C 9 55.44 -15.91 -11.37
CA THR C 9 54.01 -15.64 -11.43
C THR C 9 53.49 -15.89 -12.84
N VAL C 10 52.33 -16.54 -12.90
CA VAL C 10 51.64 -16.82 -14.16
C VAL C 10 50.35 -16.00 -14.14
N GLU C 11 49.96 -15.46 -15.31
CA GLU C 11 48.71 -14.70 -15.33
C GLU C 11 47.49 -15.61 -15.22
N GLU C 12 47.63 -16.90 -15.53
CA GLU C 12 46.57 -17.86 -15.22
C GLU C 12 46.44 -18.03 -13.70
N VAL C 13 47.57 -18.09 -13.00
CA VAL C 13 47.53 -18.08 -11.54
C VAL C 13 46.84 -16.82 -11.04
N ARG C 14 47.04 -15.70 -11.73
CA ARG C 14 46.40 -14.44 -11.34
C ARG C 14 44.88 -14.55 -11.40
N LYS C 15 44.34 -15.16 -12.45
CA LYS C 15 42.89 -15.22 -12.62
C LYS C 15 42.19 -15.99 -11.49
N ALA C 16 42.95 -16.54 -10.55
CA ALA C 16 42.37 -16.94 -9.27
C ALA C 16 41.91 -15.74 -8.44
N GLN C 17 42.11 -14.50 -8.93
CA GLN C 17 41.53 -13.28 -8.38
C GLN C 17 40.01 -13.21 -8.51
N ARG C 18 39.41 -14.27 -9.05
CA ARG C 18 37.99 -14.29 -9.40
C ARG C 18 37.13 -14.77 -8.24
N ALA C 19 35.84 -14.43 -8.31
CA ALA C 19 34.86 -14.91 -7.35
C ALA C 19 34.22 -16.20 -7.86
N SER C 20 33.47 -16.86 -6.97
CA SER C 20 32.95 -18.19 -7.25
C SER C 20 31.44 -18.21 -7.47
N GLY C 21 30.66 -17.66 -6.55
CA GLY C 21 29.22 -17.75 -6.63
C GLY C 21 28.59 -16.68 -7.50
N PRO C 22 27.27 -16.65 -7.53
CA PRO C 22 26.58 -15.59 -8.28
C PRO C 22 26.52 -14.29 -7.49
N ALA C 23 26.32 -13.21 -8.23
CA ALA C 23 26.18 -11.90 -7.62
C ALA C 23 24.87 -11.84 -6.84
N THR C 24 24.93 -11.30 -5.63
CA THR C 24 23.79 -11.29 -4.74
C THR C 24 23.55 -9.89 -4.20
N VAL C 25 22.29 -9.48 -4.15
CA VAL C 25 21.88 -8.28 -3.43
C VAL C 25 21.89 -8.56 -1.93
N LEU C 26 22.66 -7.78 -1.17
CA LEU C 26 22.81 -7.95 0.27
C LEU C 26 22.14 -6.86 1.10
N ALA C 27 21.76 -5.74 0.49
CA ALA C 27 21.08 -4.65 1.19
C ALA C 27 20.52 -3.67 0.16
N ILE C 28 19.38 -3.06 0.51
CA ILE C 28 18.76 -2.00 -0.28
C ILE C 28 18.41 -0.85 0.66
N GLY C 29 18.71 0.38 0.23
CA GLY C 29 18.26 1.56 0.94
C GLY C 29 17.77 2.61 -0.03
N THR C 30 16.81 3.42 0.43
CA THR C 30 16.20 4.44 -0.42
C THR C 30 16.05 5.75 0.35
N ALA C 31 15.97 6.85 -0.40
CA ALA C 31 15.83 8.17 0.18
C ALA C 31 15.26 9.09 -0.88
N THR C 32 14.53 10.12 -0.43
CA THR C 32 13.95 11.14 -1.29
C THR C 32 14.15 12.49 -0.61
N PRO C 33 14.00 13.59 -1.35
CA PRO C 33 13.92 14.90 -0.71
C PRO C 33 12.74 14.94 0.27
N ALA C 34 12.85 15.83 1.27
CA ALA C 34 11.78 15.92 2.26
C ALA C 34 10.54 16.63 1.72
N ASN C 35 10.72 17.58 0.80
CA ASN C 35 9.60 18.29 0.20
C ASN C 35 8.73 17.34 -0.60
N CYS C 36 7.47 17.20 -0.18
CA CYS C 36 6.53 16.29 -0.79
C CYS C 36 5.46 17.08 -1.51
N VAL C 37 5.20 16.74 -2.77
CA VAL C 37 4.16 17.39 -3.57
C VAL C 37 3.09 16.34 -3.88
N HIS C 38 1.86 16.62 -3.45
CA HIS C 38 0.74 15.71 -3.67
C HIS C 38 0.12 15.96 -5.04
N GLN C 39 -0.10 14.87 -5.79
CA GLN C 39 -0.58 14.97 -7.16
C GLN C 39 -1.93 15.67 -7.25
N ALA C 40 -2.77 15.56 -6.22
CA ALA C 40 -4.03 16.30 -6.22
C ALA C 40 -3.79 17.80 -6.30
N ASP C 41 -2.72 18.28 -5.71
CA ASP C 41 -2.41 19.70 -5.66
C ASP C 41 -1.55 20.16 -6.84
N TYR C 42 -0.92 19.23 -7.58
CA TYR C 42 0.11 19.64 -8.52
C TYR C 42 -0.41 20.45 -9.70
N PRO C 43 -1.51 20.07 -10.37
CA PRO C 43 -1.97 20.91 -11.50
C PRO C 43 -2.15 22.37 -11.14
N ASP C 44 -2.75 22.67 -9.99
CA ASP C 44 -2.82 24.05 -9.53
C ASP C 44 -1.43 24.60 -9.22
N TYR C 45 -0.63 23.83 -8.48
CA TYR C 45 0.72 24.26 -8.12
C TYR C 45 1.56 24.52 -9.36
N TYR C 46 1.59 23.56 -10.29
CA TYR C 46 2.45 23.68 -11.46
C TYR C 46 2.06 24.90 -12.30
N PHE C 47 0.77 25.05 -12.60
CA PHE C 47 0.35 26.16 -13.44
C PHE C 47 0.47 27.50 -12.73
N ARG C 48 0.59 27.49 -11.40
CA ARG C 48 0.80 28.72 -10.67
C ARG C 48 2.25 29.18 -10.74
N VAL C 49 3.19 28.33 -10.30
CA VAL C 49 4.60 28.71 -10.26
C VAL C 49 5.15 29.00 -11.65
N THR C 50 4.52 28.47 -12.70
CA THR C 50 4.96 28.69 -14.07
C THR C 50 4.22 29.83 -14.75
N LYS C 51 3.43 30.61 -13.99
CA LYS C 51 2.68 31.75 -14.52
C LYS C 51 1.89 31.36 -15.77
N SER C 52 1.19 30.23 -15.69
CA SER C 52 0.50 29.66 -16.84
C SER C 52 -1.00 29.53 -16.64
N ASP C 53 -1.57 30.16 -15.59
CA ASP C 53 -2.99 30.00 -15.30
C ASP C 53 -3.86 30.45 -16.47
N HIS C 54 -3.40 31.40 -17.28
CA HIS C 54 -4.18 31.88 -18.40
C HIS C 54 -4.41 30.81 -19.46
N LEU C 55 -3.61 29.74 -19.46
CA LEU C 55 -3.78 28.66 -20.41
C LEU C 55 -4.73 27.61 -19.81
N THR C 56 -6.01 27.95 -19.82
CA THR C 56 -7.00 27.12 -19.14
C THR C 56 -7.23 25.80 -19.90
N ASP C 57 -7.22 25.86 -21.23
CA ASP C 57 -7.38 24.63 -22.01
C ASP C 57 -6.21 23.67 -21.75
N LEU C 58 -4.99 24.21 -21.68
CA LEU C 58 -3.84 23.37 -21.39
C LEU C 58 -3.94 22.78 -19.99
N LYS C 59 -4.35 23.59 -19.00
CA LYS C 59 -4.42 23.10 -17.63
C LYS C 59 -5.41 21.95 -17.50
N GLU C 60 -6.51 21.99 -18.24
CA GLU C 60 -7.46 20.89 -18.21
C GLU C 60 -6.82 19.59 -18.71
N LYS C 61 -5.99 19.70 -19.75
CA LYS C 61 -5.22 18.54 -20.20
C LYS C 61 -4.27 18.04 -19.12
N PHE C 62 -3.65 18.96 -18.38
CA PHE C 62 -2.75 18.56 -17.30
C PHE C 62 -3.52 17.90 -16.17
N LYS C 63 -4.73 18.39 -15.88
CA LYS C 63 -5.55 17.79 -14.84
C LYS C 63 -5.88 16.35 -15.18
N ARG C 64 -6.28 16.09 -16.42
CA ARG C 64 -6.49 14.73 -16.86
C ARG C 64 -5.20 13.93 -16.78
N MET C 65 -4.08 14.54 -17.16
CA MET C 65 -2.80 13.85 -17.13
C MET C 65 -2.45 13.40 -15.71
N CYS C 66 -2.63 14.30 -14.74
CA CYS C 66 -2.28 13.98 -13.35
C CYS C 66 -3.30 13.03 -12.72
N ASP C 67 -4.58 13.17 -13.07
CA ASP C 67 -5.58 12.30 -12.47
C ASP C 67 -5.43 10.87 -12.96
N LYS C 68 -4.93 10.68 -14.17
CA LYS C 68 -4.73 9.34 -14.73
C LYS C 68 -3.32 8.82 -14.54
N SER C 69 -2.43 9.60 -13.92
CA SER C 69 -1.03 9.20 -13.79
C SER C 69 -0.83 8.05 -12.81
N MET C 70 -1.86 7.73 -12.00
CA MET C 70 -1.73 6.72 -10.94
C MET C 70 -0.56 7.02 -10.01
N ILE C 71 -0.32 8.31 -9.81
CA ILE C 71 0.71 8.82 -8.92
C ILE C 71 -0.01 9.58 -7.82
N ARG C 72 0.22 9.17 -6.57
CA ARG C 72 -0.43 9.85 -5.46
C ARG C 72 0.37 11.04 -4.95
N LYS C 73 1.70 10.96 -5.00
CA LYS C 73 2.56 12.02 -4.49
C LYS C 73 3.98 11.84 -5.03
N ARG C 74 4.73 12.94 -5.02
CA ARG C 74 6.13 12.89 -5.43
C ARG C 74 6.94 13.76 -4.48
N TYR C 75 8.25 13.50 -4.45
CA TYR C 75 9.18 14.32 -3.69
C TYR C 75 10.04 15.10 -4.67
N MET C 76 10.12 16.42 -4.46
CA MET C 76 10.90 17.30 -5.32
C MET C 76 11.77 18.22 -4.48
N HIS C 77 13.06 18.27 -4.80
CA HIS C 77 13.96 19.22 -4.16
C HIS C 77 13.54 20.67 -4.43
N LEU C 78 13.05 20.94 -5.64
CA LEU C 78 12.59 22.29 -5.96
C LEU C 78 11.44 22.69 -5.05
N THR C 79 11.57 23.88 -4.46
CA THR C 79 10.51 24.50 -3.66
C THR C 79 9.91 25.67 -4.43
N GLU C 80 8.66 25.99 -4.08
CA GLU C 80 8.02 27.15 -4.69
C GLU C 80 8.80 28.43 -4.41
N GLU C 81 9.32 28.55 -3.19
CA GLU C 81 10.15 29.71 -2.86
C GLU C 81 11.34 29.81 -3.80
N PHE C 82 12.10 28.72 -3.95
CA PHE C 82 13.25 28.73 -4.84
C PHE C 82 12.86 29.11 -6.27
N LEU C 83 11.80 28.51 -6.79
CA LEU C 83 11.39 28.75 -8.17
C LEU C 83 11.01 30.22 -8.39
N ALA C 84 10.57 30.91 -7.33
CA ALA C 84 10.23 32.32 -7.46
C ALA C 84 11.46 33.17 -7.74
N GLU C 85 12.64 32.73 -7.30
CA GLU C 85 13.87 33.43 -7.64
C GLU C 85 14.49 32.94 -8.95
N ASN C 86 13.83 32.02 -9.66
CA ASN C 86 14.39 31.42 -10.87
C ASN C 86 13.34 31.33 -11.96
N PRO C 87 12.85 32.46 -12.47
CA PRO C 87 11.84 32.41 -13.55
C PRO C 87 12.33 31.73 -14.81
N ASN C 88 13.64 31.77 -15.09
CA ASN C 88 14.14 31.11 -16.30
C ASN C 88 13.91 29.60 -16.26
N MET C 89 13.92 29.01 -15.06
CA MET C 89 13.55 27.61 -14.93
C MET C 89 12.04 27.38 -14.99
N CYS C 90 11.24 28.40 -14.69
CA CYS C 90 9.79 28.24 -14.73
C CYS C 90 9.22 28.45 -16.13
N ALA C 91 9.96 29.12 -17.01
CA ALA C 91 9.53 29.24 -18.39
C ALA C 91 9.64 27.88 -19.09
N TYR C 92 8.84 27.72 -20.15
CA TYR C 92 8.97 26.52 -20.98
C TYR C 92 10.40 26.36 -21.45
N MET C 93 10.98 27.43 -22.00
CA MET C 93 12.36 27.40 -22.46
C MET C 93 12.97 28.78 -22.25
N ALA C 94 14.01 28.83 -21.43
CA ALA C 94 14.79 30.03 -21.15
C ALA C 94 16.17 29.57 -20.72
N PRO C 95 17.23 30.34 -20.99
CA PRO C 95 18.57 29.91 -20.56
C PRO C 95 18.62 29.65 -19.06
N SER C 96 19.04 28.44 -18.71
CA SER C 96 18.94 28.04 -17.30
C SER C 96 19.76 26.80 -16.93
N LEU C 97 20.53 26.25 -17.87
CA LEU C 97 21.30 25.05 -17.54
C LEU C 97 22.27 25.30 -16.39
N ASP C 98 22.93 26.46 -16.39
CA ASP C 98 23.85 26.75 -15.30
C ASP C 98 23.15 26.65 -13.94
N ALA C 99 22.00 27.32 -13.80
CA ALA C 99 21.28 27.28 -12.53
C ALA C 99 20.85 25.86 -12.17
N ARG C 100 20.42 25.08 -13.16
CA ARG C 100 20.01 23.70 -12.90
C ARG C 100 21.21 22.85 -12.49
N GLN C 101 22.34 23.04 -13.18
CA GLN C 101 23.57 22.33 -12.83
C GLN C 101 24.01 22.67 -11.42
N ASP C 102 23.90 23.95 -11.02
CA ASP C 102 24.33 24.33 -9.67
C ASP C 102 23.56 23.57 -8.61
N ILE C 103 22.34 23.11 -8.92
CA ILE C 103 21.57 22.32 -7.96
C ILE C 103 21.98 20.86 -8.01
N VAL C 104 21.83 20.23 -9.18
CA VAL C 104 21.99 18.78 -9.27
C VAL C 104 23.42 18.35 -8.97
N VAL C 105 24.42 19.17 -9.32
CA VAL C 105 25.80 18.77 -9.10
C VAL C 105 26.06 18.59 -7.60
N VAL C 106 25.37 19.35 -6.76
CA VAL C 106 25.50 19.22 -5.31
C VAL C 106 24.49 18.22 -4.74
N GLU C 107 23.23 18.32 -5.15
CA GLU C 107 22.17 17.57 -4.49
C GLU C 107 22.10 16.10 -4.91
N VAL C 108 22.57 15.76 -6.11
CA VAL C 108 22.50 14.36 -6.54
C VAL C 108 23.37 13.47 -5.66
N PRO C 109 24.66 13.76 -5.44
CA PRO C 109 25.42 12.93 -4.49
C PRO C 109 24.94 13.04 -3.05
N LYS C 110 24.38 14.20 -2.68
CA LYS C 110 23.84 14.38 -1.33
C LYS C 110 22.66 13.44 -1.09
N LEU C 111 21.73 13.39 -2.04
CA LEU C 111 20.61 12.46 -1.91
C LEU C 111 21.07 11.01 -2.02
N GLY C 112 22.06 10.75 -2.89
CA GLY C 112 22.62 9.41 -2.97
C GLY C 112 23.25 8.97 -1.65
N LYS C 113 23.92 9.89 -0.96
CA LYS C 113 24.50 9.57 0.34
C LYS C 113 23.44 9.13 1.32
N ALA C 114 22.28 9.79 1.32
CA ALA C 114 21.19 9.42 2.22
C ALA C 114 20.76 7.98 2.01
N ALA C 115 20.63 7.56 0.74
CA ALA C 115 20.23 6.19 0.46
C ALA C 115 21.33 5.20 0.78
N ALA C 116 22.58 5.52 0.39
CA ALA C 116 23.69 4.61 0.62
C ALA C 116 23.92 4.37 2.11
N GLN C 117 23.72 5.40 2.94
CA GLN C 117 23.93 5.22 4.37
C GLN C 117 22.93 4.24 4.95
N LYS C 118 21.71 4.22 4.42
CA LYS C 118 20.71 3.24 4.86
C LYS C 118 21.08 1.84 4.40
N ALA C 119 21.49 1.69 3.14
CA ALA C 119 21.93 0.39 2.65
C ALA C 119 23.13 -0.12 3.46
N LEU C 120 24.12 0.76 3.69
CA LEU C 120 25.28 0.37 4.46
C LEU C 120 24.91 -0.07 5.88
N LYS C 121 24.00 0.68 6.52
CA LYS C 121 23.53 0.33 7.86
C LYS C 121 22.97 -1.09 7.89
N GLU C 122 22.09 -1.42 6.94
CA GLU C 122 21.47 -2.74 6.94
C GLU C 122 22.50 -3.83 6.66
N TRP C 123 23.46 -3.56 5.78
CA TRP C 123 24.50 -4.52 5.45
C TRP C 123 25.29 -4.93 6.70
N GLY C 124 25.56 -3.98 7.59
CA GLY C 124 26.24 -4.29 8.83
C GLY C 124 27.75 -4.35 8.75
N GLN C 125 28.34 -4.03 7.61
CA GLN C 125 29.78 -4.12 7.45
C GLN C 125 30.43 -2.74 7.36
N PRO C 126 31.69 -2.61 7.75
CA PRO C 126 32.35 -1.30 7.65
C PRO C 126 32.35 -0.82 6.21
N ARG C 127 32.28 0.51 6.05
CA ARG C 127 32.27 1.10 4.71
C ARG C 127 33.56 0.79 3.97
N SER C 128 34.69 0.75 4.71
CA SER C 128 35.97 0.44 4.09
C SER C 128 35.95 -0.89 3.36
N ARG C 129 34.98 -1.76 3.67
CA ARG C 129 34.87 -3.03 2.98
C ARG C 129 34.40 -2.86 1.53
N ILE C 130 33.74 -1.73 1.22
CA ILE C 130 33.28 -1.50 -0.14
C ILE C 130 34.47 -1.39 -1.07
N THR C 131 34.46 -2.16 -2.16
CA THR C 131 35.55 -2.18 -3.13
C THR C 131 35.19 -1.44 -4.42
N HIS C 132 33.90 -1.37 -4.76
CA HIS C 132 33.44 -0.80 -6.01
C HIS C 132 32.27 0.14 -5.73
N LEU C 133 32.10 1.12 -6.61
CA LEU C 133 31.01 2.08 -6.52
C LEU C 133 30.48 2.33 -7.92
N VAL C 134 29.22 1.97 -8.15
CA VAL C 134 28.52 2.32 -9.38
C VAL C 134 27.54 3.43 -9.04
N PHE C 135 27.80 4.63 -9.56
CA PHE C 135 26.91 5.77 -9.41
C PHE C 135 26.23 6.03 -10.75
N CYS C 136 24.91 6.15 -10.72
CA CYS C 136 24.15 6.37 -11.94
C CYS C 136 23.20 7.54 -11.74
N THR C 137 23.16 8.45 -12.71
CA THR C 137 22.23 9.57 -12.64
C THR C 137 21.90 10.05 -14.05
N THR C 138 20.71 10.63 -14.18
CA THR C 138 20.29 11.34 -15.37
C THR C 138 20.24 12.85 -15.13
N SER C 139 20.63 13.33 -13.95
CA SER C 139 20.44 14.71 -13.54
C SER C 139 21.80 15.36 -13.32
N GLY C 140 22.31 16.03 -14.35
CA GLY C 140 23.55 16.77 -14.24
C GLY C 140 24.78 15.95 -14.60
N VAL C 141 25.85 16.66 -14.95
CA VAL C 141 27.15 16.05 -15.19
C VAL C 141 28.22 16.97 -14.60
N ASP C 142 29.35 16.38 -14.18
CA ASP C 142 30.43 17.16 -13.60
C ASP C 142 31.71 16.34 -13.58
N MET C 143 32.84 17.04 -13.54
CA MET C 143 34.14 16.39 -13.41
C MET C 143 34.88 17.03 -12.24
N PRO C 144 35.28 16.27 -11.22
CA PRO C 144 35.02 14.84 -10.99
C PRO C 144 33.53 14.59 -10.86
N GLY C 145 33.06 13.36 -11.10
CA GLY C 145 31.64 13.09 -11.13
C GLY C 145 31.02 12.93 -9.75
N ALA C 146 29.72 12.69 -9.76
CA ALA C 146 29.02 12.42 -8.50
C ALA C 146 29.61 11.21 -7.79
N ASP C 147 30.16 10.26 -8.54
CA ASP C 147 30.85 9.12 -7.93
C ASP C 147 31.95 9.58 -6.98
N TYR C 148 32.74 10.57 -7.42
CA TYR C 148 33.80 11.11 -6.59
C TYR C 148 33.22 11.83 -5.37
N GLN C 149 32.18 12.65 -5.58
CA GLN C 149 31.58 13.38 -4.48
C GLN C 149 31.04 12.43 -3.41
N LEU C 150 30.38 11.35 -3.83
CA LEU C 150 29.85 10.38 -2.88
C LEU C 150 30.96 9.64 -2.15
N THR C 151 32.03 9.30 -2.87
CA THR C 151 33.19 8.66 -2.25
C THR C 151 33.70 9.48 -1.08
N LYS C 152 33.78 10.80 -1.25
CA LYS C 152 34.22 11.65 -0.16
C LYS C 152 33.15 11.76 0.93
N LEU C 153 31.88 11.90 0.54
CA LEU C 153 30.80 12.06 1.51
C LEU C 153 30.73 10.88 2.47
N LEU C 154 30.85 9.65 1.94
CA LEU C 154 30.74 8.45 2.75
C LEU C 154 32.07 8.00 3.35
N GLY C 155 33.18 8.57 2.92
CA GLY C 155 34.47 8.12 3.40
C GLY C 155 34.83 6.74 2.94
N LEU C 156 34.52 6.39 1.70
CA LEU C 156 34.96 5.11 1.18
C LEU C 156 36.48 5.14 0.97
N ARG C 157 37.06 3.96 0.79
CA ARG C 157 38.50 3.91 0.59
C ARG C 157 38.91 4.70 -0.66
N PRO C 158 40.04 5.39 -0.64
CA PRO C 158 40.44 6.17 -1.82
C PRO C 158 40.67 5.31 -3.06
N SER C 159 40.90 4.00 -2.89
CA SER C 159 41.13 3.08 -4.00
C SER C 159 39.86 2.29 -4.35
N VAL C 160 38.69 2.79 -3.99
CA VAL C 160 37.45 2.18 -4.46
C VAL C 160 37.39 2.30 -5.98
N ASN C 161 36.97 1.22 -6.63
CA ASN C 161 36.89 1.17 -8.10
C ASN C 161 35.56 1.76 -8.52
N ARG C 162 35.60 2.96 -9.08
CA ARG C 162 34.39 3.73 -9.36
C ARG C 162 33.99 3.62 -10.83
N LEU C 163 32.69 3.46 -11.07
CA LEU C 163 32.09 3.55 -12.40
C LEU C 163 31.01 4.62 -12.38
N MET C 164 31.21 5.68 -13.16
CA MET C 164 30.33 6.86 -13.15
C MET C 164 29.42 6.77 -14.38
N MET C 165 28.13 6.54 -14.16
CA MET C 165 27.13 6.41 -15.23
C MET C 165 26.34 7.71 -15.32
N TYR C 166 26.63 8.52 -16.33
CA TYR C 166 26.00 9.83 -16.54
C TYR C 166 25.03 9.77 -17.71
N GLN C 167 23.98 10.59 -17.62
CA GLN C 167 23.02 10.81 -18.72
C GLN C 167 22.41 9.51 -19.22
N GLN C 168 22.17 8.58 -18.30
CA GLN C 168 21.74 7.24 -18.68
C GLN C 168 20.29 7.20 -19.14
N GLY C 169 19.38 7.77 -18.36
CA GLY C 169 17.96 7.62 -18.63
C GLY C 169 17.33 6.51 -17.81
N PHE C 171 16.26 3.34 -18.16
CA PHE C 171 16.57 1.91 -18.19
C PHE C 171 17.74 1.56 -17.29
N ALA C 172 18.37 2.59 -16.72
CA ALA C 172 19.66 2.43 -16.06
C ALA C 172 19.58 1.73 -14.72
N GLY C 173 18.39 1.59 -14.14
CA GLY C 173 18.27 0.76 -12.95
C GLY C 173 18.66 -0.68 -13.23
N GLY C 174 18.36 -1.15 -14.45
CA GLY C 174 18.78 -2.47 -14.86
C GLY C 174 20.24 -2.50 -15.25
N THR C 175 20.71 -1.41 -15.86
CA THR C 175 22.12 -1.35 -16.26
C THR C 175 23.05 -1.48 -15.07
N VAL C 176 22.76 -0.78 -13.97
CA VAL C 176 23.67 -0.82 -12.82
C VAL C 176 23.72 -2.21 -12.21
N LEU C 177 22.62 -2.97 -12.24
CA LEU C 177 22.66 -4.34 -11.77
C LEU C 177 23.45 -5.23 -12.71
N ARG C 178 23.34 -4.98 -14.02
CA ARG C 178 24.14 -5.71 -14.99
C ARG C 178 25.62 -5.44 -14.77
N VAL C 179 25.96 -4.18 -14.44
CA VAL C 179 27.36 -3.81 -14.22
C VAL C 179 27.85 -4.42 -12.91
N ALA C 180 27.08 -4.25 -11.84
CA ALA C 180 27.45 -4.82 -10.55
C ALA C 180 27.59 -6.34 -10.63
N LYS C 181 26.81 -6.99 -11.49
CA LYS C 181 26.92 -8.43 -11.67
C LYS C 181 28.34 -8.82 -12.08
N ASP C 182 28.83 -8.24 -13.16
CA ASP C 182 30.15 -8.61 -13.68
C ASP C 182 31.26 -8.19 -12.71
N LEU C 183 31.09 -7.06 -12.03
CA LEU C 183 32.08 -6.61 -11.06
C LEU C 183 32.18 -7.61 -9.90
N ALA C 184 31.05 -7.86 -9.25
CA ALA C 184 31.04 -8.72 -8.07
C ALA C 184 31.50 -10.14 -8.40
N GLU C 185 31.09 -10.66 -9.55
CA GLU C 185 31.33 -12.07 -9.88
C GLU C 185 32.74 -12.32 -10.40
N ASN C 186 33.40 -11.32 -10.96
CA ASN C 186 34.74 -11.50 -11.52
C ASN C 186 35.85 -11.16 -10.55
N ASN C 187 35.52 -10.77 -9.31
CA ASN C 187 36.51 -10.23 -8.38
C ASN C 187 36.26 -10.79 -6.99
N ARG C 188 37.14 -11.69 -6.56
CA ARG C 188 37.08 -12.31 -5.23
C ARG C 188 36.97 -11.26 -4.13
N GLY C 189 35.93 -11.39 -3.29
CA GLY C 189 35.74 -10.51 -2.17
C GLY C 189 35.10 -9.17 -2.47
N ALA C 190 34.81 -8.89 -3.74
CA ALA C 190 34.32 -7.57 -4.11
C ALA C 190 32.95 -7.31 -3.50
N ARG C 191 32.75 -6.08 -3.03
CA ARG C 191 31.46 -5.62 -2.53
C ARG C 191 31.14 -4.29 -3.22
N VAL C 192 30.18 -4.29 -4.11
CA VAL C 192 29.89 -3.12 -4.93
C VAL C 192 28.70 -2.37 -4.35
N LEU C 193 28.91 -1.09 -4.05
CA LEU C 193 27.84 -0.20 -3.68
C LEU C 193 27.26 0.43 -4.95
N VAL C 194 25.96 0.26 -5.14
CA VAL C 194 25.25 0.75 -6.32
C VAL C 194 24.31 1.87 -5.89
N VAL C 195 24.40 3.01 -6.56
CA VAL C 195 23.57 4.16 -6.20
C VAL C 195 23.01 4.76 -7.49
N CYS C 196 21.68 4.82 -7.59
CA CYS C 196 20.99 5.66 -8.56
C CYS C 196 20.37 6.83 -7.83
N SER C 197 20.62 8.05 -8.31
CA SER C 197 20.08 9.25 -7.67
C SER C 197 19.59 10.21 -8.74
N GLU C 198 18.31 10.57 -8.67
CA GLU C 198 17.66 11.38 -9.70
C GLU C 198 17.00 12.59 -9.05
N ILE C 199 17.24 13.77 -9.65
CA ILE C 199 16.63 15.02 -9.18
C ILE C 199 16.13 15.78 -10.40
N THR C 200 14.83 16.10 -10.42
CA THR C 200 14.18 16.61 -11.61
C THR C 200 14.40 18.10 -11.84
N ALA C 201 15.28 18.74 -11.07
CA ALA C 201 15.57 20.15 -11.28
C ALA C 201 16.16 20.43 -12.67
N VAL C 202 16.65 19.40 -13.36
CA VAL C 202 17.20 19.58 -14.70
C VAL C 202 16.15 19.43 -15.79
N THR C 203 15.00 18.81 -15.49
CA THR C 203 13.94 18.63 -16.48
C THR C 203 12.72 19.50 -16.24
N PHE C 204 12.53 20.00 -15.02
CA PHE C 204 11.39 20.86 -14.73
C PHE C 204 11.41 22.09 -15.62
N ARG C 205 10.27 22.39 -16.22
CA ARG C 205 10.12 23.57 -17.06
C ARG C 205 8.64 23.85 -17.24
N GLY C 206 8.34 25.05 -17.75
CA GLY C 206 6.98 25.45 -18.00
C GLY C 206 6.34 24.66 -19.12
N PRO C 207 5.04 24.88 -19.32
CA PRO C 207 4.30 24.14 -20.35
C PRO C 207 4.29 24.85 -21.69
N SER C 208 4.06 24.06 -22.74
CA SER C 208 3.92 24.59 -24.09
C SER C 208 2.93 23.72 -24.85
N GLU C 209 1.88 24.34 -25.39
CA GLU C 209 0.85 23.61 -26.12
C GLU C 209 1.41 22.81 -27.29
N SER C 210 2.59 23.16 -27.78
CA SER C 210 3.18 22.46 -28.92
C SER C 210 3.98 21.23 -28.52
N HIS C 211 4.23 21.02 -27.23
CA HIS C 211 5.01 19.86 -26.78
C HIS C 211 4.28 19.23 -25.58
N LEU C 212 3.15 18.60 -25.87
CA LEU C 212 2.39 17.92 -24.82
C LEU C 212 3.16 16.72 -24.27
N ASP C 213 4.05 16.13 -25.07
CA ASP C 213 4.86 15.02 -24.56
C ASP C 213 5.76 15.47 -23.42
N SER C 214 6.23 16.71 -23.45
CA SER C 214 7.01 17.23 -22.33
C SER C 214 6.13 17.58 -21.14
N LEU C 215 4.90 18.04 -21.40
CA LEU C 215 3.96 18.26 -20.30
C LEU C 215 3.68 16.96 -19.56
N VAL C 216 3.63 15.83 -20.29
CA VAL C 216 3.49 14.53 -19.67
C VAL C 216 4.59 14.31 -18.64
N GLY C 217 5.83 14.63 -19.03
CA GLY C 217 6.94 14.44 -18.11
C GLY C 217 6.74 15.18 -16.79
N GLN C 218 6.24 16.42 -16.87
CA GLN C 218 5.97 17.20 -15.67
C GLN C 218 4.98 16.51 -14.74
N ALA C 219 4.14 15.62 -15.25
CA ALA C 219 3.17 14.91 -14.41
C ALA C 219 3.73 13.63 -13.79
N LEU C 220 4.83 13.10 -14.33
CA LEU C 220 5.32 11.78 -13.92
C LEU C 220 6.63 11.81 -13.14
N PHE C 221 7.57 12.71 -13.45
CA PHE C 221 8.92 12.59 -12.91
C PHE C 221 9.02 13.13 -11.49
N GLY C 222 9.67 12.38 -10.61
CA GLY C 222 9.93 12.82 -9.27
C GLY C 222 11.34 12.46 -8.84
N ASP C 223 11.73 12.98 -7.68
CA ASP C 223 13.10 12.82 -7.19
C ASP C 223 13.19 11.59 -6.32
N GLY C 224 14.41 11.07 -6.20
CA GLY C 224 14.66 9.97 -5.30
C GLY C 224 15.98 9.30 -5.60
N ALA C 225 16.49 8.58 -4.60
CA ALA C 225 17.74 7.85 -4.73
C ALA C 225 17.61 6.50 -4.06
N ALA C 226 18.26 5.50 -4.65
CA ALA C 226 18.24 4.13 -4.15
C ALA C 226 19.64 3.55 -4.20
N ALA C 227 19.98 2.79 -3.15
CA ALA C 227 21.29 2.18 -3.02
C ALA C 227 21.16 0.67 -2.79
N VAL C 228 22.08 -0.07 -3.40
CA VAL C 228 22.15 -1.53 -3.31
C VAL C 228 23.60 -1.91 -3.04
N ILE C 229 23.80 -2.91 -2.18
CA ILE C 229 25.10 -3.57 -2.02
C ILE C 229 25.02 -4.94 -2.66
N VAL C 230 25.98 -5.25 -3.52
CA VAL C 230 25.98 -6.48 -4.31
C VAL C 230 27.33 -7.16 -4.15
N GLY C 231 27.32 -8.47 -3.98
CA GLY C 231 28.57 -9.22 -3.93
C GLY C 231 28.31 -10.69 -4.13
N ALA C 232 29.35 -11.38 -4.57
CA ALA C 232 29.30 -12.84 -4.66
C ALA C 232 29.83 -13.47 -3.38
N ASP C 233 29.49 -14.75 -3.20
CA ASP C 233 30.01 -15.56 -2.10
C ASP C 233 29.73 -14.89 -0.76
N PRO C 234 28.47 -14.77 -0.37
CA PRO C 234 28.17 -14.05 0.87
C PRO C 234 28.62 -14.85 2.08
N ASP C 235 29.04 -14.13 3.10
CA ASP C 235 29.37 -14.76 4.38
C ASP C 235 28.06 -14.98 5.14
N GLU C 236 27.57 -16.22 5.13
CA GLU C 236 26.31 -16.52 5.79
C GLU C 236 26.38 -16.30 7.30
N ARG C 237 27.59 -16.16 7.86
CA ARG C 237 27.72 -15.80 9.27
C ARG C 237 27.31 -14.36 9.54
N ALA C 238 27.32 -13.49 8.51
CA ALA C 238 27.17 -12.07 8.76
C ALA C 238 26.45 -11.28 7.67
N GLU C 239 26.22 -11.88 6.50
CA GLU C 239 25.51 -11.20 5.43
C GLU C 239 24.20 -11.91 5.12
N ARG C 240 23.17 -11.13 4.83
CA ARG C 240 21.84 -11.68 4.55
C ARG C 240 21.46 -11.45 3.09
N PRO C 241 21.61 -12.44 2.23
CA PRO C 241 21.17 -12.29 0.84
C PRO C 241 19.69 -11.96 0.72
N LEU C 242 19.35 -11.12 -0.25
CA LEU C 242 17.97 -10.78 -0.56
C LEU C 242 17.53 -11.26 -1.93
N PHE C 243 18.36 -11.06 -2.96
CA PHE C 243 18.06 -11.50 -4.32
C PHE C 243 19.33 -11.98 -4.98
N GLN C 244 19.20 -12.95 -5.89
CA GLN C 244 20.32 -13.38 -6.72
C GLN C 244 20.16 -12.79 -8.12
N LEU C 245 21.27 -12.35 -8.69
CA LEU C 245 21.30 -11.87 -10.07
C LEU C 245 21.70 -13.03 -10.97
N VAL C 246 20.75 -13.56 -11.73
CA VAL C 246 20.99 -14.75 -12.54
C VAL C 246 21.58 -14.38 -13.91
N SER C 247 20.99 -13.40 -14.59
CA SER C 247 21.46 -12.99 -15.91
C SER C 247 21.00 -11.57 -16.16
N ALA C 248 21.71 -10.88 -17.06
CA ALA C 248 21.36 -9.52 -17.44
C ALA C 248 21.64 -9.32 -18.93
N ALA C 249 20.69 -8.72 -19.64
CA ALA C 249 20.82 -8.47 -21.06
C ALA C 249 20.19 -7.14 -21.42
N GLN C 250 20.70 -6.54 -22.50
CA GLN C 250 20.21 -5.28 -23.01
C GLN C 250 19.81 -5.46 -24.47
N THR C 251 18.74 -4.80 -24.90
CA THR C 251 18.32 -4.88 -26.28
C THR C 251 17.70 -3.56 -26.71
N LEU C 252 17.68 -3.34 -28.03
CA LEU C 252 17.00 -2.21 -28.64
C LEU C 252 15.78 -2.74 -29.38
N LEU C 253 14.62 -2.09 -29.16
CA LEU C 253 13.35 -2.53 -29.71
C LEU C 253 13.27 -2.14 -31.20
N PRO C 254 12.80 -3.03 -32.05
CA PRO C 254 12.70 -2.69 -33.47
C PRO C 254 11.66 -1.61 -33.71
N ASP C 255 11.98 -0.73 -34.67
CA ASP C 255 11.11 0.37 -35.09
C ASP C 255 10.88 1.38 -33.97
N SER C 256 11.78 1.45 -32.99
CA SER C 256 11.61 2.32 -31.84
C SER C 256 12.53 3.55 -31.88
N GLU C 257 13.21 3.79 -33.00
CA GLU C 257 14.04 4.97 -33.14
C GLU C 257 13.29 6.24 -32.77
N GLY C 258 13.88 7.02 -31.87
CA GLY C 258 13.27 8.27 -31.47
C GLY C 258 12.07 8.16 -30.56
N ALA C 259 11.78 6.97 -30.02
CA ALA C 259 10.61 6.83 -29.15
C ALA C 259 10.79 7.61 -27.84
N ILE C 260 12.00 7.67 -27.30
CA ILE C 260 12.27 8.40 -26.06
C ILE C 260 13.61 9.11 -26.24
N ASP C 261 13.58 10.43 -26.37
CA ASP C 261 14.78 11.24 -26.57
C ASP C 261 14.96 12.21 -25.41
N GLY C 262 16.20 12.68 -25.25
CA GLY C 262 16.53 13.66 -24.24
C GLY C 262 17.81 14.37 -24.61
N HIS C 263 17.84 15.69 -24.46
CA HIS C 263 18.99 16.47 -24.91
C HIS C 263 19.36 17.48 -23.84
N LEU C 264 20.65 17.55 -23.51
CA LEU C 264 21.14 18.52 -22.53
C LEU C 264 21.51 19.80 -23.29
N ARG C 265 20.72 20.85 -23.11
CA ARG C 265 20.91 22.10 -23.82
C ARG C 265 20.95 23.24 -22.81
N GLU C 266 21.06 24.46 -23.33
CA GLU C 266 21.14 25.63 -22.49
C GLU C 266 19.85 25.91 -21.73
N VAL C 267 18.74 25.28 -22.12
CA VAL C 267 17.46 25.44 -21.43
C VAL C 267 17.30 24.26 -20.46
N GLY C 268 18.35 23.46 -20.34
CA GLY C 268 18.33 22.29 -19.50
C GLY C 268 18.13 21.00 -20.28
N LEU C 269 17.55 20.03 -19.60
CA LEU C 269 17.30 18.72 -20.18
C LEU C 269 15.91 18.68 -20.79
N THR C 270 15.84 18.54 -22.12
CA THR C 270 14.56 18.41 -22.80
C THR C 270 14.18 16.93 -22.91
N PHE C 271 12.88 16.68 -23.06
CA PHE C 271 12.35 15.33 -23.00
C PHE C 271 11.34 15.14 -24.13
N HIS C 272 11.55 14.08 -24.94
CA HIS C 272 10.66 13.76 -26.04
C HIS C 272 10.13 12.35 -25.85
N LEU C 273 8.84 12.17 -26.11
CA LEU C 273 8.18 10.89 -25.85
C LEU C 273 7.05 10.69 -26.85
N LEU C 274 7.19 9.69 -27.71
CA LEU C 274 6.15 9.35 -28.68
C LEU C 274 5.04 8.57 -28.00
N LYS C 275 3.87 8.59 -28.62
CA LYS C 275 2.73 7.86 -28.09
C LYS C 275 2.87 6.35 -28.29
N ASP C 276 3.81 5.92 -29.13
CA ASP C 276 3.98 4.49 -29.39
C ASP C 276 4.60 3.73 -28.23
N VAL C 277 5.19 4.43 -27.25
CA VAL C 277 6.00 3.75 -26.23
C VAL C 277 5.24 2.64 -25.51
N PRO C 278 4.05 2.86 -24.93
CA PRO C 278 3.34 1.72 -24.32
C PRO C 278 3.13 0.58 -25.30
N GLY C 279 2.79 0.89 -26.55
CA GLY C 279 2.68 -0.15 -27.56
C GLY C 279 4.00 -0.85 -27.85
N LEU C 280 5.09 -0.09 -27.97
CA LEU C 280 6.36 -0.69 -28.34
C LEU C 280 6.84 -1.65 -27.25
N ILE C 281 6.73 -1.24 -26.00
CA ILE C 281 7.16 -2.09 -24.89
C ILE C 281 6.29 -3.33 -24.80
N SER C 282 4.97 -3.15 -24.78
CA SER C 282 4.08 -4.29 -24.55
C SER C 282 4.14 -5.28 -25.70
N LYS C 283 4.31 -4.80 -26.94
CA LYS C 283 4.36 -5.70 -28.08
C LYS C 283 5.70 -6.43 -28.20
N ASN C 284 6.74 -5.99 -27.49
CA ASN C 284 8.03 -6.66 -27.52
C ASN C 284 8.42 -7.34 -26.22
N ILE C 285 7.56 -7.26 -25.20
CA ILE C 285 7.97 -7.75 -23.88
C ILE C 285 8.01 -9.27 -23.86
N GLU C 286 7.16 -9.95 -24.63
CA GLU C 286 7.22 -11.40 -24.68
C GLU C 286 8.54 -11.90 -25.27
N ARG C 287 9.06 -11.18 -26.28
CA ARG C 287 10.36 -11.53 -26.84
C ARG C 287 11.45 -11.49 -25.78
N ALA C 288 11.40 -10.49 -24.89
CA ALA C 288 12.43 -10.39 -23.86
C ALA C 288 12.23 -11.45 -22.78
N LEU C 289 10.98 -11.70 -22.40
CA LEU C 289 10.68 -12.77 -21.45
C LEU C 289 11.17 -14.12 -21.98
N GLU C 290 10.86 -14.42 -23.25
CA GLU C 290 11.28 -15.70 -23.81
C GLU C 290 12.80 -15.80 -23.89
N ALA C 291 13.49 -14.70 -24.23
CA ALA C 291 14.94 -14.77 -24.34
C ALA C 291 15.60 -14.98 -22.99
N ALA C 292 14.99 -14.46 -21.93
CA ALA C 292 15.56 -14.59 -20.59
C ALA C 292 15.21 -15.92 -19.94
N PHE C 293 14.03 -16.48 -20.20
CA PHE C 293 13.53 -17.60 -19.42
C PHE C 293 13.42 -18.92 -20.17
N ALA C 294 13.44 -18.91 -21.50
CA ALA C 294 13.48 -20.18 -22.23
C ALA C 294 14.72 -21.01 -21.89
N PRO C 295 15.93 -20.44 -21.76
CA PRO C 295 17.07 -21.27 -21.30
C PRO C 295 16.92 -21.78 -19.88
N LEU C 296 16.00 -21.24 -19.09
CA LEU C 296 15.72 -21.74 -17.75
C LEU C 296 14.54 -22.71 -17.71
N GLY C 297 13.87 -22.93 -18.83
CA GLY C 297 12.72 -23.82 -18.85
C GLY C 297 11.45 -23.20 -18.31
N ILE C 298 11.38 -21.88 -18.21
CA ILE C 298 10.23 -21.17 -17.66
C ILE C 298 9.50 -20.49 -18.82
N SER C 299 8.17 -20.62 -18.82
CA SER C 299 7.34 -19.95 -19.82
C SER C 299 6.03 -19.42 -19.28
N ASP C 300 5.68 -19.70 -18.03
CA ASP C 300 4.46 -19.16 -17.41
C ASP C 300 4.84 -17.87 -16.71
N TRP C 301 4.39 -16.74 -17.25
CA TRP C 301 4.80 -15.42 -16.76
C TRP C 301 4.05 -15.00 -15.51
N ASN C 302 3.02 -15.74 -15.11
CA ASN C 302 2.36 -15.53 -13.84
C ASN C 302 2.99 -16.33 -12.70
N SER C 303 4.03 -17.11 -13.00
CA SER C 303 4.75 -17.91 -12.01
C SER C 303 6.05 -17.27 -11.57
N ILE C 304 6.38 -16.07 -12.04
CA ILE C 304 7.58 -15.35 -11.62
C ILE C 304 7.17 -14.01 -11.03
N PHE C 305 7.97 -13.49 -10.10
CA PHE C 305 7.69 -12.14 -9.61
C PHE C 305 8.23 -11.11 -10.59
N TRP C 306 7.65 -9.91 -10.56
CA TRP C 306 7.82 -8.89 -11.58
C TRP C 306 8.30 -7.58 -10.99
N VAL C 307 9.39 -7.04 -11.54
CA VAL C 307 9.85 -5.68 -11.26
C VAL C 307 9.98 -4.96 -12.59
N ALA C 308 9.19 -3.91 -12.79
CA ALA C 308 9.15 -3.20 -14.07
C ALA C 308 9.25 -1.72 -13.82
N HIS C 309 10.12 -1.04 -14.58
CA HIS C 309 10.22 0.39 -14.45
C HIS C 309 8.88 1.02 -14.82
N PRO C 310 8.28 1.81 -13.94
CA PRO C 310 6.94 2.37 -14.21
C PRO C 310 7.01 3.68 -14.98
N GLY C 311 7.43 3.59 -16.24
CA GLY C 311 7.52 4.79 -17.06
C GLY C 311 6.23 5.57 -17.09
N GLY C 312 5.10 4.86 -17.14
CA GLY C 312 3.79 5.44 -17.01
C GLY C 312 2.78 4.34 -16.82
N PRO C 313 1.57 4.67 -16.34
CA PRO C 313 0.56 3.61 -16.13
C PRO C 313 0.15 2.90 -17.41
N ALA C 314 0.20 3.57 -18.56
CA ALA C 314 -0.15 2.93 -19.82
C ALA C 314 0.80 1.78 -20.14
N ILE C 315 2.09 1.94 -19.83
CA ILE C 315 3.04 0.85 -20.03
C ILE C 315 2.67 -0.34 -19.16
N LEU C 316 2.34 -0.08 -17.90
CA LEU C 316 2.01 -1.19 -17.00
C LEU C 316 0.72 -1.87 -17.42
N ASP C 317 -0.32 -1.10 -17.77
CA ASP C 317 -1.59 -1.70 -18.18
C ASP C 317 -1.42 -2.53 -19.45
N GLN C 318 -0.73 -1.98 -20.46
CA GLN C 318 -0.66 -2.69 -21.75
C GLN C 318 0.27 -3.90 -21.68
N VAL C 319 1.33 -3.85 -20.87
CA VAL C 319 2.14 -5.03 -20.64
C VAL C 319 1.34 -6.08 -19.89
N GLU C 320 0.61 -5.65 -18.86
CA GLU C 320 -0.26 -6.54 -18.11
C GLU C 320 -1.26 -7.23 -19.02
N ALA C 321 -1.89 -6.47 -19.92
CA ALA C 321 -2.90 -7.04 -20.80
C ALA C 321 -2.27 -7.95 -21.84
N LYS C 322 -1.17 -7.49 -22.45
CA LYS C 322 -0.56 -8.23 -23.55
C LYS C 322 -0.10 -9.61 -23.11
N VAL C 323 0.29 -9.76 -21.86
CA VAL C 323 0.84 -11.02 -21.37
C VAL C 323 -0.09 -11.68 -20.36
N SER C 324 -1.28 -11.12 -20.15
CA SER C 324 -2.32 -11.72 -19.30
C SER C 324 -1.84 -11.93 -17.88
N LEU C 325 -1.17 -10.92 -17.33
CA LEU C 325 -0.67 -10.99 -15.97
C LEU C 325 -1.80 -10.88 -14.95
N ASP C 326 -1.71 -11.69 -13.89
CA ASP C 326 -2.57 -11.45 -12.73
C ASP C 326 -2.24 -10.08 -12.14
N LYS C 327 -3.28 -9.36 -11.71
CA LYS C 327 -3.09 -7.99 -11.23
C LYS C 327 -2.10 -7.93 -10.06
N ALA C 328 -1.98 -8.99 -9.26
CA ALA C 328 -1.09 -8.95 -8.11
C ALA C 328 0.37 -8.82 -8.51
N ARG C 329 0.73 -9.17 -9.75
CA ARG C 329 2.13 -9.17 -10.15
C ARG C 329 2.70 -7.77 -10.26
N MET C 330 1.89 -6.80 -10.67
CA MET C 330 2.33 -5.42 -10.79
C MET C 330 2.14 -4.63 -9.50
N ARG C 331 1.77 -5.28 -8.40
CA ARG C 331 1.47 -4.55 -7.16
C ARG C 331 2.66 -3.73 -6.68
N ALA C 332 3.82 -4.37 -6.53
CA ALA C 332 4.97 -3.67 -5.98
C ALA C 332 5.41 -2.55 -6.90
N THR C 333 5.33 -2.79 -8.21
CA THR C 333 5.64 -1.75 -9.18
C THR C 333 4.68 -0.59 -9.06
N ARG C 334 3.38 -0.88 -9.00
CA ARG C 334 2.37 0.17 -8.93
C ARG C 334 2.43 0.92 -7.60
N HIS C 335 2.86 0.25 -6.53
CA HIS C 335 2.96 0.93 -5.25
C HIS C 335 4.01 2.04 -5.31
N VAL C 336 5.16 1.74 -5.90
CA VAL C 336 6.24 2.72 -5.95
C VAL C 336 5.84 3.89 -6.84
N LEU C 337 5.26 3.60 -8.01
CA LEU C 337 4.73 4.66 -8.87
C LEU C 337 3.77 5.55 -8.09
N ALA C 338 2.88 4.93 -7.32
CA ALA C 338 1.87 5.69 -6.58
C ALA C 338 2.51 6.55 -5.50
N GLU C 339 3.46 5.99 -4.75
CA GLU C 339 4.03 6.69 -3.60
C GLU C 339 5.23 7.55 -3.94
N TYR C 340 5.81 7.40 -5.14
CA TYR C 340 6.98 8.18 -5.54
C TYR C 340 6.95 8.71 -6.96
N GLY C 341 6.08 8.21 -7.83
CA GLY C 341 6.14 8.61 -9.22
C GLY C 341 7.38 8.09 -9.93
N ASN C 342 7.58 8.60 -11.15
CA ASN C 342 8.65 8.13 -12.01
C ASN C 342 9.97 8.78 -11.59
N MET C 343 10.75 8.06 -10.79
CA MET C 343 12.06 8.50 -10.34
C MET C 343 13.19 8.07 -11.26
N SER C 344 12.88 7.72 -12.50
CA SER C 344 13.89 7.43 -13.54
C SER C 344 14.68 6.18 -13.13
N SER C 345 16.01 6.24 -13.11
CA SER C 345 16.78 5.03 -12.94
C SER C 345 16.60 4.40 -11.57
N ALA C 346 16.14 5.16 -10.58
CA ALA C 346 16.04 4.61 -9.22
C ALA C 346 14.82 3.73 -9.00
N CYS C 347 13.85 3.76 -9.92
CA CYS C 347 12.54 3.18 -9.67
C CYS C 347 12.62 1.69 -9.35
N VAL C 348 13.24 0.92 -10.25
CA VAL C 348 13.29 -0.53 -10.10
C VAL C 348 13.95 -0.91 -8.77
N LEU C 349 14.98 -0.16 -8.36
CA LEU C 349 15.60 -0.44 -7.07
C LEU C 349 14.64 -0.16 -5.91
N PHE C 350 13.85 0.92 -6.00
CA PHE C 350 12.80 1.12 -5.01
C PHE C 350 11.83 -0.05 -4.99
N ILE C 351 11.50 -0.58 -6.18
CA ILE C 351 10.50 -1.66 -6.26
C ILE C 351 11.08 -2.94 -5.66
N LEU C 352 12.37 -3.20 -5.89
CA LEU C 352 13.04 -4.31 -5.21
C LEU C 352 12.88 -4.20 -3.70
N ASP C 353 13.12 -3.01 -3.15
CA ASP C 353 12.97 -2.80 -1.71
C ASP C 353 11.54 -3.03 -1.26
N GLU C 354 10.57 -2.55 -2.03
CA GLU C 354 9.17 -2.72 -1.65
C GLU C 354 8.75 -4.18 -1.75
N MET C 355 9.22 -4.88 -2.78
CA MET C 355 8.97 -6.31 -2.94
C MET C 355 9.36 -7.11 -1.71
N ARG C 356 10.62 -6.99 -1.28
CA ARG C 356 11.09 -7.79 -0.14
C ARG C 356 10.48 -7.33 1.17
N LYS C 357 10.19 -6.03 1.31
CA LYS C 357 9.55 -5.56 2.54
C LYS C 357 8.15 -6.11 2.68
N ARG C 358 7.32 -5.94 1.65
CA ARG C 358 5.96 -6.46 1.70
C ARG C 358 5.94 -7.97 1.84
N SER C 359 6.92 -8.65 1.23
CA SER C 359 6.96 -10.10 1.30
C SER C 359 7.20 -10.59 2.72
N ALA C 360 8.02 -9.86 3.48
CA ALA C 360 8.24 -10.22 4.88
C ALA C 360 7.00 -9.96 5.72
N GLU C 361 6.31 -8.84 5.49
CA GLU C 361 5.11 -8.53 6.26
C GLU C 361 4.01 -9.56 6.00
N ASP C 362 3.76 -9.87 4.73
CA ASP C 362 2.73 -10.84 4.38
C ASP C 362 3.12 -12.27 4.74
N GLY C 363 4.36 -12.52 5.15
CA GLY C 363 4.77 -13.85 5.52
C GLY C 363 4.93 -14.81 4.36
N CYS C 364 5.32 -14.29 3.19
CA CYS C 364 5.57 -15.16 2.05
C CYS C 364 6.77 -16.07 2.32
N ALA C 365 6.89 -17.11 1.50
CA ALA C 365 8.01 -18.03 1.67
C ALA C 365 9.32 -17.48 1.11
N THR C 366 9.27 -16.50 0.21
CA THR C 366 10.47 -15.96 -0.39
C THR C 366 10.41 -14.44 -0.43
N THR C 367 11.59 -13.83 -0.61
CA THR C 367 11.67 -12.38 -0.81
C THR C 367 10.95 -11.94 -2.08
N GLY C 368 10.72 -12.85 -3.02
CA GLY C 368 9.96 -12.53 -4.22
C GLY C 368 8.52 -12.96 -4.12
N GLU C 369 7.84 -12.53 -3.06
CA GLU C 369 6.41 -12.76 -2.85
C GLU C 369 6.03 -14.23 -2.85
N GLY C 370 6.95 -15.09 -2.40
CA GLY C 370 6.72 -16.52 -2.36
C GLY C 370 7.15 -17.27 -3.59
N LEU C 371 7.40 -16.57 -4.70
CA LEU C 371 7.86 -17.18 -5.93
C LEU C 371 9.39 -17.24 -5.96
N ASP C 372 9.90 -18.13 -6.81
CA ASP C 372 11.34 -18.43 -6.82
C ASP C 372 12.10 -17.58 -7.83
N TRP C 373 11.55 -17.41 -9.03
CA TRP C 373 12.23 -16.68 -10.09
C TRP C 373 11.53 -15.35 -10.33
N GLY C 374 12.28 -14.39 -10.84
CA GLY C 374 11.75 -13.06 -11.09
C GLY C 374 12.48 -12.39 -12.24
N VAL C 375 11.85 -11.35 -12.76
CA VAL C 375 12.43 -10.55 -13.84
C VAL C 375 12.37 -9.09 -13.43
N LEU C 376 13.45 -8.37 -13.70
CA LEU C 376 13.52 -6.92 -13.53
C LEU C 376 13.65 -6.29 -14.91
N PHE C 377 12.84 -5.27 -15.19
CA PHE C 377 12.79 -4.63 -16.51
C PHE C 377 13.09 -3.14 -16.35
N GLY C 378 14.11 -2.66 -17.05
CA GLY C 378 14.34 -1.23 -17.23
C GLY C 378 14.01 -0.85 -18.65
N PHE C 379 13.30 0.26 -18.82
CA PHE C 379 12.91 0.78 -20.13
C PHE C 379 13.47 2.18 -20.30
N GLY C 380 13.96 2.52 -21.49
CA GLY C 380 14.56 3.82 -21.67
C GLY C 380 14.87 4.20 -23.10
N PRO C 381 15.56 5.33 -23.26
CA PRO C 381 15.95 5.80 -24.60
C PRO C 381 16.60 4.71 -25.44
N GLY C 382 16.17 4.62 -26.69
CA GLY C 382 16.69 3.59 -27.58
C GLY C 382 15.74 3.25 -28.69
N LEU C 383 14.57 2.67 -28.38
CA LEU C 383 14.08 2.29 -27.05
C LEU C 383 14.85 1.10 -26.49
N THR C 384 15.47 1.30 -25.33
CA THR C 384 16.27 0.27 -24.69
C THR C 384 15.43 -0.45 -23.65
N VAL C 385 15.51 -1.78 -23.65
CA VAL C 385 14.95 -2.61 -22.58
C VAL C 385 16.10 -3.36 -21.94
N GLU C 386 16.20 -3.26 -20.61
CA GLU C 386 17.15 -4.05 -19.83
C GLU C 386 16.39 -5.13 -19.09
N THR C 387 16.81 -6.38 -19.25
CA THR C 387 16.19 -7.53 -18.61
C THR C 387 17.19 -8.15 -17.64
N VAL C 388 16.80 -8.24 -16.37
CA VAL C 388 17.61 -8.89 -15.34
C VAL C 388 16.77 -10.02 -14.76
N VAL C 389 17.22 -11.25 -14.93
CA VAL C 389 16.59 -12.38 -14.24
C VAL C 389 17.11 -12.41 -12.81
N LEU C 390 16.19 -12.48 -11.86
CA LEU C 390 16.54 -12.59 -10.46
C LEU C 390 16.05 -13.92 -9.90
N HIS C 391 16.62 -14.28 -8.76
CA HIS C 391 16.13 -15.40 -7.98
C HIS C 391 15.93 -14.91 -6.55
N SER C 392 14.81 -15.31 -5.95
CA SER C 392 14.50 -14.90 -4.60
C SER C 392 15.34 -15.70 -3.58
N VAL C 393 15.19 -15.34 -2.31
CA VAL C 393 15.88 -15.99 -1.20
C VAL C 393 14.82 -16.41 -0.18
N PRO C 394 14.92 -17.58 0.42
CA PRO C 394 13.88 -18.02 1.37
C PRO C 394 13.80 -17.12 2.61
N ILE C 395 12.56 -16.86 3.06
CA ILE C 395 12.31 -16.20 4.33
C ILE C 395 11.82 -17.24 5.34
N THR C 396 12.21 -17.04 6.60
CA THR C 396 11.86 -17.94 7.71
C THR C 396 10.35 -18.10 7.87
N THR D 9 19.56 -24.82 -11.69
CA THR D 9 19.76 -23.99 -10.52
C THR D 9 20.55 -22.73 -10.87
N VAL D 10 21.03 -22.03 -9.85
CA VAL D 10 21.77 -20.79 -10.08
C VAL D 10 23.26 -21.02 -10.15
N GLU D 11 23.79 -21.94 -9.35
CA GLU D 11 25.19 -22.31 -9.50
C GLU D 11 25.46 -22.78 -10.93
N GLU D 12 24.70 -23.77 -11.41
CA GLU D 12 24.88 -24.28 -12.76
C GLU D 12 24.92 -23.17 -13.81
N VAL D 13 24.09 -22.15 -13.64
CA VAL D 13 24.11 -21.02 -14.58
C VAL D 13 25.47 -20.32 -14.52
N ARG D 14 25.98 -20.08 -13.31
CA ARG D 14 27.29 -19.45 -13.15
C ARG D 14 28.39 -20.30 -13.78
N LYS D 15 28.35 -21.62 -13.58
CA LYS D 15 29.34 -22.51 -14.19
C LYS D 15 29.36 -22.38 -15.70
N ALA D 16 28.19 -22.37 -16.34
CA ALA D 16 28.15 -22.32 -17.80
C ALA D 16 28.43 -20.91 -18.32
N GLN D 17 28.08 -19.89 -17.54
CA GLN D 17 28.08 -18.52 -18.05
C GLN D 17 29.49 -17.99 -18.29
N ARG D 18 30.41 -18.28 -17.37
CA ARG D 18 31.66 -17.54 -17.29
C ARG D 18 32.68 -18.02 -18.32
N ALA D 19 33.65 -17.16 -18.59
CA ALA D 19 34.83 -17.50 -19.36
C ALA D 19 35.94 -18.00 -18.44
N SER D 20 37.01 -18.52 -19.03
CA SER D 20 38.07 -19.15 -18.27
C SER D 20 39.36 -18.35 -18.21
N GLY D 21 39.72 -17.64 -19.28
CA GLY D 21 41.02 -17.01 -19.36
C GLY D 21 41.05 -15.54 -19.03
N PRO D 22 42.24 -14.94 -19.13
CA PRO D 22 42.37 -13.49 -18.92
C PRO D 22 41.83 -12.71 -20.12
N ALA D 23 41.30 -11.52 -19.83
CA ALA D 23 40.88 -10.62 -20.89
C ALA D 23 42.06 -10.25 -21.78
N THR D 24 41.86 -10.28 -23.09
CA THR D 24 42.95 -10.13 -24.04
C THR D 24 42.59 -9.12 -25.13
N VAL D 25 43.48 -8.14 -25.33
CA VAL D 25 43.34 -7.23 -26.46
C VAL D 25 43.61 -7.99 -27.75
N LEU D 26 42.62 -8.00 -28.65
CA LEU D 26 42.71 -8.75 -29.89
C LEU D 26 42.86 -7.88 -31.14
N ALA D 27 42.64 -6.57 -31.03
CA ALA D 27 42.80 -5.67 -32.18
C ALA D 27 42.71 -4.24 -31.67
N ILE D 28 43.41 -3.34 -32.37
CA ILE D 28 43.41 -1.91 -32.04
C ILE D 28 43.31 -1.11 -33.33
N GLY D 29 42.42 -0.12 -33.34
CA GLY D 29 42.33 0.82 -34.44
C GLY D 29 42.24 2.24 -33.92
N THR D 30 42.79 3.16 -34.71
CA THR D 30 42.83 4.57 -34.34
C THR D 30 42.38 5.42 -35.52
N ALA D 31 41.79 6.59 -35.21
CA ALA D 31 41.33 7.51 -36.24
C ALA D 31 41.29 8.93 -35.64
N THR D 32 41.54 9.91 -36.51
CA THR D 32 41.51 11.32 -36.18
C THR D 32 40.69 12.04 -37.25
N PRO D 33 40.21 13.25 -36.97
CA PRO D 33 39.73 14.10 -38.07
C PRO D 33 40.86 14.34 -39.06
N ALA D 34 40.48 14.55 -40.33
CA ALA D 34 41.50 14.78 -41.36
C ALA D 34 42.26 16.07 -41.12
N ASN D 35 41.60 17.09 -40.59
CA ASN D 35 42.21 18.40 -40.44
C ASN D 35 43.30 18.37 -39.39
N CYS D 36 44.49 18.83 -39.77
CA CYS D 36 45.68 18.79 -38.94
C CYS D 36 46.19 20.19 -38.71
N VAL D 37 46.54 20.50 -37.45
CA VAL D 37 47.09 21.79 -37.08
C VAL D 37 48.46 21.55 -36.44
N HIS D 38 49.50 22.13 -37.06
CA HIS D 38 50.85 21.98 -36.55
C HIS D 38 51.09 22.97 -35.41
N GLN D 39 51.74 22.48 -34.35
CA GLN D 39 51.93 23.31 -33.16
C GLN D 39 52.74 24.57 -33.48
N ALA D 40 53.79 24.44 -34.30
CA ALA D 40 54.57 25.62 -34.67
C ALA D 40 53.67 26.73 -35.19
N ASP D 41 52.54 26.39 -35.81
CA ASP D 41 51.64 27.37 -36.40
C ASP D 41 50.46 27.74 -35.52
N TYR D 42 50.25 27.05 -34.38
CA TYR D 42 49.01 27.23 -33.65
C TYR D 42 48.90 28.59 -32.97
N PRO D 43 49.96 29.14 -32.34
CA PRO D 43 49.82 30.49 -31.76
C PRO D 43 49.29 31.53 -32.72
N ASP D 44 49.80 31.58 -33.96
CA ASP D 44 49.25 32.53 -34.93
C ASP D 44 47.81 32.17 -35.28
N TYR D 45 47.57 30.91 -35.63
CA TYR D 45 46.23 30.46 -36.00
C TYR D 45 45.24 30.73 -34.87
N TYR D 46 45.56 30.28 -33.66
CA TYR D 46 44.62 30.37 -32.55
C TYR D 46 44.28 31.82 -32.22
N PHE D 47 45.30 32.69 -32.17
CA PHE D 47 45.03 34.07 -31.81
C PHE D 47 44.34 34.83 -32.94
N ARG D 48 44.47 34.37 -34.18
CA ARG D 48 43.75 34.98 -35.29
C ARG D 48 42.26 34.64 -35.22
N VAL D 49 41.93 33.35 -35.15
CA VAL D 49 40.54 32.93 -35.22
C VAL D 49 39.76 33.41 -33.99
N THR D 50 40.44 33.62 -32.86
CA THR D 50 39.77 34.11 -31.65
C THR D 50 39.80 35.63 -31.55
N LYS D 51 40.23 36.33 -32.60
CA LYS D 51 40.23 37.80 -32.66
C LYS D 51 40.97 38.41 -31.47
N SER D 52 42.13 37.83 -31.14
CA SER D 52 42.85 38.19 -29.92
C SER D 52 44.27 38.66 -30.19
N ASP D 53 44.57 39.07 -31.42
CA ASP D 53 45.94 39.44 -31.79
C ASP D 53 46.40 40.74 -31.16
N HIS D 54 45.51 41.48 -30.51
CA HIS D 54 45.89 42.68 -29.78
C HIS D 54 46.48 42.37 -28.41
N LEU D 55 46.29 41.15 -27.91
CA LEU D 55 46.84 40.73 -26.61
C LEU D 55 48.22 40.12 -26.83
N THR D 56 49.18 41.01 -27.12
CA THR D 56 50.52 40.57 -27.50
C THR D 56 51.24 39.89 -26.34
N ASP D 57 51.06 40.36 -25.11
CA ASP D 57 51.70 39.70 -23.98
C ASP D 57 51.14 38.31 -23.78
N LEU D 58 49.82 38.15 -23.93
CA LEU D 58 49.21 36.83 -23.80
C LEU D 58 49.69 35.90 -24.91
N LYS D 59 49.85 36.41 -26.13
CA LYS D 59 50.33 35.58 -27.22
C LYS D 59 51.72 35.02 -26.91
N GLU D 60 52.57 35.83 -26.27
CA GLU D 60 53.91 35.36 -25.95
C GLU D 60 53.87 34.19 -24.97
N LYS D 61 53.04 34.31 -23.94
CA LYS D 61 52.87 33.20 -23.00
C LYS D 61 52.33 31.97 -23.71
N PHE D 62 51.50 32.14 -24.74
CA PHE D 62 50.94 30.99 -25.44
C PHE D 62 52.00 30.36 -26.35
N LYS D 63 52.83 31.18 -27.00
CA LYS D 63 53.97 30.63 -27.73
C LYS D 63 54.83 29.76 -26.84
N ARG D 64 55.12 30.23 -25.62
CA ARG D 64 55.93 29.43 -24.71
C ARG D 64 55.24 28.13 -24.35
N MET D 65 53.92 28.19 -24.09
CA MET D 65 53.17 26.97 -23.79
C MET D 65 53.25 25.99 -24.95
N CYS D 66 53.05 26.47 -26.18
CA CYS D 66 53.11 25.57 -27.33
C CYS D 66 54.52 25.07 -27.56
N ASP D 67 55.53 25.94 -27.42
CA ASP D 67 56.92 25.53 -27.59
C ASP D 67 57.28 24.41 -26.64
N LYS D 68 56.85 24.51 -25.38
CA LYS D 68 57.21 23.55 -24.34
C LYS D 68 56.21 22.42 -24.22
N SER D 69 55.15 22.40 -25.04
CA SER D 69 54.15 21.36 -24.95
C SER D 69 54.67 20.01 -25.41
N MET D 70 55.79 20.00 -26.16
CA MET D 70 56.33 18.79 -26.78
C MET D 70 55.33 18.13 -27.71
N ILE D 71 54.44 18.94 -28.30
CA ILE D 71 53.47 18.48 -29.28
C ILE D 71 53.88 19.03 -30.63
N ARG D 72 53.94 18.15 -31.64
CA ARG D 72 54.29 18.58 -32.98
C ARG D 72 53.06 18.91 -33.83
N LYS D 73 51.95 18.23 -33.62
CA LYS D 73 50.72 18.52 -34.34
C LYS D 73 49.54 17.88 -33.62
N ARG D 74 48.35 18.38 -33.92
CA ARG D 74 47.10 17.81 -33.44
C ARG D 74 46.08 17.83 -34.57
N TYR D 75 45.04 17.03 -34.42
CA TYR D 75 43.94 17.00 -35.37
C TYR D 75 42.71 17.61 -34.73
N MET D 76 41.97 18.41 -35.51
CA MET D 76 40.83 19.15 -34.99
C MET D 76 39.70 19.16 -36.01
N HIS D 77 38.56 18.55 -35.64
CA HIS D 77 37.37 18.66 -36.48
C HIS D 77 37.01 20.11 -36.75
N LEU D 78 37.23 20.99 -35.77
CA LEU D 78 36.92 22.39 -35.95
C LEU D 78 37.85 23.00 -37.01
N THR D 79 37.25 23.60 -38.04
CA THR D 79 37.98 24.32 -39.07
C THR D 79 37.82 25.82 -38.89
N GLU D 80 38.75 26.57 -39.50
CA GLU D 80 38.68 28.02 -39.44
C GLU D 80 37.38 28.53 -40.06
N GLU D 81 36.95 27.89 -41.15
CA GLU D 81 35.71 28.30 -41.82
C GLU D 81 34.50 28.12 -40.90
N PHE D 82 34.44 27.00 -40.18
CA PHE D 82 33.35 26.80 -39.24
C PHE D 82 33.41 27.80 -38.11
N LEU D 83 34.61 28.03 -37.57
CA LEU D 83 34.75 28.95 -36.43
C LEU D 83 34.34 30.35 -36.81
N ALA D 84 34.60 30.76 -38.06
CA ALA D 84 34.17 32.09 -38.52
C ALA D 84 32.67 32.27 -38.40
N GLU D 85 31.91 31.19 -38.58
CA GLU D 85 30.46 31.24 -38.43
C GLU D 85 30.01 31.17 -36.98
N ASN D 86 30.92 30.92 -36.03
CA ASN D 86 30.54 30.63 -34.65
C ASN D 86 31.36 31.47 -33.69
N PRO D 87 31.20 32.81 -33.74
CA PRO D 87 32.00 33.67 -32.84
C PRO D 87 31.81 33.33 -31.39
N ASN D 88 30.63 32.85 -31.00
CA ASN D 88 30.38 32.50 -29.60
C ASN D 88 31.39 31.46 -29.11
N MET D 89 31.73 30.48 -29.95
CA MET D 89 32.71 29.49 -29.55
C MET D 89 34.13 30.05 -29.57
N CYS D 90 34.37 31.13 -30.30
CA CYS D 90 35.70 31.73 -30.35
C CYS D 90 35.95 32.65 -29.16
N ALA D 91 34.91 33.23 -28.58
CA ALA D 91 35.10 34.04 -27.38
C ALA D 91 35.49 33.16 -26.21
N TYR D 92 36.15 33.76 -25.22
CA TYR D 92 36.57 33.01 -24.05
C TYR D 92 35.37 32.39 -23.33
N MET D 93 34.34 33.20 -23.04
CA MET D 93 33.10 32.75 -22.37
C MET D 93 31.92 33.40 -23.09
N ALA D 94 31.23 32.64 -23.92
CA ALA D 94 29.97 33.07 -24.52
C ALA D 94 29.01 31.90 -24.60
N PRO D 95 27.71 32.15 -24.48
CA PRO D 95 26.71 31.06 -24.64
C PRO D 95 26.94 30.28 -25.92
N SER D 96 27.37 29.03 -25.78
CA SER D 96 27.77 28.25 -26.94
C SER D 96 27.53 26.75 -26.78
N LEU D 97 26.97 26.29 -25.65
CA LEU D 97 26.82 24.85 -25.44
C LEU D 97 25.95 24.21 -26.52
N ASP D 98 24.84 24.87 -26.87
CA ASP D 98 23.95 24.31 -27.89
C ASP D 98 24.71 24.06 -29.18
N ALA D 99 25.53 25.03 -29.62
CA ALA D 99 26.33 24.83 -30.83
C ALA D 99 27.34 23.71 -30.65
N ARG D 100 28.03 23.68 -29.52
CA ARG D 100 29.03 22.65 -29.28
C ARG D 100 28.40 21.26 -29.22
N GLN D 101 27.27 21.14 -28.52
CA GLN D 101 26.55 19.87 -28.48
C GLN D 101 26.17 19.40 -29.88
N ASP D 102 25.62 20.31 -30.69
CA ASP D 102 25.24 19.95 -32.06
C ASP D 102 26.40 19.31 -32.82
N ILE D 103 27.63 19.75 -32.55
CA ILE D 103 28.79 19.17 -33.23
C ILE D 103 29.07 17.77 -32.71
N VAL D 104 29.30 17.65 -31.40
CA VAL D 104 29.89 16.43 -30.87
C VAL D 104 28.91 15.27 -30.85
N VAL D 105 27.61 15.52 -30.65
CA VAL D 105 26.68 14.40 -30.59
C VAL D 105 26.66 13.65 -31.92
N VAL D 106 27.00 14.33 -33.03
CA VAL D 106 27.16 13.66 -34.32
C VAL D 106 28.59 13.17 -34.52
N GLU D 107 29.58 14.06 -34.36
CA GLU D 107 30.93 13.74 -34.79
C GLU D 107 31.61 12.71 -33.87
N VAL D 108 31.30 12.72 -32.57
CA VAL D 108 31.92 11.73 -31.67
C VAL D 108 31.58 10.30 -32.09
N PRO D 109 30.31 9.92 -32.29
CA PRO D 109 30.06 8.56 -32.82
C PRO D 109 30.70 8.33 -34.17
N LYS D 110 30.70 9.33 -35.06
CA LYS D 110 31.25 9.16 -36.40
C LYS D 110 32.72 8.78 -36.32
N LEU D 111 33.50 9.56 -35.56
CA LEU D 111 34.92 9.27 -35.40
C LEU D 111 35.14 7.95 -34.67
N GLY D 112 34.23 7.58 -33.76
CA GLY D 112 34.28 6.25 -33.18
C GLY D 112 34.11 5.16 -34.23
N LYS D 113 33.21 5.38 -35.18
CA LYS D 113 33.00 4.40 -36.25
C LYS D 113 34.30 4.17 -37.02
N ALA D 114 35.01 5.25 -37.36
CA ALA D 114 36.22 5.14 -38.17
C ALA D 114 37.28 4.30 -37.46
N ALA D 115 37.48 4.53 -36.16
CA ALA D 115 38.39 3.68 -35.40
C ALA D 115 37.85 2.26 -35.27
N ALA D 116 36.55 2.13 -34.96
CA ALA D 116 35.97 0.81 -34.75
C ALA D 116 36.09 -0.05 -36.01
N GLN D 117 35.83 0.54 -37.18
CA GLN D 117 35.91 -0.24 -38.42
C GLN D 117 37.31 -0.78 -38.65
N LYS D 118 38.33 -0.01 -38.26
CA LYS D 118 39.70 -0.49 -38.38
C LYS D 118 39.97 -1.61 -37.39
N ALA D 119 39.57 -1.44 -36.13
CA ALA D 119 39.74 -2.51 -35.16
C ALA D 119 39.00 -3.76 -35.61
N LEU D 120 37.81 -3.59 -36.18
CA LEU D 120 37.04 -4.74 -36.66
C LEU D 120 37.70 -5.42 -37.85
N LYS D 121 38.33 -4.63 -38.72
CA LYS D 121 39.02 -5.20 -39.89
C LYS D 121 40.17 -6.10 -39.45
N GLU D 122 40.98 -5.63 -38.50
CA GLU D 122 42.10 -6.42 -38.02
C GLU D 122 41.61 -7.67 -37.31
N TRP D 123 40.52 -7.55 -36.56
CA TRP D 123 39.93 -8.71 -35.88
C TRP D 123 39.52 -9.77 -36.88
N GLY D 124 38.94 -9.37 -38.01
CA GLY D 124 38.59 -10.29 -39.07
C GLY D 124 37.31 -11.07 -38.86
N GLN D 125 36.74 -11.03 -37.68
CA GLN D 125 35.53 -11.78 -37.34
C GLN D 125 34.28 -10.97 -37.69
N PRO D 126 33.15 -11.62 -37.91
CA PRO D 126 31.93 -10.88 -38.26
C PRO D 126 31.43 -10.03 -37.09
N ARG D 127 30.90 -8.86 -37.44
CA ARG D 127 30.45 -7.90 -36.44
C ARG D 127 29.44 -8.50 -35.47
N SER D 128 28.69 -9.50 -35.93
CA SER D 128 27.64 -10.11 -35.10
C SER D 128 28.21 -10.79 -33.87
N ARG D 129 29.47 -11.21 -33.92
CA ARG D 129 30.08 -11.85 -32.76
C ARG D 129 30.40 -10.84 -31.65
N ILE D 130 30.30 -9.55 -31.91
CA ILE D 130 30.47 -8.56 -30.84
C ILE D 130 29.27 -8.64 -29.91
N THR D 131 29.55 -8.78 -28.61
CA THR D 131 28.53 -8.96 -27.58
C THR D 131 28.41 -7.78 -26.62
N HIS D 132 29.48 -7.00 -26.46
CA HIS D 132 29.50 -5.86 -25.57
C HIS D 132 30.12 -4.66 -26.29
N LEU D 133 29.65 -3.47 -25.94
CA LEU D 133 30.22 -2.22 -26.44
C LEU D 133 30.38 -1.26 -25.28
N VAL D 134 31.61 -0.81 -25.06
CA VAL D 134 31.91 0.23 -24.07
C VAL D 134 32.31 1.48 -24.84
N PHE D 135 31.49 2.52 -24.77
CA PHE D 135 31.77 3.77 -25.46
C PHE D 135 32.09 4.84 -24.43
N CYS D 136 33.21 5.55 -24.65
CA CYS D 136 33.68 6.52 -23.67
C CYS D 136 34.01 7.83 -24.38
N THR D 137 33.47 8.93 -23.86
CA THR D 137 33.80 10.24 -24.38
C THR D 137 33.66 11.27 -23.27
N THR D 138 34.46 12.33 -23.37
CA THR D 138 34.32 13.48 -22.50
C THR D 138 33.70 14.68 -23.23
N SER D 139 33.31 14.50 -24.49
CA SER D 139 32.79 15.59 -25.30
C SER D 139 31.34 15.33 -25.67
N GLY D 140 30.43 16.05 -25.02
CA GLY D 140 29.02 15.91 -25.32
C GLY D 140 28.33 14.81 -24.53
N VAL D 141 27.03 15.00 -24.32
CA VAL D 141 26.15 13.98 -23.76
C VAL D 141 24.82 14.05 -24.50
N ASP D 142 24.10 12.92 -24.54
CA ASP D 142 22.83 12.83 -25.26
C ASP D 142 22.10 11.56 -24.87
N MET D 143 20.78 11.59 -25.04
CA MET D 143 19.94 10.42 -24.79
C MET D 143 19.08 10.17 -26.03
N PRO D 144 19.19 9.00 -26.67
CA PRO D 144 20.13 7.90 -26.40
C PRO D 144 21.55 8.37 -26.68
N GLY D 145 22.57 7.65 -26.22
CA GLY D 145 23.92 8.16 -26.22
C GLY D 145 24.72 7.71 -27.43
N ALA D 146 26.01 8.10 -27.41
CA ALA D 146 26.91 7.78 -28.51
C ALA D 146 27.05 6.27 -28.68
N ASP D 147 26.86 5.51 -27.60
CA ASP D 147 26.84 4.05 -27.71
C ASP D 147 25.73 3.57 -28.63
N TYR D 148 24.52 4.10 -28.45
CA TYR D 148 23.41 3.75 -29.34
C TYR D 148 23.72 4.18 -30.77
N GLN D 149 24.18 5.43 -30.94
CA GLN D 149 24.53 5.92 -32.27
C GLN D 149 25.52 5.00 -32.96
N LEU D 150 26.56 4.57 -32.24
CA LEU D 150 27.58 3.75 -32.87
C LEU D 150 27.07 2.34 -33.18
N THR D 151 26.13 1.84 -32.38
CA THR D 151 25.52 0.55 -32.68
C THR D 151 24.75 0.61 -33.99
N LYS D 152 23.99 1.68 -34.21
CA LYS D 152 23.31 1.88 -35.49
C LYS D 152 24.30 2.03 -36.63
N LEU D 153 25.39 2.76 -36.40
CA LEU D 153 26.31 3.08 -37.50
C LEU D 153 27.10 1.87 -37.94
N LEU D 154 27.47 0.99 -37.02
CA LEU D 154 28.21 -0.21 -37.37
C LEU D 154 27.31 -1.41 -37.63
N GLY D 155 26.00 -1.28 -37.43
CA GLY D 155 25.14 -2.43 -37.58
C GLY D 155 25.45 -3.54 -36.61
N LEU D 156 25.74 -3.20 -35.36
CA LEU D 156 25.89 -4.24 -34.35
C LEU D 156 24.54 -4.88 -34.04
N ARG D 157 24.60 -6.04 -33.38
CA ARG D 157 23.37 -6.72 -33.02
C ARG D 157 22.54 -5.82 -32.10
N PRO D 158 21.21 -5.75 -32.30
CA PRO D 158 20.39 -4.91 -31.42
C PRO D 158 20.53 -5.27 -29.95
N SER D 159 20.87 -6.51 -29.64
CA SER D 159 20.99 -6.96 -28.25
C SER D 159 22.41 -6.90 -27.73
N VAL D 160 23.27 -6.08 -28.36
CA VAL D 160 24.60 -5.86 -27.81
C VAL D 160 24.46 -5.19 -26.45
N ASN D 161 25.27 -5.64 -25.50
CA ASN D 161 25.26 -5.08 -24.15
C ASN D 161 26.13 -3.83 -24.15
N ARG D 162 25.50 -2.68 -23.94
CA ARG D 162 26.17 -1.39 -24.04
C ARG D 162 26.38 -0.80 -22.64
N LEU D 163 27.53 -0.16 -22.44
CA LEU D 163 27.79 0.73 -21.31
C LEU D 163 28.34 2.05 -21.84
N MET D 164 27.68 3.15 -21.46
CA MET D 164 27.98 4.47 -21.99
C MET D 164 28.70 5.29 -20.91
N MET D 165 29.98 5.55 -21.11
CA MET D 165 30.82 6.32 -20.18
C MET D 165 30.86 7.77 -20.65
N TYR D 166 30.04 8.62 -20.03
CA TYR D 166 30.01 10.04 -20.38
C TYR D 166 30.80 10.88 -19.38
N GLN D 167 31.39 11.96 -19.90
CA GLN D 167 32.00 13.02 -19.09
C GLN D 167 33.01 12.46 -18.09
N GLN D 168 33.79 11.48 -18.55
CA GLN D 168 34.71 10.79 -17.66
C GLN D 168 36.00 11.59 -17.46
N GLY D 169 36.68 11.92 -18.55
CA GLY D 169 37.95 12.64 -18.45
C GLY D 169 39.14 11.84 -18.88
N PHE D 171 41.40 10.06 -17.59
CA PHE D 171 41.84 8.82 -16.95
C PHE D 171 41.06 7.61 -17.48
N ALA D 172 39.99 7.87 -18.24
CA ALA D 172 39.05 6.82 -18.58
C ALA D 172 39.56 5.84 -19.63
N GLY D 173 40.69 6.14 -20.29
CA GLY D 173 41.33 5.12 -21.11
C GLY D 173 41.68 3.90 -20.28
N GLY D 174 42.08 4.10 -19.03
CA GLY D 174 42.25 2.98 -18.12
C GLY D 174 40.92 2.41 -17.67
N THR D 175 39.93 3.29 -17.40
CA THR D 175 38.63 2.84 -16.93
C THR D 175 37.99 1.86 -17.91
N VAL D 176 38.01 2.18 -19.20
CA VAL D 176 37.31 1.34 -20.17
C VAL D 176 37.97 -0.03 -20.30
N LEU D 177 39.29 -0.10 -20.10
CA LEU D 177 39.95 -1.39 -20.06
C LEU D 177 39.56 -2.16 -18.81
N ARG D 178 39.49 -1.45 -17.67
CA ARG D 178 39.07 -2.07 -16.41
C ARG D 178 37.65 -2.62 -16.51
N VAL D 179 36.79 -1.97 -17.29
CA VAL D 179 35.42 -2.45 -17.47
C VAL D 179 35.38 -3.59 -18.49
N ALA D 180 36.12 -3.47 -19.59
CA ALA D 180 36.14 -4.56 -20.56
C ALA D 180 36.68 -5.85 -19.95
N LYS D 181 37.70 -5.72 -19.10
CA LYS D 181 38.28 -6.87 -18.40
C LYS D 181 37.20 -7.70 -17.71
N ASP D 182 36.38 -7.07 -16.88
CA ASP D 182 35.37 -7.81 -16.14
C ASP D 182 34.29 -8.35 -17.07
N LEU D 183 33.88 -7.55 -18.06
CA LEU D 183 32.85 -7.99 -18.98
C LEU D 183 33.31 -9.22 -19.76
N ALA D 184 34.53 -9.19 -20.28
CA ALA D 184 35.01 -10.30 -21.10
C ALA D 184 35.31 -11.53 -20.24
N GLU D 185 35.74 -11.35 -18.99
CA GLU D 185 36.18 -12.47 -18.19
C GLU D 185 35.03 -13.20 -17.50
N ASN D 186 33.89 -12.55 -17.33
CA ASN D 186 32.75 -13.12 -16.62
C ASN D 186 31.69 -13.71 -17.55
N ASN D 187 31.89 -13.64 -18.86
CA ASN D 187 30.87 -14.06 -19.81
C ASN D 187 31.53 -14.88 -20.91
N ARG D 188 31.30 -16.18 -20.90
CA ARG D 188 31.86 -17.06 -21.92
C ARG D 188 31.48 -16.57 -23.32
N GLY D 189 32.47 -16.50 -24.21
CA GLY D 189 32.27 -16.08 -25.57
C GLY D 189 32.19 -14.58 -25.77
N ALA D 190 32.21 -13.78 -24.70
CA ALA D 190 32.02 -12.34 -24.84
C ALA D 190 33.17 -11.70 -25.59
N ARG D 191 32.82 -10.82 -26.53
CA ARG D 191 33.79 -10.04 -27.29
C ARG D 191 33.41 -8.57 -27.15
N VAL D 192 34.27 -7.78 -26.51
CA VAL D 192 33.94 -6.42 -26.11
C VAL D 192 34.59 -5.45 -27.09
N LEU D 193 33.77 -4.69 -27.81
CA LEU D 193 34.23 -3.54 -28.57
C LEU D 193 34.33 -2.34 -27.64
N VAL D 194 35.54 -1.80 -27.48
CA VAL D 194 35.78 -0.64 -26.63
C VAL D 194 36.19 0.52 -27.53
N VAL D 195 35.48 1.64 -27.39
CA VAL D 195 35.72 2.82 -28.23
C VAL D 195 35.83 4.03 -27.33
N CYS D 196 36.96 4.72 -27.39
CA CYS D 196 37.10 6.06 -26.84
C CYS D 196 37.14 7.06 -28.00
N SER D 197 36.41 8.16 -27.87
CA SER D 197 36.28 9.13 -28.96
C SER D 197 36.18 10.51 -28.34
N GLU D 198 37.14 11.39 -28.65
CA GLU D 198 37.23 12.71 -28.03
C GLU D 198 37.36 13.77 -29.10
N ILE D 199 36.54 14.82 -29.01
CA ILE D 199 36.59 15.95 -29.93
C ILE D 199 36.53 17.24 -29.12
N THR D 200 37.53 18.12 -29.32
CA THR D 200 37.76 19.28 -28.48
C THR D 200 36.81 20.45 -28.75
N ALA D 201 35.78 20.26 -29.58
CA ALA D 201 34.83 21.35 -29.83
C ALA D 201 34.05 21.74 -28.58
N VAL D 202 33.96 20.87 -27.59
CA VAL D 202 33.28 21.25 -26.36
C VAL D 202 34.15 22.17 -25.50
N THR D 203 35.48 22.03 -25.57
CA THR D 203 36.38 22.83 -24.75
C THR D 203 37.12 23.94 -25.50
N PHE D 204 36.99 24.02 -26.81
CA PHE D 204 37.70 25.08 -27.54
C PHE D 204 37.09 26.43 -27.18
N ARG D 205 37.93 27.35 -26.74
CA ARG D 205 37.46 28.70 -26.43
C ARG D 205 38.62 29.67 -26.55
N GLY D 206 38.27 30.96 -26.62
CA GLY D 206 39.24 32.01 -26.72
C GLY D 206 40.07 32.15 -25.47
N PRO D 207 41.12 32.96 -25.55
CA PRO D 207 42.01 33.15 -24.41
C PRO D 207 41.59 34.32 -23.53
N SER D 208 42.00 34.25 -22.26
CA SER D 208 41.75 35.28 -21.29
C SER D 208 42.98 35.41 -20.40
N GLU D 209 43.43 36.64 -20.18
CA GLU D 209 44.68 36.84 -19.44
C GLU D 209 44.58 36.36 -18.00
N SER D 210 43.37 36.31 -17.43
CA SER D 210 43.21 35.93 -16.04
C SER D 210 43.05 34.42 -15.85
N HIS D 211 42.97 33.64 -16.93
CA HIS D 211 42.75 32.20 -16.84
C HIS D 211 43.76 31.48 -17.74
N LEU D 212 44.99 31.41 -17.26
CA LEU D 212 46.06 30.74 -17.99
C LEU D 212 45.90 29.23 -17.96
N ASP D 213 45.23 28.68 -16.94
CA ASP D 213 45.04 27.24 -16.93
C ASP D 213 44.14 26.80 -18.07
N SER D 214 43.10 27.58 -18.36
CA SER D 214 42.29 27.31 -19.54
C SER D 214 43.12 27.44 -20.81
N LEU D 215 44.01 28.43 -20.86
CA LEU D 215 44.84 28.64 -22.05
C LEU D 215 45.77 27.44 -22.27
N VAL D 216 46.28 26.87 -21.19
CA VAL D 216 47.12 25.67 -21.31
C VAL D 216 46.37 24.57 -22.05
N GLY D 217 45.10 24.36 -21.68
CA GLY D 217 44.30 23.35 -22.37
C GLY D 217 44.27 23.54 -23.87
N GLN D 218 44.14 24.80 -24.32
CA GLN D 218 44.13 25.09 -25.74
C GLN D 218 45.43 24.71 -26.44
N ALA D 219 46.54 24.63 -25.70
CA ALA D 219 47.80 24.18 -26.30
C ALA D 219 47.95 22.66 -26.34
N LEU D 220 47.21 21.92 -25.52
CA LEU D 220 47.44 20.49 -25.34
C LEU D 220 46.39 19.58 -25.97
N PHE D 221 45.10 19.91 -25.87
CA PHE D 221 44.06 18.96 -26.23
C PHE D 221 43.90 18.83 -27.75
N GLY D 222 43.84 17.59 -28.24
CA GLY D 222 43.56 17.32 -29.63
C GLY D 222 42.44 16.30 -29.77
N ASP D 223 42.00 16.12 -31.02
CA ASP D 223 40.93 15.17 -31.35
C ASP D 223 41.52 13.82 -31.78
N GLY D 224 40.77 12.76 -31.50
CA GLY D 224 41.13 11.43 -31.90
C GLY D 224 40.16 10.39 -31.34
N ALA D 225 40.13 9.20 -31.94
CA ALA D 225 39.35 8.10 -31.42
C ALA D 225 40.17 6.84 -31.51
N ALA D 226 39.98 5.94 -30.54
CA ALA D 226 40.70 4.68 -30.50
C ALA D 226 39.73 3.57 -30.15
N ALA D 227 39.89 2.42 -30.82
CA ALA D 227 38.99 1.30 -30.61
C ALA D 227 39.79 0.04 -30.32
N VAL D 228 39.28 -0.78 -29.42
CA VAL D 228 39.94 -2.01 -28.98
C VAL D 228 38.88 -3.10 -28.88
N ILE D 229 39.23 -4.31 -29.32
CA ILE D 229 38.37 -5.47 -29.16
C ILE D 229 39.00 -6.38 -28.11
N VAL D 230 38.25 -6.66 -27.04
CA VAL D 230 38.74 -7.40 -25.88
C VAL D 230 37.94 -8.69 -25.75
N GLY D 231 38.63 -9.80 -25.53
CA GLY D 231 37.99 -11.08 -25.28
C GLY D 231 38.89 -11.98 -24.47
N ALA D 232 38.27 -12.98 -23.86
CA ALA D 232 39.00 -14.05 -23.18
C ALA D 232 38.92 -15.32 -24.02
N ASP D 233 39.86 -16.22 -23.75
CA ASP D 233 39.91 -17.57 -24.31
C ASP D 233 40.12 -17.54 -25.82
N PRO D 234 40.95 -16.64 -26.37
CA PRO D 234 40.87 -16.36 -27.81
C PRO D 234 41.05 -17.59 -28.67
N ASP D 235 40.35 -17.62 -29.80
CA ASP D 235 40.48 -18.72 -30.74
C ASP D 235 41.90 -18.75 -31.30
N GLU D 236 42.43 -19.97 -31.45
CA GLU D 236 43.86 -20.13 -31.72
C GLU D 236 44.26 -19.47 -33.05
N ARG D 237 43.61 -19.87 -34.14
CA ARG D 237 44.07 -19.46 -35.46
C ARG D 237 43.11 -18.53 -36.19
N ALA D 238 42.16 -17.93 -35.46
CA ALA D 238 41.37 -16.84 -36.02
C ALA D 238 41.59 -15.52 -35.34
N GLU D 239 42.11 -15.53 -34.11
CA GLU D 239 42.43 -14.31 -33.37
C GLU D 239 43.90 -14.34 -32.97
N ARG D 240 44.46 -13.14 -32.79
CA ARG D 240 45.87 -12.97 -32.44
C ARG D 240 46.00 -12.02 -31.27
N PRO D 241 46.28 -12.54 -30.06
CA PRO D 241 46.44 -11.66 -28.91
C PRO D 241 47.57 -10.66 -29.10
N LEU D 242 47.35 -9.46 -28.57
CA LEU D 242 48.39 -8.44 -28.50
C LEU D 242 48.80 -8.10 -27.07
N PHE D 243 47.83 -8.03 -26.16
CA PHE D 243 48.11 -7.78 -24.75
C PHE D 243 47.09 -8.52 -23.90
N GLN D 244 47.51 -8.89 -22.70
CA GLN D 244 46.62 -9.46 -21.69
C GLN D 244 46.41 -8.45 -20.59
N LEU D 245 45.16 -8.31 -20.15
CA LEU D 245 44.82 -7.47 -19.01
C LEU D 245 44.95 -8.33 -17.76
N VAL D 246 45.87 -7.97 -16.87
CA VAL D 246 46.18 -8.79 -15.71
C VAL D 246 45.40 -8.32 -14.49
N SER D 247 45.44 -7.02 -14.20
CA SER D 247 44.73 -6.45 -13.06
C SER D 247 44.44 -4.99 -13.35
N ALA D 248 43.44 -4.46 -12.65
CA ALA D 248 43.01 -3.09 -12.87
C ALA D 248 42.56 -2.47 -11.56
N ALA D 249 43.02 -1.25 -11.29
CA ALA D 249 42.71 -0.55 -10.05
C ALA D 249 42.56 0.93 -10.31
N GLN D 250 41.80 1.59 -9.45
CA GLN D 250 41.59 3.04 -9.51
C GLN D 250 41.79 3.61 -8.11
N THR D 251 42.45 4.76 -8.03
CA THR D 251 42.65 5.40 -6.72
C THR D 251 42.52 6.91 -6.85
N LEU D 252 42.31 7.56 -5.70
CA LEU D 252 42.32 9.01 -5.58
C LEU D 252 43.53 9.46 -4.79
N LEU D 253 44.29 10.40 -5.33
CA LEU D 253 45.52 10.80 -4.67
C LEU D 253 45.22 11.73 -3.48
N PRO D 254 45.91 11.53 -2.34
CA PRO D 254 45.53 12.19 -1.07
C PRO D 254 45.23 13.69 -1.16
N ASP D 255 46.25 14.52 -1.32
CA ASP D 255 46.07 15.97 -1.18
C ASP D 255 45.90 16.63 -2.55
N SER D 256 44.89 16.16 -3.27
CA SER D 256 44.74 16.47 -4.69
C SER D 256 43.39 17.08 -5.02
N GLU D 257 42.65 17.54 -4.03
CA GLU D 257 41.27 17.99 -4.22
C GLU D 257 41.25 19.23 -5.10
N GLY D 258 40.45 19.19 -6.16
CA GLY D 258 40.35 20.33 -7.04
C GLY D 258 41.54 20.52 -7.97
N ALA D 259 42.42 19.52 -8.08
CA ALA D 259 43.58 19.67 -8.95
C ALA D 259 43.17 19.87 -10.40
N ILE D 260 42.18 19.11 -10.86
CA ILE D 260 41.64 19.21 -12.23
C ILE D 260 40.13 19.20 -12.11
N ASP D 261 39.51 20.33 -12.42
CA ASP D 261 38.06 20.47 -12.34
C ASP D 261 37.51 20.79 -13.72
N GLY D 262 36.31 20.28 -14.00
CA GLY D 262 35.70 20.46 -15.31
C GLY D 262 34.18 20.54 -15.20
N HIS D 263 33.61 21.65 -15.66
CA HIS D 263 32.18 21.92 -15.52
C HIS D 263 31.57 22.09 -16.90
N LEU D 264 30.44 21.43 -17.14
CA LEU D 264 29.67 21.60 -18.37
C LEU D 264 28.67 22.72 -18.12
N ARG D 265 28.90 23.87 -18.75
CA ARG D 265 28.11 25.06 -18.53
C ARG D 265 27.57 25.57 -19.85
N GLU D 266 26.82 26.67 -19.80
CA GLU D 266 26.22 27.22 -21.01
C GLU D 266 27.25 27.76 -21.98
N VAL D 267 28.50 27.98 -21.53
CA VAL D 267 29.58 28.46 -22.39
C VAL D 267 30.40 27.24 -22.80
N GLY D 268 29.86 26.06 -22.53
CA GLY D 268 30.51 24.81 -22.86
C GLY D 268 31.27 24.24 -21.68
N LEU D 269 32.19 23.33 -22.00
CA LEU D 269 32.99 22.67 -20.98
C LEU D 269 34.20 23.51 -20.61
N THR D 270 34.36 23.74 -19.31
CA THR D 270 35.42 24.54 -18.73
C THR D 270 36.44 23.64 -18.06
N PHE D 271 37.64 24.20 -17.85
CA PHE D 271 38.81 23.42 -17.48
C PHE D 271 39.66 24.25 -16.54
N HIS D 272 39.87 23.75 -15.31
CA HIS D 272 40.58 24.49 -14.28
C HIS D 272 41.60 23.58 -13.60
N LEU D 273 42.78 24.13 -13.32
CA LEU D 273 43.83 23.45 -12.58
C LEU D 273 44.12 24.23 -11.31
N LEU D 274 44.69 23.55 -10.30
CA LEU D 274 44.82 24.22 -9.01
C LEU D 274 45.97 23.77 -8.12
N LYS D 275 46.57 22.59 -8.37
CA LYS D 275 47.44 22.05 -7.33
C LYS D 275 48.69 21.32 -7.84
N ASP D 276 49.24 21.73 -8.98
CA ASP D 276 50.45 21.09 -9.49
C ASP D 276 50.22 19.60 -9.72
N VAL D 277 49.57 19.30 -10.84
CA VAL D 277 49.32 17.90 -11.20
C VAL D 277 50.60 17.10 -11.38
N PRO D 278 51.64 17.61 -12.07
CA PRO D 278 52.86 16.79 -12.21
C PRO D 278 53.48 16.37 -10.88
N GLY D 279 53.48 17.23 -9.87
CA GLY D 279 54.01 16.84 -8.58
C GLY D 279 53.19 15.76 -7.90
N LEU D 280 51.88 15.95 -7.84
CA LEU D 280 51.01 15.01 -7.13
C LEU D 280 51.08 13.60 -7.73
N ILE D 281 51.10 13.50 -9.06
CA ILE D 281 51.21 12.18 -9.70
C ILE D 281 52.57 11.55 -9.41
N SER D 282 53.66 12.29 -9.62
CA SER D 282 54.96 11.66 -9.45
C SER D 282 55.22 11.32 -7.98
N LYS D 283 54.74 12.15 -7.06
CA LYS D 283 54.90 11.87 -5.65
C LYS D 283 54.15 10.60 -5.24
N ASN D 284 53.12 10.20 -5.99
CA ASN D 284 52.31 9.05 -5.64
C ASN D 284 52.49 7.87 -6.59
N ILE D 285 53.28 8.02 -7.65
CA ILE D 285 53.33 6.98 -8.68
C ILE D 285 53.97 5.71 -8.14
N GLU D 286 54.92 5.82 -7.21
CA GLU D 286 55.61 4.63 -6.72
C GLU D 286 54.68 3.78 -5.87
N ARG D 287 53.80 4.41 -5.09
CA ARG D 287 52.84 3.65 -4.29
C ARG D 287 51.86 2.90 -5.19
N ALA D 288 51.43 3.52 -6.29
CA ALA D 288 50.56 2.84 -7.24
C ALA D 288 51.29 1.68 -7.93
N LEU D 289 52.58 1.87 -8.22
CA LEU D 289 53.33 0.78 -8.84
C LEU D 289 53.49 -0.39 -7.89
N GLU D 290 53.88 -0.12 -6.63
CA GLU D 290 54.01 -1.20 -5.66
C GLU D 290 52.69 -1.93 -5.45
N ALA D 291 51.58 -1.18 -5.37
CA ALA D 291 50.27 -1.81 -5.20
C ALA D 291 49.99 -2.81 -6.31
N ALA D 292 50.41 -2.49 -7.54
CA ALA D 292 50.08 -3.32 -8.69
C ALA D 292 51.07 -4.46 -8.89
N PHE D 293 52.33 -4.27 -8.51
CA PHE D 293 53.39 -5.18 -8.91
C PHE D 293 54.04 -5.94 -7.76
N ALA D 294 54.04 -5.40 -6.55
CA ALA D 294 54.52 -6.18 -5.41
C ALA D 294 53.82 -7.52 -5.26
N PRO D 295 52.51 -7.67 -5.49
CA PRO D 295 51.92 -9.01 -5.48
C PRO D 295 52.44 -9.91 -6.59
N LEU D 296 53.05 -9.35 -7.62
CA LEU D 296 53.66 -10.16 -8.68
C LEU D 296 55.16 -10.35 -8.48
N GLY D 297 55.71 -9.88 -7.37
CA GLY D 297 57.14 -9.96 -7.15
C GLY D 297 57.96 -9.12 -8.10
N ILE D 298 57.45 -7.96 -8.48
CA ILE D 298 58.12 -7.07 -9.43
C ILE D 298 58.34 -5.73 -8.75
N SER D 299 59.59 -5.25 -8.76
CA SER D 299 59.92 -3.99 -8.12
C SER D 299 60.85 -3.11 -8.92
N ASP D 300 61.44 -3.59 -10.02
CA ASP D 300 62.30 -2.79 -10.89
C ASP D 300 61.44 -2.19 -11.97
N TRP D 301 61.10 -0.90 -11.83
CA TRP D 301 60.23 -0.24 -12.78
C TRP D 301 60.87 0.00 -14.14
N ASN D 302 62.10 -0.45 -14.37
CA ASN D 302 62.68 -0.44 -15.70
C ASN D 302 62.53 -1.76 -16.43
N SER D 303 62.08 -2.81 -15.73
CA SER D 303 61.92 -4.14 -16.32
C SER D 303 60.53 -4.34 -16.94
N ILE D 304 59.68 -3.32 -16.96
CA ILE D 304 58.34 -3.42 -17.50
C ILE D 304 58.13 -2.32 -18.53
N PHE D 305 57.26 -2.59 -19.51
CA PHE D 305 56.96 -1.53 -20.46
C PHE D 305 55.91 -0.58 -19.89
N TRP D 306 55.91 0.65 -20.41
CA TRP D 306 55.15 1.75 -19.82
C TRP D 306 54.21 2.35 -20.85
N VAL D 307 52.95 2.55 -20.45
CA VAL D 307 51.99 3.34 -21.20
C VAL D 307 51.38 4.32 -20.21
N ALA D 308 51.83 5.58 -20.25
CA ALA D 308 51.32 6.60 -19.34
C ALA D 308 50.48 7.60 -20.12
N HIS D 309 49.36 8.02 -19.53
CA HIS D 309 48.55 9.05 -20.17
C HIS D 309 49.32 10.35 -20.26
N PRO D 310 49.49 10.93 -21.43
CA PRO D 310 50.36 12.10 -21.59
C PRO D 310 49.59 13.42 -21.41
N GLY D 311 49.05 13.63 -20.21
CA GLY D 311 48.31 14.87 -19.95
C GLY D 311 49.10 16.11 -20.30
N GLY D 312 50.41 16.04 -20.18
CA GLY D 312 51.32 17.08 -20.59
C GLY D 312 52.73 16.61 -20.36
N PRO D 313 53.71 17.25 -21.01
CA PRO D 313 55.10 16.78 -20.87
C PRO D 313 55.60 16.82 -19.44
N ALA D 314 55.11 17.73 -18.61
CA ALA D 314 55.65 17.87 -17.27
C ALA D 314 55.31 16.66 -16.40
N ILE D 315 54.15 16.04 -16.62
CA ILE D 315 53.81 14.83 -15.89
C ILE D 315 54.80 13.72 -16.21
N LEU D 316 55.06 13.52 -17.51
CA LEU D 316 55.99 12.47 -17.93
C LEU D 316 57.39 12.73 -17.41
N ASP D 317 57.87 13.98 -17.51
CA ASP D 317 59.23 14.28 -17.08
C ASP D 317 59.42 14.01 -15.60
N GLN D 318 58.43 14.41 -14.78
CA GLN D 318 58.57 14.26 -13.33
C GLN D 318 58.40 12.81 -12.90
N VAL D 319 57.56 12.04 -13.61
CA VAL D 319 57.42 10.63 -13.27
C VAL D 319 58.65 9.85 -13.71
N GLU D 320 59.18 10.15 -14.90
CA GLU D 320 60.39 9.50 -15.36
C GLU D 320 61.56 9.80 -14.42
N ALA D 321 61.60 11.01 -13.86
CA ALA D 321 62.67 11.40 -12.96
C ALA D 321 62.51 10.77 -11.58
N LYS D 322 61.27 10.56 -11.12
CA LYS D 322 61.05 10.03 -9.78
C LYS D 322 61.55 8.60 -9.65
N VAL D 323 61.40 7.79 -10.70
CA VAL D 323 61.76 6.38 -10.66
C VAL D 323 62.89 6.04 -11.62
N SER D 324 63.62 7.06 -12.09
CA SER D 324 64.82 6.88 -12.91
C SER D 324 64.56 5.95 -14.09
N LEU D 325 63.45 6.18 -14.79
CA LEU D 325 63.14 5.39 -15.98
C LEU D 325 64.17 5.64 -17.07
N ASP D 326 64.71 4.56 -17.66
CA ASP D 326 65.46 4.70 -18.89
C ASP D 326 64.60 5.41 -19.92
N LYS D 327 65.20 6.36 -20.64
CA LYS D 327 64.46 7.26 -21.51
C LYS D 327 63.68 6.51 -22.58
N ALA D 328 64.04 5.26 -22.86
CA ALA D 328 63.33 4.47 -23.86
C ALA D 328 61.95 4.01 -23.38
N ARG D 329 61.70 4.05 -22.06
CA ARG D 329 60.42 3.56 -21.54
C ARG D 329 59.27 4.48 -21.92
N MET D 330 59.51 5.78 -21.97
CA MET D 330 58.48 6.77 -22.27
C MET D 330 58.35 7.07 -23.75
N ARG D 331 59.13 6.41 -24.62
CA ARG D 331 59.20 6.79 -26.03
C ARG D 331 57.83 6.69 -26.70
N ALA D 332 57.19 5.53 -26.59
CA ALA D 332 55.87 5.33 -27.19
C ALA D 332 54.88 6.39 -26.71
N THR D 333 54.85 6.64 -25.40
CA THR D 333 53.98 7.67 -24.85
C THR D 333 54.30 9.03 -25.44
N ARG D 334 55.58 9.36 -25.54
CA ARG D 334 55.95 10.68 -26.04
C ARG D 334 55.68 10.81 -27.53
N HIS D 335 55.85 9.74 -28.30
CA HIS D 335 55.56 9.79 -29.73
C HIS D 335 54.11 10.19 -29.97
N VAL D 336 53.19 9.58 -29.23
CA VAL D 336 51.77 9.88 -29.39
C VAL D 336 51.48 11.32 -28.98
N LEU D 337 52.05 11.76 -27.87
CA LEU D 337 51.94 13.17 -27.48
C LEU D 337 52.45 14.08 -28.58
N ALA D 338 53.54 13.70 -29.25
CA ALA D 338 54.11 14.58 -30.26
C ALA D 338 53.25 14.60 -31.52
N GLU D 339 52.74 13.45 -31.94
CA GLU D 339 52.01 13.36 -33.19
C GLU D 339 50.51 13.54 -33.05
N TYR D 340 49.98 13.58 -31.82
CA TYR D 340 48.53 13.71 -31.64
C TYR D 340 48.09 14.67 -30.55
N GLY D 341 48.99 15.17 -29.71
CA GLY D 341 48.54 15.95 -28.58
C GLY D 341 47.82 15.08 -27.55
N ASN D 342 47.14 15.77 -26.63
CA ASN D 342 46.43 15.11 -25.53
C ASN D 342 45.00 14.88 -25.99
N MET D 343 44.71 13.68 -26.49
CA MET D 343 43.36 13.29 -26.87
C MET D 343 42.58 12.63 -25.74
N SER D 344 42.84 13.02 -24.49
CA SER D 344 42.06 12.60 -23.30
C SER D 344 42.01 11.07 -23.27
N SER D 345 40.83 10.45 -23.04
CA SER D 345 40.76 9.01 -22.77
C SER D 345 41.41 8.14 -23.86
N ALA D 346 41.40 8.58 -25.11
CA ALA D 346 41.87 7.73 -26.19
C ALA D 346 43.38 7.52 -26.18
N CYS D 347 44.13 8.38 -25.46
CA CYS D 347 45.58 8.44 -25.62
C CYS D 347 46.24 7.09 -25.36
N VAL D 348 45.95 6.48 -24.20
CA VAL D 348 46.62 5.24 -23.82
C VAL D 348 46.36 4.14 -24.85
N LEU D 349 45.17 4.12 -25.45
CA LEU D 349 44.91 3.16 -26.51
C LEU D 349 45.76 3.45 -27.75
N PHE D 350 45.98 4.73 -28.07
CA PHE D 350 46.90 5.09 -29.15
C PHE D 350 48.31 4.60 -28.83
N ILE D 351 48.74 4.75 -27.58
CA ILE D 351 50.11 4.37 -27.22
C ILE D 351 50.28 2.86 -27.30
N LEU D 352 49.23 2.11 -26.91
CA LEU D 352 49.29 0.66 -27.01
C LEU D 352 49.45 0.21 -28.45
N ASP D 353 48.68 0.82 -29.36
CA ASP D 353 48.82 0.53 -30.79
C ASP D 353 50.23 0.87 -31.28
N GLU D 354 50.74 2.04 -30.90
CA GLU D 354 52.07 2.46 -31.33
C GLU D 354 53.14 1.50 -30.82
N MET D 355 53.03 1.08 -29.56
CA MET D 355 54.06 0.21 -28.98
C MET D 355 54.11 -1.15 -29.68
N ARG D 356 52.96 -1.79 -29.87
CA ARG D 356 52.98 -3.08 -30.57
C ARG D 356 53.38 -2.90 -32.03
N LYS D 357 53.07 -1.77 -32.65
CA LYS D 357 53.51 -1.55 -34.02
C LYS D 357 55.02 -1.35 -34.09
N ARG D 358 55.56 -0.45 -33.26
CA ARG D 358 57.01 -0.22 -33.24
C ARG D 358 57.75 -1.45 -32.75
N SER D 359 57.15 -2.25 -31.87
CA SER D 359 57.79 -3.48 -31.43
C SER D 359 57.99 -4.43 -32.60
N ALA D 360 57.00 -4.53 -33.49
CA ALA D 360 57.13 -5.39 -34.66
C ALA D 360 58.17 -4.84 -35.64
N GLU D 361 58.15 -3.54 -35.88
CA GLU D 361 59.10 -2.91 -36.82
C GLU D 361 60.53 -3.15 -36.37
N ASP D 362 60.81 -2.94 -35.07
CA ASP D 362 62.16 -3.02 -34.53
C ASP D 362 62.59 -4.45 -34.20
N GLY D 363 61.73 -5.43 -34.42
CA GLY D 363 62.10 -6.81 -34.15
C GLY D 363 62.21 -7.15 -32.68
N CYS D 364 61.42 -6.51 -31.83
CA CYS D 364 61.38 -6.88 -30.42
C CYS D 364 60.78 -8.28 -30.26
N ALA D 365 61.12 -8.91 -29.14
CA ALA D 365 60.67 -10.28 -28.91
C ALA D 365 59.20 -10.36 -28.57
N THR D 366 58.63 -9.30 -27.97
CA THR D 366 57.23 -9.29 -27.56
C THR D 366 56.56 -8.01 -28.03
N THR D 367 55.24 -7.94 -27.81
CA THR D 367 54.50 -6.74 -28.16
C THR D 367 54.77 -5.59 -27.20
N GLY D 368 55.33 -5.86 -26.03
CA GLY D 368 55.66 -4.82 -25.08
C GLY D 368 57.11 -4.43 -25.10
N GLU D 369 57.63 -4.15 -26.30
CA GLU D 369 59.02 -3.71 -26.51
C GLU D 369 60.02 -4.76 -26.04
N GLY D 370 59.66 -6.05 -26.15
CA GLY D 370 60.51 -7.13 -25.74
C GLY D 370 60.39 -7.53 -24.28
N LEU D 371 59.64 -6.79 -23.48
CA LEU D 371 59.45 -7.11 -22.08
C LEU D 371 58.15 -7.90 -21.89
N ASP D 372 58.02 -8.52 -20.72
CA ASP D 372 56.90 -9.41 -20.46
C ASP D 372 55.74 -8.74 -19.75
N TRP D 373 56.01 -7.92 -18.74
CA TRP D 373 54.98 -7.23 -17.97
C TRP D 373 54.98 -5.74 -18.31
N GLY D 374 53.81 -5.11 -18.15
CA GLY D 374 53.70 -3.69 -18.42
C GLY D 374 52.70 -3.04 -17.50
N VAL D 375 52.73 -1.70 -17.50
CA VAL D 375 51.79 -0.91 -16.73
C VAL D 375 51.18 0.16 -17.63
N LEU D 376 49.88 0.37 -17.51
CA LEU D 376 49.18 1.46 -18.19
C LEU D 376 48.56 2.35 -17.14
N PHE D 377 48.77 3.66 -17.29
CA PHE D 377 48.33 4.64 -16.31
C PHE D 377 47.36 5.63 -16.95
N GLY D 378 46.25 5.86 -16.28
CA GLY D 378 45.34 6.94 -16.61
C GLY D 378 45.34 7.97 -15.49
N PHE D 379 45.45 9.25 -15.88
CA PHE D 379 45.51 10.37 -14.95
C PHE D 379 44.37 11.31 -15.27
N GLY D 380 43.59 11.70 -14.25
CA GLY D 380 42.48 12.59 -14.48
C GLY D 380 41.90 13.26 -13.25
N PRO D 381 40.73 13.90 -13.42
CA PRO D 381 40.07 14.60 -12.32
C PRO D 381 39.91 13.80 -11.01
N GLY D 382 39.92 14.50 -9.89
CA GLY D 382 39.81 13.95 -8.52
C GLY D 382 41.19 13.57 -8.16
N LEU D 383 42.11 14.02 -9.00
CA LEU D 383 43.38 13.36 -9.14
C LEU D 383 43.08 11.86 -9.01
N THR D 384 42.56 11.27 -10.09
CA THR D 384 42.36 9.84 -10.19
C THR D 384 43.52 9.24 -10.96
N VAL D 385 44.06 8.14 -10.46
CA VAL D 385 45.02 7.32 -11.19
C VAL D 385 44.39 5.95 -11.42
N GLU D 386 44.30 5.55 -12.69
CA GLU D 386 43.95 4.19 -13.05
C GLU D 386 45.24 3.43 -13.33
N THR D 387 45.37 2.24 -12.74
CA THR D 387 46.53 1.38 -12.97
C THR D 387 46.04 0.07 -13.56
N VAL D 388 46.49 -0.23 -14.78
CA VAL D 388 46.22 -1.51 -15.44
C VAL D 388 47.53 -2.24 -15.61
N VAL D 389 47.62 -3.45 -15.06
CA VAL D 389 48.79 -4.30 -15.26
C VAL D 389 48.59 -5.10 -16.54
N LEU D 390 49.57 -5.03 -17.43
CA LEU D 390 49.53 -5.68 -18.73
C LEU D 390 50.61 -6.74 -18.82
N HIS D 391 50.36 -7.72 -19.69
CA HIS D 391 51.36 -8.71 -20.05
C HIS D 391 51.40 -8.79 -21.57
N SER D 392 52.60 -8.73 -22.13
CA SER D 392 52.78 -8.71 -23.57
C SER D 392 52.59 -10.10 -24.15
N VAL D 393 52.65 -10.19 -25.48
CA VAL D 393 52.52 -11.43 -26.21
C VAL D 393 53.79 -11.62 -27.04
N PRO D 394 54.37 -12.82 -27.10
CA PRO D 394 55.54 -13.04 -27.96
C PRO D 394 55.20 -12.80 -29.43
N ILE D 395 56.15 -12.22 -30.16
CA ILE D 395 55.89 -11.85 -31.55
C ILE D 395 55.96 -13.06 -32.47
N THR D 396 57.05 -13.81 -32.43
CA THR D 396 57.23 -14.93 -33.35
C THR D 396 56.20 -16.02 -33.11
#